data_9FBD
#
_entry.id   9FBD
#
_cell.length_a   87.202
_cell.length_b   148.289
_cell.length_c   97.442
_cell.angle_alpha   90.00
_cell.angle_beta   111.08
_cell.angle_gamma   90.00
#
_symmetry.space_group_name_H-M   'P 1 21 1'
#
loop_
_entity.id
_entity.type
_entity.pdbx_description
1 polymer '3-hydroxybutyryl-CoA dehydrogenase'
2 non-polymer NICOTINAMIDE-ADENINE-DINUCLEOTIDE
3 water water
#
_entity_poly.entity_id   1
_entity_poly.type   'polypeptide(L)'
_entity_poly.pdbx_seq_one_letter_code
;MEVKRIGVVGAGQMGSGIAQVAASAGYEVVLVDVAESFLERGLAAIRRSLGKFLEKGKITQEAHDEALGRIRTSLSLEDL
KDADLIVEAIVEDEGEKRRLFERLGALAKPEAILASNTSSIPITALARYSGRPERFIGMHFFNPVPLMQLVEVIRGELTS
EATRDVVVEVARRMGKTPLEVQDYPGFISNRLLMPMINEAIEALREGVATKEAIDGIMRLGMNHPMGPLELADFIGLDTC
LAIMEVLHRGFGDDKYRPSPLLRRMVQAGLLGRKAGRGFYTYDEKGNKVG
;
_entity_poly.pdbx_strand_id   A,B,C,D,E,F
#
loop_
_chem_comp.id
_chem_comp.type
_chem_comp.name
_chem_comp.formula
NAD non-polymer NICOTINAMIDE-ADENINE-DINUCLEOTIDE 'C21 H27 N7 O14 P2'
#
# COMPACT_ATOMS: atom_id res chain seq x y z
N GLU A 2 -41.77 0.14 -4.47
CA GLU A 2 -42.03 0.18 -5.94
C GLU A 2 -40.75 -0.25 -6.67
N VAL A 3 -39.60 0.36 -6.40
CA VAL A 3 -38.34 0.05 -7.14
C VAL A 3 -37.67 -1.17 -6.50
N LYS A 4 -37.69 -2.30 -7.19
CA LYS A 4 -37.04 -3.57 -6.74
C LYS A 4 -35.94 -3.96 -7.73
N ARG A 5 -36.17 -3.68 -9.01
CA ARG A 5 -35.36 -4.17 -10.14
C ARG A 5 -34.81 -2.95 -10.89
N ILE A 6 -33.48 -2.86 -11.01
CA ILE A 6 -32.81 -1.74 -11.72
C ILE A 6 -32.05 -2.31 -12.90
N GLY A 7 -32.33 -1.78 -14.09
CA GLY A 7 -31.54 -2.00 -15.31
C GLY A 7 -30.45 -0.96 -15.42
N VAL A 8 -29.25 -1.39 -15.81
CA VAL A 8 -28.13 -0.48 -16.16
C VAL A 8 -27.68 -0.85 -17.56
N VAL A 9 -27.67 0.11 -18.48
CA VAL A 9 -27.18 -0.12 -19.87
C VAL A 9 -25.82 0.56 -20.00
N GLY A 10 -24.80 -0.25 -20.24
CA GLY A 10 -23.40 0.16 -20.36
C GLY A 10 -22.63 -0.32 -19.15
N ALA A 11 -21.73 -1.28 -19.36
CA ALA A 11 -20.89 -1.87 -18.30
C ALA A 11 -19.50 -1.24 -18.37
N GLY A 12 -19.44 0.06 -18.61
CA GLY A 12 -18.19 0.82 -18.67
C GLY A 12 -17.82 1.42 -17.31
N GLN A 13 -16.98 2.46 -17.36
CA GLN A 13 -16.45 3.15 -16.15
C GLN A 13 -17.61 3.54 -15.23
N MET A 14 -18.68 4.11 -15.76
CA MET A 14 -19.78 4.66 -14.92
C MET A 14 -20.84 3.58 -14.67
N GLY A 15 -21.29 2.86 -15.71
CA GLY A 15 -22.36 1.88 -15.59
C GLY A 15 -22.01 0.76 -14.60
N SER A 16 -20.78 0.31 -14.58
CA SER A 16 -20.35 -0.80 -13.68
C SER A 16 -20.38 -0.26 -12.23
N GLY A 17 -20.06 1.00 -12.01
CA GLY A 17 -20.20 1.65 -10.70
C GLY A 17 -21.66 1.81 -10.28
N ILE A 18 -22.51 2.23 -11.21
CA ILE A 18 -23.96 2.41 -10.92
C ILE A 18 -24.54 1.03 -10.54
N ALA A 19 -24.24 -0.02 -11.33
CA ALA A 19 -24.68 -1.40 -11.08
C ALA A 19 -24.25 -1.82 -9.67
N GLN A 20 -22.98 -1.58 -9.33
CA GLN A 20 -22.42 -1.96 -8.01
C GLN A 20 -23.21 -1.29 -6.88
N VAL A 21 -23.39 0.04 -6.95
CA VAL A 21 -24.00 0.79 -5.82
C VAL A 21 -25.49 0.38 -5.72
N ALA A 22 -26.16 0.12 -6.84
CA ALA A 22 -27.56 -0.37 -6.88
C ALA A 22 -27.64 -1.74 -6.16
N ALA A 23 -26.71 -2.65 -6.47
CA ALA A 23 -26.68 -4.02 -5.92
C ALA A 23 -26.37 -3.95 -4.41
N SER A 24 -25.41 -3.13 -4.00
CA SER A 24 -25.01 -2.95 -2.58
C SER A 24 -26.21 -2.38 -1.79
N ALA A 25 -27.11 -1.64 -2.44
CA ALA A 25 -28.27 -0.99 -1.79
C ALA A 25 -29.41 -1.99 -1.61
N GLY A 26 -29.34 -3.16 -2.23
CA GLY A 26 -30.35 -4.24 -2.08
C GLY A 26 -31.23 -4.39 -3.31
N TYR A 27 -31.01 -3.64 -4.38
CA TYR A 27 -31.79 -3.79 -5.64
C TYR A 27 -31.26 -5.00 -6.44
N GLU A 28 -32.17 -5.72 -7.09
CA GLU A 28 -31.84 -6.67 -8.18
C GLU A 28 -31.39 -5.82 -9.37
N VAL A 29 -30.25 -6.16 -9.97
CA VAL A 29 -29.63 -5.42 -11.08
C VAL A 29 -29.48 -6.34 -12.28
N VAL A 30 -29.88 -5.82 -13.45
CA VAL A 30 -29.57 -6.41 -14.78
C VAL A 30 -28.68 -5.40 -15.51
N LEU A 31 -27.43 -5.80 -15.76
CA LEU A 31 -26.41 -4.98 -16.42
C LEU A 31 -26.28 -5.44 -17.88
N VAL A 32 -26.50 -4.55 -18.84
CA VAL A 32 -26.59 -4.86 -20.29
C VAL A 32 -25.44 -4.17 -21.03
N ASP A 33 -24.83 -4.86 -21.98
CA ASP A 33 -23.84 -4.27 -22.90
C ASP A 33 -23.96 -5.00 -24.25
N VAL A 34 -23.04 -4.74 -25.18
CA VAL A 34 -23.14 -5.22 -26.60
C VAL A 34 -22.21 -6.41 -26.86
N ALA A 35 -21.37 -6.80 -25.91
CA ALA A 35 -20.45 -7.96 -26.05
C ALA A 35 -20.10 -8.53 -24.68
N GLU A 36 -19.86 -9.85 -24.62
CA GLU A 36 -19.55 -10.60 -23.37
C GLU A 36 -18.30 -10.02 -22.73
N SER A 37 -17.27 -9.67 -23.52
CA SER A 37 -15.97 -9.16 -23.02
C SER A 37 -16.19 -7.89 -22.19
N PHE A 38 -17.12 -7.02 -22.61
CA PHE A 38 -17.44 -5.73 -21.95
C PHE A 38 -18.14 -6.02 -20.61
N LEU A 39 -19.07 -6.98 -20.59
CA LEU A 39 -19.76 -7.43 -19.34
C LEU A 39 -18.72 -7.98 -18.36
N GLU A 40 -17.79 -8.80 -18.85
CA GLU A 40 -16.70 -9.41 -18.02
C GLU A 40 -15.83 -8.30 -17.44
N ARG A 41 -15.42 -7.33 -18.26
CA ARG A 41 -14.60 -6.18 -17.82
C ARG A 41 -15.37 -5.41 -16.71
N GLY A 42 -16.68 -5.21 -16.90
CA GLY A 42 -17.55 -4.52 -15.94
C GLY A 42 -17.62 -5.27 -14.61
N LEU A 43 -17.93 -6.58 -14.61
CA LEU A 43 -18.01 -7.28 -13.31
C LEU A 43 -16.62 -7.43 -12.68
N ALA A 44 -15.53 -7.45 -13.45
CA ALA A 44 -14.15 -7.41 -12.90
C ALA A 44 -13.96 -6.12 -12.09
N ALA A 45 -14.37 -4.96 -12.64
CA ALA A 45 -14.28 -3.67 -11.93
C ALA A 45 -15.12 -3.71 -10.65
N ILE A 46 -16.33 -4.29 -10.71
CA ILE A 46 -17.23 -4.40 -9.51
C ILE A 46 -16.59 -5.31 -8.44
N ARG A 47 -16.03 -6.44 -8.83
CA ARG A 47 -15.35 -7.37 -7.87
C ARG A 47 -14.14 -6.66 -7.24
N ARG A 48 -13.34 -5.92 -8.00
CA ARG A 48 -12.16 -5.20 -7.48
C ARG A 48 -12.62 -4.19 -6.41
N SER A 49 -13.67 -3.42 -6.71
CA SER A 49 -14.16 -2.35 -5.82
C SER A 49 -14.79 -2.98 -4.56
N LEU A 50 -15.72 -3.91 -4.69
CA LEU A 50 -16.35 -4.62 -3.54
C LEU A 50 -15.25 -5.31 -2.72
N GLY A 51 -14.23 -5.86 -3.38
CA GLY A 51 -13.06 -6.48 -2.72
C GLY A 51 -12.33 -5.49 -1.81
N LYS A 52 -12.11 -4.27 -2.29
CA LYS A 52 -11.48 -3.20 -1.48
C LYS A 52 -12.40 -2.81 -0.31
N PHE A 53 -13.71 -2.70 -0.52
CA PHE A 53 -14.68 -2.35 0.56
C PHE A 53 -14.61 -3.41 1.66
N LEU A 54 -14.54 -4.68 1.27
CA LEU A 54 -14.42 -5.84 2.18
C LEU A 54 -13.10 -5.77 2.98
N GLU A 55 -11.98 -5.60 2.27
CA GLU A 55 -10.63 -5.51 2.88
C GLU A 55 -10.62 -4.39 3.95
N LYS A 56 -11.21 -3.24 3.69
CA LYS A 56 -11.18 -2.05 4.60
C LYS A 56 -12.28 -2.17 5.70
N GLY A 57 -13.08 -3.24 5.73
CA GLY A 57 -14.11 -3.41 6.76
C GLY A 57 -15.31 -2.52 6.53
N LYS A 58 -15.49 -1.93 5.34
CA LYS A 58 -16.71 -1.14 4.98
C LYS A 58 -17.91 -2.08 4.80
N ILE A 59 -17.71 -3.31 4.33
CA ILE A 59 -18.80 -4.33 4.21
C ILE A 59 -18.30 -5.65 4.77
N THR A 60 -19.23 -6.56 5.06
CA THR A 60 -18.99 -7.97 5.51
C THR A 60 -18.83 -8.88 4.28
N GLN A 61 -18.25 -10.07 4.45
CA GLN A 61 -18.21 -11.15 3.41
C GLN A 61 -19.63 -11.39 2.89
N GLU A 62 -20.62 -11.49 3.77
CA GLU A 62 -22.04 -11.76 3.38
C GLU A 62 -22.52 -10.67 2.42
N ALA A 63 -22.42 -9.41 2.82
CA ALA A 63 -22.90 -8.24 2.05
C ALA A 63 -22.17 -8.20 0.70
N HIS A 64 -20.86 -8.45 0.69
CA HIS A 64 -20.01 -8.59 -0.53
C HIS A 64 -20.65 -9.63 -1.46
N ASP A 65 -20.87 -10.84 -0.96
CA ASP A 65 -21.33 -11.99 -1.78
C ASP A 65 -22.79 -11.74 -2.21
N GLU A 66 -23.62 -11.19 -1.33
CA GLU A 66 -25.06 -10.93 -1.63
C GLU A 66 -25.18 -9.85 -2.71
N ALA A 67 -24.34 -8.82 -2.66
CA ALA A 67 -24.32 -7.71 -3.65
C ALA A 67 -24.02 -8.30 -5.03
N LEU A 68 -22.94 -9.09 -5.15
CA LEU A 68 -22.55 -9.77 -6.41
C LEU A 68 -23.69 -10.68 -6.87
N GLY A 69 -24.35 -11.37 -5.93
CA GLY A 69 -25.46 -12.30 -6.21
C GLY A 69 -26.67 -11.56 -6.78
N ARG A 70 -26.79 -10.26 -6.59
CA ARG A 70 -27.95 -9.47 -7.08
C ARG A 70 -27.71 -8.90 -8.48
N ILE A 71 -26.52 -9.09 -9.06
CA ILE A 71 -26.14 -8.59 -10.41
C ILE A 71 -26.20 -9.74 -11.43
N ARG A 72 -27.06 -9.63 -12.44
CA ARG A 72 -27.09 -10.52 -13.62
C ARG A 72 -26.70 -9.70 -14.85
N THR A 73 -25.91 -10.28 -15.75
CA THR A 73 -25.47 -9.62 -17.00
C THR A 73 -26.32 -10.16 -18.15
N SER A 74 -26.40 -9.41 -19.24
CA SER A 74 -27.25 -9.74 -20.42
C SER A 74 -26.77 -8.97 -21.62
N LEU A 75 -26.99 -9.53 -22.80
CA LEU A 75 -26.75 -8.87 -24.11
C LEU A 75 -28.08 -8.43 -24.68
N SER A 76 -29.18 -8.65 -23.95
CA SER A 76 -30.54 -8.46 -24.48
C SER A 76 -31.28 -7.37 -23.67
N LEU A 77 -31.61 -6.28 -24.34
CA LEU A 77 -32.42 -5.16 -23.78
C LEU A 77 -33.77 -5.69 -23.32
N GLU A 78 -34.29 -6.74 -23.98
CA GLU A 78 -35.60 -7.35 -23.65
C GLU A 78 -35.61 -7.80 -22.19
N ASP A 79 -34.43 -8.12 -21.63
CA ASP A 79 -34.35 -8.58 -20.22
C ASP A 79 -34.63 -7.41 -19.25
N LEU A 80 -34.85 -6.19 -19.75
CA LEU A 80 -35.18 -5.01 -18.89
C LEU A 80 -36.70 -4.71 -18.88
N LYS A 81 -37.49 -5.59 -19.52
CA LYS A 81 -38.97 -5.52 -19.67
C LYS A 81 -39.67 -5.27 -18.32
N ASP A 82 -39.13 -5.74 -17.20
CA ASP A 82 -39.81 -5.64 -15.88
C ASP A 82 -38.97 -4.81 -14.90
N ALA A 83 -37.92 -4.11 -15.36
CA ALA A 83 -37.15 -3.16 -14.51
C ALA A 83 -38.07 -1.99 -14.11
N ASP A 84 -37.96 -1.55 -12.86
CA ASP A 84 -38.72 -0.38 -12.31
C ASP A 84 -38.01 0.92 -12.72
N LEU A 85 -36.69 0.85 -12.85
CA LEU A 85 -35.78 1.99 -13.18
C LEU A 85 -34.70 1.45 -14.10
N ILE A 86 -34.48 2.12 -15.23
CA ILE A 86 -33.34 1.79 -16.13
C ILE A 86 -32.47 3.02 -16.24
N VAL A 87 -31.19 2.88 -15.90
CA VAL A 87 -30.19 3.97 -15.98
C VAL A 87 -29.27 3.66 -17.17
N GLU A 88 -29.25 4.56 -18.13
CA GLU A 88 -28.37 4.49 -19.31
C GLU A 88 -27.02 5.15 -18.98
N ALA A 89 -25.94 4.45 -19.27
CA ALA A 89 -24.55 4.92 -19.14
C ALA A 89 -23.74 4.38 -20.32
N ILE A 90 -24.26 4.59 -21.53
CA ILE A 90 -23.56 4.20 -22.78
C ILE A 90 -22.75 5.39 -23.29
N VAL A 91 -22.07 5.18 -24.41
CA VAL A 91 -21.20 6.21 -25.07
C VAL A 91 -21.93 7.55 -25.12
N GLU A 92 -21.19 8.64 -24.92
CA GLU A 92 -21.71 10.04 -24.97
C GLU A 92 -21.93 10.42 -26.44
N ASP A 93 -22.96 9.87 -27.07
CA ASP A 93 -23.31 10.13 -28.50
C ASP A 93 -24.82 10.20 -28.59
N GLU A 94 -25.35 11.35 -29.02
CA GLU A 94 -26.81 11.62 -28.98
C GLU A 94 -27.54 10.59 -29.85
N GLY A 95 -26.99 10.26 -31.01
CA GLY A 95 -27.60 9.28 -31.95
C GLY A 95 -27.74 7.91 -31.30
N GLU A 96 -26.67 7.42 -30.67
CA GLU A 96 -26.66 6.10 -29.97
C GLU A 96 -27.67 6.12 -28.83
N LYS A 97 -27.68 7.19 -28.01
CA LYS A 97 -28.62 7.28 -26.87
C LYS A 97 -30.04 7.35 -27.42
N ARG A 98 -30.24 8.09 -28.51
CA ARG A 98 -31.59 8.21 -29.13
C ARG A 98 -32.09 6.80 -29.50
N ARG A 99 -31.31 6.04 -30.25
CA ARG A 99 -31.72 4.68 -30.71
C ARG A 99 -31.98 3.80 -29.49
N LEU A 100 -31.17 3.90 -28.44
CA LEU A 100 -31.37 3.11 -27.20
C LEU A 100 -32.70 3.49 -26.56
N PHE A 101 -32.98 4.76 -26.40
CA PHE A 101 -34.15 5.24 -25.64
C PHE A 101 -35.44 4.96 -26.42
N GLU A 102 -35.42 5.01 -27.75
CA GLU A 102 -36.59 4.61 -28.57
C GLU A 102 -36.89 3.13 -28.28
N ARG A 103 -35.86 2.28 -28.27
CA ARG A 103 -36.02 0.82 -27.99
C ARG A 103 -36.54 0.63 -26.57
N LEU A 104 -35.93 1.29 -25.57
CA LEU A 104 -36.31 1.12 -24.15
C LEU A 104 -37.74 1.60 -23.91
N GLY A 105 -38.14 2.69 -24.55
CA GLY A 105 -39.51 3.21 -24.45
C GLY A 105 -40.53 2.20 -24.94
N ALA A 106 -40.19 1.48 -26.01
CA ALA A 106 -41.07 0.46 -26.64
C ALA A 106 -41.18 -0.78 -25.75
N LEU A 107 -40.09 -1.26 -25.12
CA LEU A 107 -40.08 -2.58 -24.43
C LEU A 107 -40.29 -2.47 -22.92
N ALA A 108 -39.97 -1.35 -22.27
CA ALA A 108 -40.05 -1.27 -20.78
C ALA A 108 -41.53 -1.23 -20.39
N LYS A 109 -41.87 -1.80 -19.25
CA LYS A 109 -43.27 -1.75 -18.74
C LYS A 109 -43.64 -0.27 -18.54
N PRO A 110 -44.93 0.09 -18.73
CA PRO A 110 -45.36 1.49 -18.70
C PRO A 110 -44.92 2.32 -17.47
N GLU A 111 -44.82 1.72 -16.30
CA GLU A 111 -44.51 2.46 -15.04
C GLU A 111 -42.98 2.64 -14.86
N ALA A 112 -42.18 2.02 -15.71
CA ALA A 112 -40.70 2.07 -15.60
C ALA A 112 -40.24 3.53 -15.86
N ILE A 113 -39.32 4.00 -15.02
CA ILE A 113 -38.61 5.29 -15.19
C ILE A 113 -37.31 5.02 -15.95
N LEU A 114 -37.01 5.86 -16.93
CA LEU A 114 -35.75 5.84 -17.71
C LEU A 114 -34.92 7.06 -17.31
N ALA A 115 -33.64 6.84 -17.08
CA ALA A 115 -32.68 7.86 -16.63
C ALA A 115 -31.43 7.80 -17.50
N SER A 116 -30.81 8.95 -17.72
CA SER A 116 -29.49 9.07 -18.39
C SER A 116 -28.45 9.62 -17.41
N ASN A 117 -27.26 9.06 -17.47
CA ASN A 117 -26.04 9.52 -16.78
C ASN A 117 -25.29 10.55 -17.66
N THR A 118 -25.89 11.04 -18.73
CA THR A 118 -25.17 11.92 -19.70
C THR A 118 -24.49 13.09 -18.98
N SER A 119 -23.29 13.45 -19.43
CA SER A 119 -22.55 14.65 -18.94
C SER A 119 -23.16 15.92 -19.53
N SER A 120 -23.65 15.86 -20.78
CA SER A 120 -23.79 17.08 -21.60
C SER A 120 -25.01 17.08 -22.51
N ILE A 121 -25.61 15.94 -22.85
CA ILE A 121 -26.75 15.89 -23.82
C ILE A 121 -28.02 16.33 -23.10
N PRO A 122 -28.85 17.23 -23.69
CA PRO A 122 -30.04 17.73 -23.01
C PRO A 122 -30.98 16.60 -22.58
N ILE A 123 -31.36 16.62 -21.31
CA ILE A 123 -32.27 15.62 -20.72
C ILE A 123 -33.60 15.69 -21.46
N THR A 124 -34.05 16.90 -21.81
CA THR A 124 -35.37 17.12 -22.43
C THR A 124 -35.42 16.43 -23.80
N ALA A 125 -34.32 16.45 -24.56
CA ALA A 125 -34.22 15.80 -25.88
C ALA A 125 -34.28 14.28 -25.70
N LEU A 126 -33.49 13.73 -24.78
CA LEU A 126 -33.46 12.26 -24.52
C LEU A 126 -34.85 11.81 -24.06
N ALA A 127 -35.53 12.63 -23.25
CA ALA A 127 -36.89 12.39 -22.74
C ALA A 127 -37.85 12.23 -23.93
N ARG A 128 -37.76 13.11 -24.94
CA ARG A 128 -38.60 13.05 -26.15
C ARG A 128 -38.31 11.72 -26.88
N TYR A 129 -37.05 11.34 -27.05
CA TYR A 129 -36.66 10.09 -27.75
C TYR A 129 -37.27 8.87 -27.02
N SER A 130 -37.38 8.94 -25.70
CA SER A 130 -37.88 7.84 -24.84
C SER A 130 -39.36 7.58 -25.09
N GLY A 131 -40.11 8.58 -25.54
CA GLY A 131 -41.58 8.50 -25.67
C GLY A 131 -42.29 8.55 -24.33
N ARG A 132 -41.58 8.64 -23.20
CA ARG A 132 -42.25 8.81 -21.87
C ARG A 132 -41.57 9.91 -21.07
N PRO A 133 -41.63 11.18 -21.56
CA PRO A 133 -40.86 12.26 -20.95
C PRO A 133 -41.17 12.52 -19.47
N GLU A 134 -42.42 12.32 -19.04
CA GLU A 134 -42.82 12.51 -17.61
C GLU A 134 -42.09 11.49 -16.73
N ARG A 135 -41.68 10.36 -17.31
CA ARG A 135 -41.02 9.24 -16.61
C ARG A 135 -39.55 9.16 -17.05
N PHE A 136 -38.99 10.29 -17.43
CA PHE A 136 -37.57 10.43 -17.84
C PHE A 136 -36.90 11.48 -16.94
N ILE A 137 -35.65 11.23 -16.60
CA ILE A 137 -34.89 12.14 -15.72
C ILE A 137 -33.40 11.92 -15.94
N GLY A 138 -32.60 12.95 -15.67
CA GLY A 138 -31.15 12.82 -15.58
C GLY A 138 -30.76 12.31 -14.22
N MET A 139 -29.96 11.26 -14.17
CA MET A 139 -29.38 10.79 -12.91
C MET A 139 -27.88 10.74 -13.12
N HIS A 140 -27.21 11.84 -12.78
CA HIS A 140 -25.80 12.12 -13.14
C HIS A 140 -24.91 11.78 -11.95
N PHE A 141 -24.20 10.67 -12.04
CA PHE A 141 -23.28 10.15 -11.01
C PHE A 141 -21.89 10.75 -11.25
N PHE A 142 -21.00 10.58 -10.27
CA PHE A 142 -19.62 11.14 -10.28
C PHE A 142 -18.63 9.98 -10.18
N ASN A 143 -17.56 10.12 -10.93
CA ASN A 143 -16.50 9.10 -11.14
C ASN A 143 -15.49 9.18 -10.00
N PRO A 144 -15.14 8.09 -9.29
CA PRO A 144 -15.75 6.77 -9.44
C PRO A 144 -17.00 6.59 -8.57
N VAL A 145 -18.01 5.93 -9.13
CA VAL A 145 -19.39 5.95 -8.55
C VAL A 145 -19.37 5.37 -7.13
N PRO A 146 -18.66 4.27 -6.83
CA PRO A 146 -18.69 3.69 -5.48
C PRO A 146 -18.16 4.63 -4.39
N LEU A 147 -17.31 5.59 -4.75
CA LEU A 147 -16.60 6.49 -3.82
C LEU A 147 -17.27 7.86 -3.78
N MET A 148 -18.01 8.30 -4.82
CA MET A 148 -18.49 9.70 -4.88
C MET A 148 -19.94 9.76 -4.40
N GLN A 149 -20.19 10.54 -3.34
CA GLN A 149 -21.49 10.65 -2.64
C GLN A 149 -22.53 11.39 -3.50
N LEU A 150 -22.10 12.24 -4.43
CA LEU A 150 -23.05 13.12 -5.14
C LEU A 150 -23.83 12.35 -6.25
N VAL A 151 -25.13 12.60 -6.35
CA VAL A 151 -25.91 12.43 -7.60
C VAL A 151 -26.54 13.78 -7.95
N GLU A 152 -26.27 14.25 -9.15
CA GLU A 152 -26.92 15.45 -9.72
C GLU A 152 -28.17 14.95 -10.44
N VAL A 153 -29.34 15.32 -9.95
CA VAL A 153 -30.65 14.85 -10.49
C VAL A 153 -31.21 15.95 -11.35
N ILE A 154 -31.40 15.68 -12.63
CA ILE A 154 -31.66 16.72 -13.66
C ILE A 154 -33.07 16.54 -14.20
N ARG A 155 -33.94 17.50 -13.91
CA ARG A 155 -35.33 17.52 -14.41
C ARG A 155 -35.36 18.01 -15.84
N GLY A 156 -35.88 17.19 -16.74
CA GLY A 156 -36.30 17.59 -18.08
C GLY A 156 -37.50 18.52 -17.98
N GLU A 157 -37.81 19.24 -19.05
CA GLU A 157 -39.01 20.13 -19.11
C GLU A 157 -40.24 19.38 -18.57
N LEU A 158 -40.42 18.10 -18.93
CA LEU A 158 -41.69 17.37 -18.64
C LEU A 158 -41.52 16.37 -17.49
N THR A 159 -40.35 16.29 -16.86
CA THR A 159 -40.13 15.29 -15.77
C THR A 159 -41.17 15.53 -14.67
N SER A 160 -41.94 14.51 -14.28
CA SER A 160 -42.98 14.62 -13.22
C SER A 160 -42.31 14.71 -11.84
N GLU A 161 -43.01 15.30 -10.88
CA GLU A 161 -42.72 15.26 -9.43
C GLU A 161 -42.50 13.81 -8.95
N ALA A 162 -43.38 12.91 -9.34
CA ALA A 162 -43.35 11.49 -8.94
C ALA A 162 -42.02 10.85 -9.41
N THR A 163 -41.61 11.13 -10.66
CA THR A 163 -40.37 10.57 -11.23
C THR A 163 -39.19 11.05 -10.40
N ARG A 164 -39.17 12.36 -10.08
CA ARG A 164 -38.09 12.97 -9.26
C ARG A 164 -38.06 12.28 -7.89
N ASP A 165 -39.22 12.13 -7.24
CA ASP A 165 -39.32 11.52 -5.88
C ASP A 165 -38.71 10.11 -5.88
N VAL A 166 -39.03 9.30 -6.89
CA VAL A 166 -38.57 7.89 -6.97
C VAL A 166 -37.04 7.88 -7.09
N VAL A 167 -36.48 8.71 -7.98
CA VAL A 167 -35.03 8.68 -8.29
C VAL A 167 -34.26 9.27 -7.11
N VAL A 168 -34.79 10.31 -6.46
CA VAL A 168 -34.16 10.90 -5.24
C VAL A 168 -34.07 9.81 -4.15
N GLU A 169 -35.12 9.00 -3.98
CA GLU A 169 -35.16 7.92 -2.95
C GLU A 169 -34.15 6.83 -3.34
N VAL A 170 -34.06 6.45 -4.62
CA VAL A 170 -33.07 5.43 -5.04
C VAL A 170 -31.66 5.92 -4.69
N ALA A 171 -31.35 7.19 -4.99
CA ALA A 171 -30.03 7.76 -4.71
C ALA A 171 -29.72 7.67 -3.19
N ARG A 172 -30.70 8.03 -2.38
CA ARG A 172 -30.57 7.94 -0.90
C ARG A 172 -30.32 6.49 -0.46
N ARG A 173 -31.05 5.53 -1.02
CA ARG A 173 -30.84 4.09 -0.66
C ARG A 173 -29.45 3.64 -1.11
N MET A 174 -28.90 4.27 -2.17
CA MET A 174 -27.53 3.96 -2.64
C MET A 174 -26.48 4.61 -1.73
N GLY A 175 -26.88 5.34 -0.68
CA GLY A 175 -25.95 6.05 0.23
C GLY A 175 -25.45 7.36 -0.39
N LYS A 176 -26.16 7.91 -1.35
CA LYS A 176 -25.73 9.12 -2.09
C LYS A 176 -26.54 10.32 -1.60
N THR A 177 -26.05 11.53 -1.88
CA THR A 177 -26.76 12.79 -1.68
C THR A 177 -27.23 13.30 -3.04
N PRO A 178 -28.54 13.17 -3.33
CA PRO A 178 -29.10 13.69 -4.56
C PRO A 178 -29.37 15.20 -4.45
N LEU A 179 -28.87 15.97 -5.40
CA LEU A 179 -29.10 17.44 -5.46
C LEU A 179 -29.69 17.76 -6.83
N GLU A 180 -30.79 18.47 -6.82
CA GLU A 180 -31.68 18.66 -7.97
C GLU A 180 -31.29 19.94 -8.74
N VAL A 181 -31.36 19.85 -10.06
CA VAL A 181 -30.92 20.92 -10.99
C VAL A 181 -31.86 20.86 -12.20
N GLN A 182 -32.00 21.98 -12.87
CA GLN A 182 -32.80 22.09 -14.11
C GLN A 182 -31.93 21.69 -15.29
N ASP A 183 -32.58 21.19 -16.34
CA ASP A 183 -31.96 20.80 -17.63
C ASP A 183 -31.61 22.06 -18.44
N TYR A 184 -30.43 22.60 -18.22
CA TYR A 184 -29.80 23.70 -18.99
C TYR A 184 -28.34 23.31 -19.19
N PRO A 185 -27.68 23.86 -20.20
CA PRO A 185 -26.34 23.41 -20.59
C PRO A 185 -25.36 23.42 -19.40
N GLY A 186 -24.67 22.29 -19.23
CA GLY A 186 -23.67 22.11 -18.16
C GLY A 186 -24.30 21.81 -16.80
N PHE A 187 -25.63 21.78 -16.72
CA PHE A 187 -26.36 21.54 -15.45
C PHE A 187 -25.79 22.53 -14.41
N ILE A 188 -25.34 22.06 -13.25
CA ILE A 188 -24.49 22.89 -12.34
C ILE A 188 -23.04 22.44 -12.45
N SER A 189 -22.77 21.15 -12.28
CA SER A 189 -21.39 20.61 -12.12
C SER A 189 -20.48 21.14 -13.23
N ASN A 190 -20.83 20.90 -14.49
CA ASN A 190 -19.93 21.21 -15.64
C ASN A 190 -19.98 22.70 -15.97
N ARG A 191 -21.13 23.34 -15.79
CA ARG A 191 -21.29 24.77 -16.01
C ARG A 191 -20.35 25.56 -15.10
N LEU A 192 -20.12 25.10 -13.87
CA LEU A 192 -19.29 25.84 -12.88
C LEU A 192 -17.82 25.44 -13.06
N LEU A 193 -17.57 24.14 -13.22
CA LEU A 193 -16.17 23.65 -13.24
C LEU A 193 -15.47 24.03 -14.57
N MET A 194 -16.11 23.76 -15.70
CA MET A 194 -15.32 23.68 -16.96
C MET A 194 -14.87 25.08 -17.40
N PRO A 195 -15.69 26.16 -17.27
CA PRO A 195 -15.21 27.50 -17.65
C PRO A 195 -13.98 27.99 -16.87
N MET A 196 -13.84 27.56 -15.61
CA MET A 196 -12.64 27.89 -14.81
C MET A 196 -11.42 27.13 -15.36
N ILE A 197 -11.57 25.85 -15.72
CA ILE A 197 -10.47 25.09 -16.37
C ILE A 197 -10.10 25.79 -17.69
N ASN A 198 -11.10 26.14 -18.48
CA ASN A 198 -10.92 26.83 -19.77
C ASN A 198 -10.16 28.16 -19.56
N GLU A 199 -10.49 28.89 -18.50
CA GLU A 199 -9.83 30.18 -18.16
C GLU A 199 -8.36 29.93 -17.80
N ALA A 200 -8.07 28.86 -17.07
CA ALA A 200 -6.67 28.52 -16.74
C ALA A 200 -5.89 28.27 -18.04
N ILE A 201 -6.52 27.58 -19.00
CA ILE A 201 -5.87 27.26 -20.29
C ILE A 201 -5.61 28.58 -21.05
N GLU A 202 -6.57 29.51 -21.03
CA GLU A 202 -6.40 30.84 -21.70
C GLU A 202 -5.27 31.62 -21.00
N ALA A 203 -5.23 31.66 -19.67
CA ALA A 203 -4.15 32.35 -18.94
C ALA A 203 -2.82 31.73 -19.34
N LEU A 204 -2.75 30.42 -19.45
CA LEU A 204 -1.49 29.72 -19.88
C LEU A 204 -1.15 30.19 -21.32
N ARG A 205 -2.11 30.19 -22.23
CA ARG A 205 -1.84 30.60 -23.64
C ARG A 205 -1.33 32.03 -23.68
N GLU A 206 -1.88 32.92 -22.86
CA GLU A 206 -1.53 34.36 -22.83
C GLU A 206 -0.18 34.58 -22.14
N GLY A 207 0.46 33.55 -21.60
CA GLY A 207 1.74 33.68 -20.87
C GLY A 207 1.59 34.35 -19.51
N VAL A 208 0.42 34.32 -18.88
CA VAL A 208 0.22 35.02 -17.58
C VAL A 208 1.05 34.31 -16.51
N ALA A 209 1.17 32.99 -16.58
CA ALA A 209 1.97 32.19 -15.64
C ALA A 209 2.24 30.82 -16.25
N THR A 210 3.18 30.07 -15.70
CA THR A 210 3.45 28.66 -16.07
C THR A 210 2.32 27.77 -15.56
N LYS A 211 2.24 26.56 -16.08
CA LYS A 211 1.24 25.55 -15.65
C LYS A 211 1.45 25.27 -14.15
N GLU A 212 2.68 25.18 -13.68
CA GLU A 212 3.00 24.87 -12.26
C GLU A 212 2.50 26.01 -11.38
N ALA A 213 2.71 27.26 -11.79
CA ALA A 213 2.30 28.44 -11.00
C ALA A 213 0.77 28.46 -10.94
N ILE A 214 0.11 28.20 -12.07
CA ILE A 214 -1.37 28.24 -12.15
C ILE A 214 -1.93 27.13 -11.24
N ASP A 215 -1.44 25.91 -11.36
CA ASP A 215 -2.00 24.78 -10.55
C ASP A 215 -1.66 25.00 -9.06
N GLY A 216 -0.46 25.47 -8.76
CA GLY A 216 -0.02 25.73 -7.38
C GLY A 216 -0.85 26.82 -6.72
N ILE A 217 -1.17 27.87 -7.47
CA ILE A 217 -1.99 28.99 -6.95
C ILE A 217 -3.36 28.44 -6.58
N MET A 218 -3.96 27.60 -7.42
CA MET A 218 -5.34 27.10 -7.13
C MET A 218 -5.29 26.07 -5.99
N ARG A 219 -4.26 25.24 -5.92
CA ARG A 219 -4.12 24.24 -4.81
C ARG A 219 -3.91 24.97 -3.49
N LEU A 220 -2.88 25.81 -3.41
CA LEU A 220 -2.44 26.44 -2.14
C LEU A 220 -3.36 27.60 -1.78
N GLY A 221 -3.81 28.39 -2.75
CA GLY A 221 -4.59 29.60 -2.46
C GLY A 221 -6.04 29.28 -2.22
N MET A 222 -6.61 28.40 -3.02
CA MET A 222 -8.07 28.15 -3.05
C MET A 222 -8.38 26.77 -2.43
N ASN A 223 -7.35 26.01 -2.02
CA ASN A 223 -7.53 24.66 -1.43
C ASN A 223 -8.30 23.72 -2.38
N HIS A 224 -8.10 23.84 -3.69
CA HIS A 224 -8.57 22.82 -4.66
C HIS A 224 -7.61 21.65 -4.56
N PRO A 225 -8.09 20.39 -4.50
CA PRO A 225 -7.21 19.23 -4.40
C PRO A 225 -6.30 19.10 -5.63
N MET A 226 -6.85 19.42 -6.81
CA MET A 226 -6.07 19.46 -8.07
C MET A 226 -6.21 20.85 -8.70
N GLY A 227 -5.11 21.40 -9.21
CA GLY A 227 -5.15 22.60 -10.05
C GLY A 227 -5.89 22.31 -11.35
N PRO A 228 -6.40 23.37 -12.04
CA PRO A 228 -7.25 23.17 -13.22
C PRO A 228 -6.55 22.50 -14.41
N LEU A 229 -5.25 22.68 -14.59
CA LEU A 229 -4.55 22.12 -15.77
C LEU A 229 -4.32 20.62 -15.56
N GLU A 230 -3.83 20.21 -14.38
CA GLU A 230 -3.69 18.77 -14.06
C GLU A 230 -5.07 18.14 -14.03
N LEU A 231 -6.09 18.85 -13.57
CA LEU A 231 -7.47 18.31 -13.59
C LEU A 231 -7.94 18.12 -15.03
N ALA A 232 -7.68 19.07 -15.93
CA ALA A 232 -8.06 18.93 -17.35
C ALA A 232 -7.42 17.64 -17.91
N ASP A 233 -6.14 17.41 -17.63
CA ASP A 233 -5.40 16.21 -18.06
C ASP A 233 -6.10 14.95 -17.55
N PHE A 234 -6.63 15.00 -16.33
CA PHE A 234 -7.28 13.85 -15.65
C PHE A 234 -8.61 13.57 -16.33
N ILE A 235 -9.39 14.62 -16.59
CA ILE A 235 -10.72 14.50 -17.23
C ILE A 235 -10.54 14.01 -18.68
N GLY A 236 -9.47 14.45 -19.35
CA GLY A 236 -9.31 14.35 -20.82
C GLY A 236 -9.62 15.68 -21.50
N LEU A 237 -8.69 16.21 -22.30
CA LEU A 237 -8.84 17.53 -22.98
C LEU A 237 -9.94 17.44 -24.04
N ASP A 238 -10.15 16.27 -24.63
CA ASP A 238 -11.26 16.05 -25.59
C ASP A 238 -12.59 16.23 -24.85
N THR A 239 -12.73 15.67 -23.64
CA THR A 239 -13.97 15.84 -22.83
C THR A 239 -14.14 17.31 -22.44
N CYS A 240 -13.07 17.97 -22.01
CA CYS A 240 -13.09 19.41 -21.63
C CYS A 240 -13.59 20.24 -22.82
N LEU A 241 -13.03 19.99 -24.00
CA LEU A 241 -13.44 20.74 -25.22
C LEU A 241 -14.91 20.48 -25.52
N ALA A 242 -15.36 19.23 -25.46
CA ALA A 242 -16.76 18.87 -25.80
C ALA A 242 -17.70 19.60 -24.84
N ILE A 243 -17.35 19.68 -23.56
CA ILE A 243 -18.24 20.34 -22.57
C ILE A 243 -18.25 21.85 -22.84
N MET A 244 -17.11 22.45 -23.12
CA MET A 244 -17.07 23.91 -23.45
C MET A 244 -17.92 24.15 -24.71
N GLU A 245 -17.87 23.26 -25.70
CA GLU A 245 -18.68 23.42 -26.94
C GLU A 245 -20.17 23.37 -26.58
N VAL A 246 -20.58 22.48 -25.68
CA VAL A 246 -22.00 22.39 -25.25
C VAL A 246 -22.42 23.70 -24.59
N LEU A 247 -21.59 24.27 -23.72
CA LEU A 247 -21.90 25.57 -23.08
C LEU A 247 -21.99 26.64 -24.17
N HIS A 248 -21.04 26.68 -25.08
CA HIS A 248 -20.95 27.73 -26.13
C HIS A 248 -22.19 27.63 -27.03
N ARG A 249 -22.53 26.44 -27.49
CA ARG A 249 -23.64 26.23 -28.46
C ARG A 249 -25.00 26.33 -27.75
N GLY A 250 -25.08 25.82 -26.53
CA GLY A 250 -26.34 25.77 -25.76
C GLY A 250 -26.75 27.14 -25.25
N PHE A 251 -25.82 27.92 -24.66
CA PHE A 251 -26.14 29.31 -24.24
C PHE A 251 -26.11 30.21 -25.47
N GLY A 252 -25.38 29.83 -26.51
CA GLY A 252 -25.18 30.64 -27.73
C GLY A 252 -24.36 31.89 -27.45
N ASP A 253 -23.56 31.85 -26.41
CA ASP A 253 -22.88 33.04 -25.83
C ASP A 253 -21.36 32.79 -25.87
N ASP A 254 -20.64 33.65 -26.59
CA ASP A 254 -19.16 33.77 -26.71
C ASP A 254 -18.45 33.71 -25.36
N LYS A 255 -19.14 34.16 -24.31
CA LYS A 255 -18.66 34.01 -22.91
C LYS A 255 -18.04 32.62 -22.73
N TYR A 256 -18.63 31.58 -23.34
CA TYR A 256 -18.26 30.16 -23.10
C TYR A 256 -17.36 29.62 -24.22
N ARG A 257 -16.72 30.49 -24.99
CA ARG A 257 -15.89 30.02 -26.13
C ARG A 257 -14.71 29.21 -25.59
N PRO A 258 -14.44 28.03 -26.18
CA PRO A 258 -13.26 27.25 -25.83
C PRO A 258 -11.96 28.02 -26.09
N SER A 259 -10.98 27.86 -25.21
CA SER A 259 -9.62 28.39 -25.46
C SER A 259 -9.10 27.85 -26.78
N PRO A 260 -8.56 28.70 -27.66
CA PRO A 260 -7.83 28.21 -28.84
C PRO A 260 -6.70 27.23 -28.49
N LEU A 261 -6.07 27.36 -27.33
CA LEU A 261 -5.01 26.38 -26.93
C LEU A 261 -5.66 25.03 -26.61
N LEU A 262 -6.85 25.01 -26.02
CA LEU A 262 -7.57 23.75 -25.79
C LEU A 262 -7.85 23.10 -27.15
N ARG A 263 -8.34 23.86 -28.14
CA ARG A 263 -8.63 23.30 -29.48
C ARG A 263 -7.34 22.70 -30.06
N ARG A 264 -6.23 23.43 -29.97
CA ARG A 264 -4.94 23.05 -30.58
C ARG A 264 -4.43 21.75 -29.93
N MET A 265 -4.52 21.64 -28.61
CA MET A 265 -4.04 20.45 -27.86
C MET A 265 -4.81 19.23 -28.36
N VAL A 266 -6.13 19.38 -28.51
CA VAL A 266 -7.00 18.27 -28.96
C VAL A 266 -6.66 17.91 -30.42
N GLN A 267 -6.42 18.91 -31.28
CA GLN A 267 -5.99 18.67 -32.70
C GLN A 267 -4.68 17.85 -32.72
N ALA A 268 -3.80 18.09 -31.76
CA ALA A 268 -2.48 17.42 -31.66
C ALA A 268 -2.61 16.03 -31.05
N GLY A 269 -3.76 15.67 -30.48
CA GLY A 269 -3.98 14.40 -29.75
C GLY A 269 -3.34 14.41 -28.38
N LEU A 270 -2.98 15.57 -27.85
CA LEU A 270 -2.42 15.71 -26.47
C LEU A 270 -3.59 15.73 -25.49
N LEU A 271 -4.23 14.59 -25.24
CA LEU A 271 -5.57 14.54 -24.60
C LEU A 271 -5.45 14.42 -23.08
N GLY A 272 -4.25 14.34 -22.53
CA GLY A 272 -4.05 14.24 -21.07
C GLY A 272 -3.56 12.86 -20.64
N ARG A 273 -3.91 12.42 -19.44
CA ARG A 273 -3.41 11.17 -18.80
C ARG A 273 -3.62 10.00 -19.76
N LYS A 274 -4.81 9.87 -20.31
CA LYS A 274 -5.19 8.73 -21.18
C LYS A 274 -4.34 8.69 -22.46
N ALA A 275 -3.69 9.77 -22.88
CA ALA A 275 -2.84 9.77 -24.09
C ALA A 275 -1.37 9.80 -23.69
N GLY A 276 -1.08 9.82 -22.39
CA GLY A 276 0.30 9.94 -21.88
C GLY A 276 0.81 11.36 -21.86
N ARG A 277 0.05 12.33 -22.36
CA ARG A 277 0.50 13.76 -22.39
C ARG A 277 -0.68 14.70 -22.65
N GLY A 278 -0.79 15.74 -21.82
CA GLY A 278 -1.66 16.90 -22.06
C GLY A 278 -0.85 18.13 -21.74
N PHE A 279 -1.23 18.87 -20.69
CA PHE A 279 -0.41 19.98 -20.15
C PHE A 279 0.86 19.41 -19.53
N TYR A 280 0.72 18.26 -18.85
CA TYR A 280 1.86 17.53 -18.24
C TYR A 280 2.12 16.24 -19.03
N THR A 281 3.27 15.59 -18.81
CA THR A 281 3.58 14.27 -19.40
C THR A 281 3.46 13.20 -18.30
N TYR A 282 2.88 12.04 -18.64
CA TYR A 282 2.55 10.94 -17.70
C TYR A 282 3.28 9.66 -18.13
N ASP A 283 3.69 8.85 -17.15
CA ASP A 283 4.21 7.47 -17.36
C ASP A 283 3.01 6.53 -17.52
N GLU A 284 3.26 5.22 -17.68
CA GLU A 284 2.23 4.19 -17.94
C GLU A 284 1.27 4.07 -16.74
N LYS A 285 1.70 4.44 -15.53
CA LYS A 285 0.87 4.36 -14.29
C LYS A 285 0.00 5.63 -14.13
N GLY A 286 0.24 6.67 -14.96
CA GLY A 286 -0.50 7.94 -14.89
C GLY A 286 0.06 8.91 -13.87
N ASN A 287 1.33 8.79 -13.51
CA ASN A 287 2.05 9.79 -12.66
C ASN A 287 2.82 10.73 -13.58
N LYS A 288 2.95 12.00 -13.19
CA LYS A 288 3.70 13.04 -13.94
C LYS A 288 5.17 12.61 -14.02
N VAL A 289 5.89 12.97 -15.09
CA VAL A 289 7.38 12.89 -15.13
C VAL A 289 7.92 14.25 -15.58
N GLY A 290 8.90 14.78 -14.83
CA GLY A 290 9.41 16.15 -14.99
C GLY A 290 10.52 16.21 -16.02
N GLU B 2 -1.38 -42.48 1.38
CA GLU B 2 -0.43 -42.06 0.34
C GLU B 2 -0.89 -40.73 -0.26
N VAL B 3 -2.15 -40.61 -0.72
CA VAL B 3 -2.69 -39.30 -1.19
C VAL B 3 -3.23 -38.52 0.01
N LYS B 4 -2.54 -37.44 0.38
CA LYS B 4 -2.94 -36.53 1.48
C LYS B 4 -3.23 -35.13 0.92
N ARG B 5 -2.48 -34.74 -0.10
CA ARG B 5 -2.46 -33.36 -0.65
C ARG B 5 -2.91 -33.41 -2.11
N ILE B 6 -3.96 -32.67 -2.44
CA ILE B 6 -4.49 -32.61 -3.83
C ILE B 6 -4.38 -31.17 -4.32
N GLY B 7 -3.72 -31.00 -5.47
CA GLY B 7 -3.70 -29.75 -6.24
C GLY B 7 -4.83 -29.73 -7.26
N VAL B 8 -5.49 -28.60 -7.39
CA VAL B 8 -6.49 -28.37 -8.46
C VAL B 8 -6.08 -27.11 -9.23
N VAL B 9 -5.92 -27.22 -10.54
CA VAL B 9 -5.56 -26.05 -11.41
C VAL B 9 -6.80 -25.63 -12.18
N GLY B 10 -7.26 -24.41 -11.93
CA GLY B 10 -8.50 -23.85 -12.48
C GLY B 10 -9.57 -23.77 -11.43
N ALA B 11 -9.96 -22.56 -11.03
CA ALA B 11 -10.99 -22.31 -10.00
C ALA B 11 -12.29 -21.90 -10.70
N GLY B 12 -12.57 -22.54 -11.84
CA GLY B 12 -13.79 -22.30 -12.62
C GLY B 12 -14.93 -23.21 -12.18
N GLN B 13 -15.91 -23.39 -13.08
CA GLN B 13 -17.13 -24.20 -12.87
C GLN B 13 -16.73 -25.59 -12.33
N MET B 14 -15.74 -26.24 -12.94
CA MET B 14 -15.40 -27.64 -12.61
C MET B 14 -14.35 -27.68 -11.49
N GLY B 15 -13.27 -26.91 -11.61
CA GLY B 15 -12.16 -26.94 -10.66
C GLY B 15 -12.61 -26.58 -9.24
N SER B 16 -13.52 -25.62 -9.09
CA SER B 16 -13.99 -25.20 -7.75
C SER B 16 -14.83 -26.35 -7.15
N GLY B 17 -15.58 -27.09 -7.97
CA GLY B 17 -16.29 -28.31 -7.54
C GLY B 17 -15.35 -29.43 -7.14
N ILE B 18 -14.31 -29.66 -7.93
CA ILE B 18 -13.32 -30.73 -7.64
C ILE B 18 -12.63 -30.39 -6.30
N ALA B 19 -12.19 -29.14 -6.13
CA ALA B 19 -11.55 -28.65 -4.89
C ALA B 19 -12.50 -28.92 -3.71
N GLN B 20 -13.77 -28.56 -3.85
CA GLN B 20 -14.77 -28.74 -2.77
C GLN B 20 -14.89 -30.21 -2.37
N VAL B 21 -15.08 -31.11 -3.34
CA VAL B 21 -15.34 -32.55 -3.00
C VAL B 21 -14.06 -33.16 -2.42
N ALA B 22 -12.88 -32.73 -2.88
CA ALA B 22 -11.58 -33.18 -2.33
C ALA B 22 -11.46 -32.75 -0.86
N ALA B 23 -11.81 -31.50 -0.56
CA ALA B 23 -11.73 -30.91 0.80
C ALA B 23 -12.73 -31.62 1.72
N SER B 24 -13.96 -31.83 1.25
CA SER B 24 -15.03 -32.51 2.03
C SER B 24 -14.63 -33.96 2.33
N ALA B 25 -13.77 -34.56 1.50
CA ALA B 25 -13.34 -35.97 1.63
C ALA B 25 -12.20 -36.08 2.64
N GLY B 26 -11.61 -34.96 3.07
CA GLY B 26 -10.56 -34.94 4.10
C GLY B 26 -9.18 -34.65 3.52
N TYR B 27 -9.04 -34.41 2.21
CA TYR B 27 -7.74 -34.08 1.60
C TYR B 27 -7.41 -32.60 1.85
N GLU B 28 -6.13 -32.30 2.03
CA GLU B 28 -5.58 -30.93 1.96
C GLU B 28 -5.61 -30.52 0.48
N VAL B 29 -6.15 -29.34 0.19
CA VAL B 29 -6.33 -28.86 -1.20
C VAL B 29 -5.57 -27.54 -1.38
N VAL B 30 -4.82 -27.44 -2.47
CA VAL B 30 -4.30 -26.16 -3.01
C VAL B 30 -4.97 -25.91 -4.37
N LEU B 31 -5.77 -24.85 -4.45
CA LEU B 31 -6.53 -24.44 -5.66
C LEU B 31 -5.79 -23.26 -6.30
N VAL B 32 -5.37 -23.41 -7.57
CA VAL B 32 -4.51 -22.43 -8.29
C VAL B 32 -5.28 -21.84 -9.47
N ASP B 33 -5.12 -20.55 -9.71
CA ASP B 33 -5.64 -19.89 -10.93
C ASP B 33 -4.68 -18.73 -11.27
N VAL B 34 -5.04 -17.89 -12.23
CA VAL B 34 -4.10 -16.90 -12.86
C VAL B 34 -4.37 -15.49 -12.31
N ALA B 35 -5.43 -15.28 -11.52
CA ALA B 35 -5.78 -13.98 -10.93
C ALA B 35 -6.59 -14.20 -9.66
N GLU B 36 -6.45 -13.27 -8.70
CA GLU B 36 -7.03 -13.36 -7.34
C GLU B 36 -8.56 -13.38 -7.48
N SER B 37 -9.12 -12.59 -8.41
CA SER B 37 -10.58 -12.45 -8.64
C SER B 37 -11.20 -13.82 -8.96
N PHE B 38 -10.51 -14.64 -9.74
CA PHE B 38 -10.97 -15.98 -10.18
C PHE B 38 -10.96 -16.93 -8.98
N LEU B 39 -9.93 -16.89 -8.14
CA LEU B 39 -9.84 -17.67 -6.90
C LEU B 39 -10.98 -17.30 -5.96
N GLU B 40 -11.23 -15.99 -5.81
CA GLU B 40 -12.33 -15.46 -4.93
C GLU B 40 -13.68 -15.96 -5.44
N ARG B 41 -13.91 -15.87 -6.75
CA ARG B 41 -15.17 -16.35 -7.40
C ARG B 41 -15.31 -17.86 -7.12
N GLY B 42 -14.23 -18.62 -7.24
CA GLY B 42 -14.19 -20.09 -6.98
C GLY B 42 -14.53 -20.39 -5.53
N LEU B 43 -13.88 -19.76 -4.54
CA LEU B 43 -14.21 -20.12 -3.13
C LEU B 43 -15.62 -19.60 -2.78
N ALA B 44 -16.12 -18.53 -3.42
CA ALA B 44 -17.52 -18.08 -3.25
C ALA B 44 -18.47 -19.22 -3.69
N ALA B 45 -18.22 -19.85 -4.83
CA ALA B 45 -19.02 -21.00 -5.32
C ALA B 45 -18.95 -22.15 -4.31
N ILE B 46 -17.77 -22.43 -3.74
CA ILE B 46 -17.59 -23.50 -2.72
C ILE B 46 -18.39 -23.18 -1.44
N ARG B 47 -18.33 -21.94 -0.95
CA ARG B 47 -19.10 -21.50 0.23
C ARG B 47 -20.61 -21.63 -0.03
N ARG B 48 -21.08 -21.23 -1.21
CA ARG B 48 -22.53 -21.31 -1.57
C ARG B 48 -22.96 -22.78 -1.54
N SER B 49 -22.17 -23.68 -2.12
CA SER B 49 -22.52 -25.12 -2.25
C SER B 49 -22.48 -25.76 -0.85
N LEU B 50 -21.38 -25.63 -0.11
CA LEU B 50 -21.24 -26.17 1.26
C LEU B 50 -22.34 -25.57 2.15
N GLY B 51 -22.69 -24.31 1.95
CA GLY B 51 -23.79 -23.62 2.66
C GLY B 51 -25.12 -24.32 2.44
N LYS B 52 -25.42 -24.70 1.20
CA LYS B 52 -26.65 -25.45 0.87
C LYS B 52 -26.60 -26.85 1.53
N PHE B 53 -25.46 -27.53 1.49
CA PHE B 53 -25.31 -28.88 2.11
C PHE B 53 -25.60 -28.78 3.61
N LEU B 54 -25.09 -27.73 4.26
CA LEU B 54 -25.28 -27.45 5.71
C LEU B 54 -26.77 -27.20 5.98
N GLU B 55 -27.37 -26.26 5.24
CA GLU B 55 -28.79 -25.88 5.38
C GLU B 55 -29.68 -27.14 5.29
N LYS B 56 -29.43 -28.06 4.35
CA LYS B 56 -30.33 -29.22 4.14
C LYS B 56 -29.87 -30.42 4.99
N GLY B 57 -28.95 -30.24 5.92
CA GLY B 57 -28.60 -31.30 6.89
C GLY B 57 -27.74 -32.40 6.29
N LYS B 58 -27.15 -32.19 5.10
CA LYS B 58 -26.23 -33.16 4.47
C LYS B 58 -24.88 -33.17 5.19
N ILE B 59 -24.45 -32.04 5.77
CA ILE B 59 -23.20 -31.96 6.58
C ILE B 59 -23.49 -31.16 7.85
N THR B 60 -22.60 -31.26 8.84
CA THR B 60 -22.61 -30.50 10.13
C THR B 60 -21.85 -29.19 9.96
N GLN B 61 -22.05 -28.23 10.88
CA GLN B 61 -21.26 -26.97 10.96
C GLN B 61 -19.76 -27.31 10.98
N GLU B 62 -19.37 -28.32 11.78
CA GLU B 62 -17.94 -28.73 11.93
C GLU B 62 -17.38 -29.10 10.56
N ALA B 63 -18.04 -30.06 9.88
CA ALA B 63 -17.60 -30.62 8.58
C ALA B 63 -17.51 -29.48 7.55
N HIS B 64 -18.53 -28.60 7.52
CA HIS B 64 -18.56 -27.36 6.70
C HIS B 64 -17.28 -26.56 6.93
N ASP B 65 -16.99 -26.20 8.18
CA ASP B 65 -15.87 -25.30 8.52
C ASP B 65 -14.55 -26.01 8.27
N GLU B 66 -14.45 -27.29 8.60
CA GLU B 66 -13.21 -28.09 8.43
C GLU B 66 -12.88 -28.23 6.93
N ALA B 67 -13.89 -28.43 6.08
CA ALA B 67 -13.72 -28.56 4.60
C ALA B 67 -13.12 -27.25 4.07
N LEU B 68 -13.71 -26.11 4.40
CA LEU B 68 -13.19 -24.76 4.00
C LEU B 68 -11.77 -24.57 4.53
N GLY B 69 -11.52 -25.04 5.76
CA GLY B 69 -10.20 -24.95 6.43
C GLY B 69 -9.14 -25.73 5.70
N ARG B 70 -9.51 -26.73 4.90
CA ARG B 70 -8.51 -27.58 4.19
C ARG B 70 -8.17 -27.02 2.78
N ILE B 71 -8.81 -25.93 2.36
CA ILE B 71 -8.59 -25.30 1.02
C ILE B 71 -7.70 -24.05 1.17
N ARG B 72 -6.54 -24.05 0.54
CA ARG B 72 -5.69 -22.84 0.33
C ARG B 72 -5.75 -22.49 -1.16
N THR B 73 -5.94 -21.20 -1.47
CA THR B 73 -5.84 -20.67 -2.85
C THR B 73 -4.44 -20.08 -3.05
N SER B 74 -3.97 -20.06 -4.28
CA SER B 74 -2.60 -19.59 -4.61
C SER B 74 -2.53 -19.17 -6.08
N LEU B 75 -1.63 -18.22 -6.37
CA LEU B 75 -1.35 -17.78 -7.74
C LEU B 75 -0.05 -18.42 -8.19
N SER B 76 0.55 -19.27 -7.35
CA SER B 76 1.85 -19.92 -7.66
C SER B 76 1.69 -21.43 -7.83
N LEU B 77 1.95 -21.93 -9.05
CA LEU B 77 1.91 -23.36 -9.39
C LEU B 77 2.94 -24.10 -8.54
N GLU B 78 4.04 -23.42 -8.17
CA GLU B 78 5.13 -24.06 -7.37
C GLU B 78 4.53 -24.52 -6.02
N ASP B 79 3.42 -23.96 -5.57
CA ASP B 79 2.76 -24.42 -4.31
C ASP B 79 2.16 -25.83 -4.49
N LEU B 80 2.25 -26.46 -5.68
CA LEU B 80 1.78 -27.85 -5.93
C LEU B 80 2.94 -28.85 -5.95
N LYS B 81 4.16 -28.37 -5.68
CA LYS B 81 5.45 -29.12 -5.61
C LYS B 81 5.32 -30.43 -4.81
N ASP B 82 4.49 -30.47 -3.77
CA ASP B 82 4.42 -31.65 -2.87
C ASP B 82 3.00 -32.26 -2.89
N ALA B 83 2.13 -31.87 -3.83
CA ALA B 83 0.83 -32.54 -4.05
C ALA B 83 1.06 -34.00 -4.48
N ASP B 84 0.24 -34.92 -3.97
CA ASP B 84 0.27 -36.36 -4.34
C ASP B 84 -0.48 -36.56 -5.66
N LEU B 85 -1.52 -35.75 -5.88
CA LEU B 85 -2.42 -35.78 -7.06
C LEU B 85 -2.72 -34.35 -7.46
N ILE B 86 -2.54 -34.03 -8.73
CA ILE B 86 -2.91 -32.70 -9.29
C ILE B 86 -3.93 -32.92 -10.39
N VAL B 87 -5.11 -32.33 -10.24
CA VAL B 87 -6.21 -32.42 -11.23
C VAL B 87 -6.28 -31.07 -11.95
N GLU B 88 -6.09 -31.11 -13.27
CA GLU B 88 -6.19 -29.93 -14.14
C GLU B 88 -7.65 -29.78 -14.60
N ALA B 89 -8.19 -28.57 -14.46
CA ALA B 89 -9.54 -28.18 -14.91
C ALA B 89 -9.47 -26.76 -15.48
N ILE B 90 -8.50 -26.53 -16.36
CA ILE B 90 -8.37 -25.23 -17.07
C ILE B 90 -9.14 -25.29 -18.39
N VAL B 91 -9.12 -24.20 -19.12
CA VAL B 91 -9.83 -24.02 -20.43
C VAL B 91 -9.59 -25.24 -21.32
N GLU B 92 -10.62 -25.64 -22.06
CA GLU B 92 -10.58 -26.78 -23.01
C GLU B 92 -9.82 -26.33 -24.26
N ASP B 93 -8.49 -26.27 -24.18
CA ASP B 93 -7.62 -25.86 -25.31
C ASP B 93 -6.35 -26.66 -25.22
N GLU B 94 -6.03 -27.46 -26.23
CA GLU B 94 -4.90 -28.42 -26.17
C GLU B 94 -3.58 -27.67 -25.93
N GLY B 95 -3.38 -26.53 -26.60
CA GLY B 95 -2.16 -25.73 -26.46
C GLY B 95 -1.93 -25.27 -25.02
N GLU B 96 -2.99 -24.73 -24.41
CA GLU B 96 -2.97 -24.24 -23.00
C GLU B 96 -2.68 -25.41 -22.06
N LYS B 97 -3.36 -26.55 -22.24
CA LYS B 97 -3.17 -27.73 -21.38
C LYS B 97 -1.76 -28.26 -21.59
N ARG B 98 -1.28 -28.27 -22.83
CA ARG B 98 0.08 -28.77 -23.13
C ARG B 98 1.09 -27.95 -22.32
N ARG B 99 1.05 -26.62 -22.43
CA ARG B 99 2.01 -25.73 -21.72
C ARG B 99 1.89 -25.96 -20.21
N LEU B 100 0.67 -26.14 -19.69
CA LEU B 100 0.46 -26.38 -18.23
C LEU B 100 1.12 -27.70 -17.84
N PHE B 101 0.90 -28.77 -18.59
CA PHE B 101 1.37 -30.12 -18.22
C PHE B 101 2.89 -30.21 -18.36
N GLU B 102 3.50 -29.51 -19.31
CA GLU B 102 5.00 -29.46 -19.42
C GLU B 102 5.53 -28.82 -18.12
N ARG B 103 4.93 -27.72 -17.68
CA ARG B 103 5.32 -27.03 -16.43
C ARG B 103 5.08 -27.94 -15.21
N LEU B 104 3.92 -28.58 -15.10
CA LEU B 104 3.57 -29.45 -13.94
C LEU B 104 4.52 -30.64 -13.88
N GLY B 105 4.84 -31.23 -15.03
CA GLY B 105 5.78 -32.36 -15.09
C GLY B 105 7.15 -31.96 -14.54
N ALA B 106 7.59 -30.75 -14.81
CA ALA B 106 8.90 -30.21 -14.38
C ALA B 106 8.89 -29.95 -12.85
N LEU B 107 7.81 -29.40 -12.27
CA LEU B 107 7.81 -28.92 -10.86
C LEU B 107 7.24 -29.94 -9.87
N ALA B 108 6.35 -30.86 -10.27
CA ALA B 108 5.69 -31.78 -9.32
C ALA B 108 6.72 -32.81 -8.86
N LYS B 109 6.63 -33.28 -7.63
CA LYS B 109 7.54 -34.34 -7.11
C LYS B 109 7.34 -35.58 -7.95
N PRO B 110 8.39 -36.40 -8.17
CA PRO B 110 8.33 -37.55 -9.06
C PRO B 110 7.15 -38.53 -8.86
N GLU B 111 6.69 -38.73 -7.64
CA GLU B 111 5.61 -39.72 -7.33
C GLU B 111 4.21 -39.12 -7.57
N ALA B 112 4.11 -37.82 -7.85
CA ALA B 112 2.82 -37.12 -8.03
C ALA B 112 2.17 -37.67 -9.31
N ILE B 113 0.87 -37.95 -9.22
CA ILE B 113 -0.01 -38.31 -10.37
C ILE B 113 -0.64 -37.00 -10.88
N LEU B 114 -0.63 -36.82 -12.21
CA LEU B 114 -1.29 -35.71 -12.91
C LEU B 114 -2.53 -36.25 -13.64
N ALA B 115 -3.63 -35.52 -13.53
CA ALA B 115 -4.93 -35.91 -14.11
C ALA B 115 -5.52 -34.70 -14.81
N SER B 116 -6.28 -34.96 -15.87
CA SER B 116 -7.05 -33.95 -16.63
C SER B 116 -8.53 -34.26 -16.51
N ASN B 117 -9.32 -33.19 -16.34
CA ASN B 117 -10.79 -33.20 -16.38
C ASN B 117 -11.28 -32.95 -17.81
N THR B 118 -10.42 -33.06 -18.81
CA THR B 118 -10.78 -32.70 -20.21
C THR B 118 -12.06 -33.45 -20.65
N SER B 119 -12.93 -32.77 -21.38
CA SER B 119 -14.13 -33.35 -22.02
C SER B 119 -13.74 -34.18 -23.22
N SER B 120 -12.70 -33.79 -23.96
CA SER B 120 -12.53 -34.28 -25.34
C SER B 120 -11.07 -34.52 -25.76
N ILE B 121 -10.07 -33.91 -25.12
CA ILE B 121 -8.67 -33.95 -25.61
C ILE B 121 -8.05 -35.29 -25.27
N PRO B 122 -7.36 -35.98 -26.20
CA PRO B 122 -6.86 -37.33 -25.94
C PRO B 122 -5.93 -37.38 -24.71
N ILE B 123 -6.25 -38.29 -23.81
CA ILE B 123 -5.49 -38.48 -22.54
C ILE B 123 -4.05 -38.85 -22.88
N THR B 124 -3.85 -39.67 -23.90
CA THR B 124 -2.52 -40.19 -24.30
C THR B 124 -1.63 -39.02 -24.74
N ALA B 125 -2.18 -38.04 -25.44
CA ALA B 125 -1.46 -36.82 -25.88
C ALA B 125 -1.07 -35.99 -24.65
N LEU B 126 -2.01 -35.72 -23.76
CA LEU B 126 -1.75 -34.91 -22.53
C LEU B 126 -0.68 -35.63 -21.68
N ALA B 127 -0.75 -36.95 -21.61
CA ALA B 127 0.21 -37.81 -20.88
C ALA B 127 1.62 -37.60 -21.42
N ARG B 128 1.78 -37.55 -22.75
CA ARG B 128 3.08 -37.29 -23.40
C ARG B 128 3.58 -35.90 -23.00
N TYR B 129 2.72 -34.88 -23.03
CA TYR B 129 3.09 -33.49 -22.67
C TYR B 129 3.57 -33.43 -21.22
N SER B 130 3.00 -34.25 -20.34
CA SER B 130 3.28 -34.28 -18.89
C SER B 130 4.72 -34.78 -18.63
N GLY B 131 5.28 -35.57 -19.54
CA GLY B 131 6.60 -36.19 -19.33
C GLY B 131 6.52 -37.39 -18.39
N ARG B 132 5.37 -37.70 -17.79
CA ARG B 132 5.26 -38.89 -16.88
C ARG B 132 4.01 -39.70 -17.21
N PRO B 133 3.92 -40.27 -18.44
CA PRO B 133 2.67 -40.85 -18.91
C PRO B 133 2.10 -42.01 -18.05
N GLU B 134 2.98 -42.77 -17.39
CA GLU B 134 2.58 -43.88 -16.48
C GLU B 134 1.85 -43.30 -15.26
N ARG B 135 2.10 -42.03 -14.93
CA ARG B 135 1.51 -41.32 -13.77
C ARG B 135 0.55 -40.25 -14.26
N PHE B 136 -0.06 -40.48 -15.42
CA PHE B 136 -1.06 -39.57 -16.03
C PHE B 136 -2.36 -40.34 -16.27
N ILE B 137 -3.49 -39.68 -16.06
CA ILE B 137 -4.81 -40.32 -16.22
C ILE B 137 -5.85 -39.25 -16.46
N GLY B 138 -6.95 -39.64 -17.12
CA GLY B 138 -8.16 -38.81 -17.22
C GLY B 138 -9.00 -39.00 -15.99
N MET B 139 -9.38 -37.93 -15.34
CA MET B 139 -10.31 -37.99 -14.21
C MET B 139 -11.42 -37.00 -14.52
N HIS B 140 -12.46 -37.50 -15.19
CA HIS B 140 -13.51 -36.69 -15.84
C HIS B 140 -14.73 -36.63 -14.92
N PHE B 141 -14.94 -35.47 -14.29
CA PHE B 141 -16.07 -35.21 -13.36
C PHE B 141 -17.25 -34.68 -14.18
N PHE B 142 -18.41 -34.60 -13.56
CA PHE B 142 -19.69 -34.19 -14.19
C PHE B 142 -20.24 -32.99 -13.42
N ASN B 143 -20.78 -32.05 -14.18
CA ASN B 143 -21.24 -30.71 -13.75
C ASN B 143 -22.66 -30.83 -13.19
N PRO B 144 -22.98 -30.33 -11.99
CA PRO B 144 -22.01 -29.76 -11.04
C PRO B 144 -21.37 -30.81 -10.13
N VAL B 145 -20.08 -30.68 -9.88
CA VAL B 145 -19.26 -31.77 -9.28
C VAL B 145 -19.81 -32.17 -7.92
N PRO B 146 -20.22 -31.25 -7.02
CA PRO B 146 -20.70 -31.66 -5.69
C PRO B 146 -21.96 -32.54 -5.72
N LEU B 147 -22.74 -32.46 -6.80
CA LEU B 147 -24.05 -33.14 -6.95
C LEU B 147 -23.90 -34.41 -7.82
N MET B 148 -22.92 -34.50 -8.70
CA MET B 148 -22.90 -35.61 -9.71
C MET B 148 -21.96 -36.72 -9.22
N GLN B 149 -22.50 -37.93 -9.02
CA GLN B 149 -21.81 -39.08 -8.43
C GLN B 149 -20.73 -39.65 -9.37
N LEU B 150 -20.87 -39.46 -10.68
CA LEU B 150 -19.98 -40.15 -11.65
C LEU B 150 -18.59 -39.50 -11.72
N VAL B 151 -17.56 -40.34 -11.77
CA VAL B 151 -16.24 -39.99 -12.35
C VAL B 151 -15.95 -40.99 -13.47
N GLU B 152 -15.71 -40.47 -14.67
CA GLU B 152 -15.25 -41.28 -15.81
C GLU B 152 -13.72 -41.28 -15.74
N VAL B 153 -13.13 -42.43 -15.49
CA VAL B 153 -11.66 -42.58 -15.32
C VAL B 153 -11.10 -43.12 -16.61
N ILE B 154 -10.23 -42.35 -17.26
CA ILE B 154 -9.78 -42.63 -18.64
C ILE B 154 -8.30 -43.00 -18.60
N ARG B 155 -8.00 -44.24 -18.96
CA ARG B 155 -6.62 -44.74 -19.12
C ARG B 155 -6.02 -44.26 -20.44
N GLY B 156 -4.92 -43.54 -20.37
CA GLY B 156 -4.00 -43.29 -21.50
C GLY B 156 -3.33 -44.60 -21.88
N GLU B 157 -2.74 -44.68 -23.07
CA GLU B 157 -2.01 -45.88 -23.54
C GLU B 157 -1.06 -46.37 -22.43
N LEU B 158 -0.36 -45.47 -21.76
CA LEU B 158 0.75 -45.82 -20.83
C LEU B 158 0.33 -45.71 -19.36
N THR B 159 -0.92 -45.36 -19.05
CA THR B 159 -1.36 -45.19 -17.65
C THR B 159 -1.11 -46.49 -16.89
N SER B 160 -0.38 -46.45 -15.76
CA SER B 160 -0.06 -47.67 -14.97
C SER B 160 -1.32 -48.11 -14.21
N GLU B 161 -1.37 -49.40 -13.89
CA GLU B 161 -2.33 -50.02 -12.93
C GLU B 161 -2.35 -49.25 -11.61
N ALA B 162 -1.18 -48.93 -11.07
CA ALA B 162 -1.02 -48.23 -9.78
C ALA B 162 -1.69 -46.86 -9.88
N THR B 163 -1.47 -46.11 -10.97
CA THR B 163 -2.06 -44.78 -11.17
C THR B 163 -3.59 -44.90 -11.13
N ARG B 164 -4.13 -45.88 -11.85
CA ARG B 164 -5.59 -46.12 -11.92
C ARG B 164 -6.11 -46.42 -10.51
N ASP B 165 -5.44 -47.31 -9.78
CA ASP B 165 -5.87 -47.74 -8.42
C ASP B 165 -5.96 -46.52 -7.49
N VAL B 166 -4.96 -45.64 -7.53
CA VAL B 166 -4.90 -44.44 -6.65
C VAL B 166 -6.09 -43.53 -6.98
N VAL B 167 -6.34 -43.27 -8.27
CA VAL B 167 -7.37 -42.27 -8.68
C VAL B 167 -8.76 -42.85 -8.43
N VAL B 168 -8.94 -44.15 -8.64
CA VAL B 168 -10.23 -44.85 -8.35
C VAL B 168 -10.52 -44.71 -6.85
N GLU B 169 -9.51 -44.89 -6.00
CA GLU B 169 -9.67 -44.78 -4.52
C GLU B 169 -10.00 -43.32 -4.15
N VAL B 170 -9.33 -42.33 -4.77
CA VAL B 170 -9.64 -40.90 -4.47
C VAL B 170 -11.11 -40.64 -4.79
N ALA B 171 -11.59 -41.12 -5.94
CA ALA B 171 -12.99 -40.91 -6.38
C ALA B 171 -13.94 -41.50 -5.33
N ARG B 172 -13.66 -42.70 -4.87
CA ARG B 172 -14.49 -43.39 -3.84
C ARG B 172 -14.47 -42.58 -2.55
N ARG B 173 -13.32 -42.07 -2.12
CA ARG B 173 -13.25 -41.25 -0.88
C ARG B 173 -14.03 -39.94 -1.07
N MET B 174 -14.13 -39.45 -2.31
CA MET B 174 -14.94 -38.24 -2.62
C MET B 174 -16.43 -38.56 -2.67
N GLY B 175 -16.83 -39.82 -2.42
CA GLY B 175 -18.24 -40.24 -2.46
C GLY B 175 -18.72 -40.46 -3.89
N LYS B 176 -17.81 -40.67 -4.84
CA LYS B 176 -18.15 -40.79 -6.28
C LYS B 176 -18.10 -42.26 -6.70
N THR B 177 -18.72 -42.57 -7.84
CA THR B 177 -18.65 -43.88 -8.50
C THR B 177 -17.73 -43.75 -9.71
N PRO B 178 -16.48 -44.25 -9.63
CA PRO B 178 -15.56 -44.23 -10.74
C PRO B 178 -15.85 -45.37 -11.71
N LEU B 179 -16.01 -45.05 -12.99
CA LEU B 179 -16.21 -46.08 -14.05
C LEU B 179 -15.13 -45.87 -15.10
N GLU B 180 -14.47 -46.96 -15.45
CA GLU B 180 -13.22 -46.94 -16.23
C GLU B 180 -13.54 -47.06 -17.72
N VAL B 181 -12.79 -46.33 -18.53
CA VAL B 181 -12.96 -46.27 -20.00
C VAL B 181 -11.58 -46.13 -20.61
N GLN B 182 -11.42 -46.57 -21.84
CA GLN B 182 -10.18 -46.45 -22.61
C GLN B 182 -10.16 -45.08 -23.31
N ASP B 183 -8.97 -44.56 -23.54
CA ASP B 183 -8.71 -43.29 -24.24
C ASP B 183 -8.93 -43.49 -25.76
N TYR B 184 -10.17 -43.27 -26.20
CA TYR B 184 -10.61 -43.21 -27.61
C TYR B 184 -11.55 -42.01 -27.69
N PRO B 185 -11.73 -41.45 -28.90
CA PRO B 185 -12.43 -40.18 -29.05
C PRO B 185 -13.83 -40.21 -28.40
N GLY B 186 -14.12 -39.19 -27.60
CA GLY B 186 -15.40 -39.02 -26.91
C GLY B 186 -15.51 -39.88 -25.66
N PHE B 187 -14.47 -40.69 -25.37
CA PHE B 187 -14.49 -41.63 -24.22
C PHE B 187 -15.77 -42.48 -24.34
N ILE B 188 -16.60 -42.55 -23.29
CA ILE B 188 -17.98 -43.07 -23.45
C ILE B 188 -18.95 -41.90 -23.39
N SER B 189 -18.88 -41.06 -22.37
CA SER B 189 -19.92 -40.04 -22.06
C SER B 189 -20.25 -39.22 -23.34
N ASN B 190 -19.25 -38.57 -23.93
CA ASN B 190 -19.47 -37.62 -25.06
C ASN B 190 -19.67 -38.38 -26.38
N ARG B 191 -19.03 -39.53 -26.53
CA ARG B 191 -19.20 -40.38 -27.72
C ARG B 191 -20.67 -40.80 -27.86
N LEU B 192 -21.37 -41.03 -26.75
CA LEU B 192 -22.77 -41.53 -26.78
C LEU B 192 -23.71 -40.32 -26.82
N LEU B 193 -23.44 -39.31 -26.01
CA LEU B 193 -24.37 -38.15 -25.90
C LEU B 193 -24.35 -37.29 -27.17
N MET B 194 -23.18 -36.89 -27.63
CA MET B 194 -23.11 -35.71 -28.54
C MET B 194 -23.65 -36.07 -29.93
N PRO B 195 -23.41 -37.27 -30.50
CA PRO B 195 -23.99 -37.61 -31.81
C PRO B 195 -25.52 -37.62 -31.83
N MET B 196 -26.16 -37.95 -30.71
CA MET B 196 -27.63 -37.88 -30.62
C MET B 196 -28.09 -36.40 -30.61
N ILE B 197 -27.41 -35.52 -29.89
CA ILE B 197 -27.70 -34.06 -29.93
C ILE B 197 -27.52 -33.57 -31.38
N ASN B 198 -26.41 -33.93 -31.99
CA ASN B 198 -26.08 -33.57 -33.39
C ASN B 198 -27.19 -34.05 -34.34
N GLU B 199 -27.71 -35.25 -34.12
CA GLU B 199 -28.78 -35.82 -34.96
C GLU B 199 -30.09 -35.02 -34.77
N ALA B 200 -30.39 -34.60 -33.55
CA ALA B 200 -31.57 -33.74 -33.29
C ALA B 200 -31.42 -32.43 -34.09
N ILE B 201 -30.20 -31.88 -34.12
CA ILE B 201 -29.95 -30.59 -34.84
C ILE B 201 -30.15 -30.83 -36.34
N GLU B 202 -29.69 -31.97 -36.88
CA GLU B 202 -29.87 -32.32 -38.31
C GLU B 202 -31.37 -32.50 -38.61
N ALA B 203 -32.10 -33.21 -37.76
CA ALA B 203 -33.56 -33.40 -37.95
C ALA B 203 -34.23 -32.03 -37.98
N LEU B 204 -33.82 -31.12 -37.09
CA LEU B 204 -34.39 -29.74 -37.04
C LEU B 204 -34.06 -29.03 -38.38
N ARG B 205 -32.83 -29.12 -38.84
CA ARG B 205 -32.41 -28.44 -40.10
C ARG B 205 -33.24 -28.99 -41.26
N GLU B 206 -33.50 -30.30 -41.30
CA GLU B 206 -34.23 -30.99 -42.37
C GLU B 206 -35.73 -30.69 -42.31
N GLY B 207 -36.21 -29.98 -41.30
CA GLY B 207 -37.66 -29.71 -41.13
C GLY B 207 -38.45 -30.96 -40.73
N VAL B 208 -37.83 -31.95 -40.10
CA VAL B 208 -38.57 -33.19 -39.72
C VAL B 208 -39.58 -32.85 -38.61
N ALA B 209 -39.24 -31.94 -37.71
CA ALA B 209 -40.12 -31.50 -36.61
C ALA B 209 -39.61 -30.18 -36.06
N THR B 210 -40.43 -29.49 -35.27
CA THR B 210 -40.03 -28.28 -34.53
C THR B 210 -39.14 -28.66 -33.34
N LYS B 211 -38.43 -27.67 -32.79
CA LYS B 211 -37.57 -27.88 -31.60
C LYS B 211 -38.42 -28.40 -30.43
N GLU B 212 -39.65 -27.90 -30.26
CA GLU B 212 -40.54 -28.28 -29.15
C GLU B 212 -40.94 -29.76 -29.34
N ALA B 213 -41.25 -30.17 -30.55
CA ALA B 213 -41.69 -31.56 -30.84
C ALA B 213 -40.51 -32.50 -30.57
N ILE B 214 -39.31 -32.11 -31.02
CA ILE B 214 -38.09 -32.93 -30.87
C ILE B 214 -37.81 -33.08 -29.37
N ASP B 215 -37.77 -31.98 -28.62
CA ASP B 215 -37.41 -32.07 -27.18
C ASP B 215 -38.52 -32.81 -26.42
N GLY B 216 -39.78 -32.56 -26.75
CA GLY B 216 -40.94 -33.20 -26.10
C GLY B 216 -40.93 -34.72 -26.33
N ILE B 217 -40.59 -35.15 -27.54
CA ILE B 217 -40.54 -36.59 -27.89
C ILE B 217 -39.47 -37.25 -27.04
N MET B 218 -38.30 -36.62 -26.89
CA MET B 218 -37.20 -37.27 -26.13
C MET B 218 -37.51 -37.23 -24.62
N ARG B 219 -38.12 -36.17 -24.11
CA ARG B 219 -38.50 -36.09 -22.67
C ARG B 219 -39.59 -37.13 -22.37
N LEU B 220 -40.70 -37.08 -23.10
CA LEU B 220 -41.90 -37.89 -22.79
C LEU B 220 -41.72 -39.34 -23.26
N GLY B 221 -41.10 -39.55 -24.41
CA GLY B 221 -40.98 -40.90 -25.01
C GLY B 221 -39.83 -41.67 -24.37
N MET B 222 -38.70 -41.02 -24.15
CA MET B 222 -37.46 -41.70 -23.76
C MET B 222 -37.12 -41.39 -22.30
N ASN B 223 -37.93 -40.56 -21.62
CA ASN B 223 -37.69 -40.14 -20.21
C ASN B 223 -36.30 -39.53 -20.04
N HIS B 224 -35.80 -38.79 -21.02
CA HIS B 224 -34.62 -37.90 -20.83
C HIS B 224 -35.10 -36.70 -20.03
N PRO B 225 -34.38 -36.26 -18.98
CA PRO B 225 -34.80 -35.07 -18.21
C PRO B 225 -34.84 -33.81 -19.08
N MET B 226 -33.90 -33.70 -20.02
CA MET B 226 -33.87 -32.56 -20.99
C MET B 226 -33.81 -33.13 -22.40
N GLY B 227 -34.59 -32.56 -23.31
CA GLY B 227 -34.49 -32.86 -24.75
C GLY B 227 -33.13 -32.42 -25.28
N PRO B 228 -32.67 -32.98 -26.42
CA PRO B 228 -31.33 -32.72 -26.93
C PRO B 228 -31.06 -31.25 -27.35
N LEU B 229 -32.07 -30.51 -27.80
CA LEU B 229 -31.84 -29.12 -28.27
C LEU B 229 -31.70 -28.19 -27.07
N GLU B 230 -32.58 -28.30 -26.07
CA GLU B 230 -32.43 -27.53 -24.81
C GLU B 230 -31.14 -27.97 -24.12
N LEU B 231 -30.78 -29.24 -24.19
CA LEU B 231 -29.50 -29.71 -23.60
C LEU B 231 -28.31 -29.09 -24.33
N ALA B 232 -28.34 -29.04 -25.65
CA ALA B 232 -27.25 -28.40 -26.45
C ALA B 232 -27.08 -26.94 -25.96
N ASP B 233 -28.19 -26.21 -25.79
CA ASP B 233 -28.19 -24.80 -25.30
C ASP B 233 -27.54 -24.74 -23.93
N PHE B 234 -27.78 -25.74 -23.07
CA PHE B 234 -27.27 -25.81 -21.70
C PHE B 234 -25.77 -26.05 -21.72
N ILE B 235 -25.32 -26.98 -22.54
CA ILE B 235 -23.87 -27.34 -22.66
C ILE B 235 -23.12 -26.16 -23.31
N GLY B 236 -23.76 -25.44 -24.23
CA GLY B 236 -23.10 -24.48 -25.14
C GLY B 236 -22.88 -25.09 -26.53
N LEU B 237 -23.37 -24.45 -27.59
CA LEU B 237 -23.28 -24.97 -28.98
C LEU B 237 -21.83 -24.98 -29.45
N ASP B 238 -21.01 -24.05 -28.94
CA ASP B 238 -19.56 -24.05 -29.23
C ASP B 238 -18.93 -25.34 -28.67
N THR B 239 -19.28 -25.74 -27.45
CA THR B 239 -18.77 -27.00 -26.83
C THR B 239 -19.27 -28.22 -27.63
N CYS B 240 -20.56 -28.22 -28.01
CA CYS B 240 -21.16 -29.32 -28.81
C CYS B 240 -20.37 -29.46 -30.11
N LEU B 241 -20.13 -28.35 -30.81
CA LEU B 241 -19.39 -28.39 -32.09
C LEU B 241 -17.97 -28.91 -31.87
N ALA B 242 -17.28 -28.45 -30.83
CA ALA B 242 -15.88 -28.86 -30.58
C ALA B 242 -15.84 -30.37 -30.32
N ILE B 243 -16.82 -30.91 -29.59
CA ILE B 243 -16.83 -32.37 -29.31
C ILE B 243 -17.12 -33.14 -30.60
N MET B 244 -18.07 -32.70 -31.41
CA MET B 244 -18.35 -33.39 -32.70
C MET B 244 -17.09 -33.34 -33.58
N GLU B 245 -16.34 -32.22 -33.57
CA GLU B 245 -15.09 -32.13 -34.38
C GLU B 245 -14.07 -33.16 -33.88
N VAL B 246 -13.95 -33.34 -32.57
CA VAL B 246 -13.00 -34.34 -31.99
C VAL B 246 -13.41 -35.74 -32.44
N LEU B 247 -14.70 -36.07 -32.43
CA LEU B 247 -15.18 -37.40 -32.90
C LEU B 247 -14.87 -37.53 -34.40
N HIS B 248 -15.16 -36.49 -35.18
CA HIS B 248 -14.98 -36.54 -36.67
C HIS B 248 -13.49 -36.73 -36.99
N ARG B 249 -12.61 -35.96 -36.35
CA ARG B 249 -11.15 -35.98 -36.65
C ARG B 249 -10.51 -37.22 -36.04
N GLY B 250 -10.93 -37.62 -34.82
CA GLY B 250 -10.34 -38.75 -34.10
C GLY B 250 -10.72 -40.10 -34.73
N PHE B 251 -12.00 -40.32 -35.07
CA PHE B 251 -12.40 -41.55 -35.79
C PHE B 251 -12.05 -41.40 -37.27
N GLY B 252 -11.91 -40.18 -37.77
CA GLY B 252 -11.67 -39.90 -39.20
C GLY B 252 -12.85 -40.31 -40.09
N ASP B 253 -14.04 -40.39 -39.50
CA ASP B 253 -15.23 -41.01 -40.09
C ASP B 253 -16.34 -39.95 -40.15
N ASP B 254 -16.81 -39.64 -41.37
CA ASP B 254 -17.96 -38.79 -41.77
C ASP B 254 -19.20 -39.09 -40.94
N LYS B 255 -19.36 -40.33 -40.48
CA LYS B 255 -20.42 -40.71 -39.52
C LYS B 255 -20.58 -39.59 -38.46
N TYR B 256 -19.48 -39.01 -38.01
CA TYR B 256 -19.46 -38.06 -36.86
C TYR B 256 -19.39 -36.60 -37.33
N ARG B 257 -19.73 -36.32 -38.58
CA ARG B 257 -19.68 -34.94 -39.11
C ARG B 257 -20.68 -34.07 -38.34
N PRO B 258 -20.25 -32.87 -37.90
CA PRO B 258 -21.16 -31.91 -37.31
C PRO B 258 -22.29 -31.50 -38.24
N SER B 259 -23.48 -31.29 -37.70
CA SER B 259 -24.60 -30.68 -38.47
C SER B 259 -24.16 -29.33 -39.01
N PRO B 260 -24.37 -29.05 -40.31
CA PRO B 260 -24.18 -27.69 -40.84
C PRO B 260 -24.98 -26.62 -40.08
N LEU B 261 -26.14 -26.96 -39.50
CA LEU B 261 -26.90 -25.97 -38.69
C LEU B 261 -26.14 -25.68 -37.39
N LEU B 262 -25.51 -26.69 -36.80
CA LEU B 262 -24.68 -26.46 -35.59
C LEU B 262 -23.54 -25.50 -35.97
N ARG B 263 -22.87 -25.71 -37.09
CA ARG B 263 -21.77 -24.80 -37.52
C ARG B 263 -22.32 -23.37 -37.69
N ARG B 264 -23.46 -23.23 -38.35
CA ARG B 264 -24.07 -21.93 -38.66
C ARG B 264 -24.44 -21.18 -37.37
N MET B 265 -25.02 -21.88 -36.39
CA MET B 265 -25.43 -21.28 -35.10
C MET B 265 -24.19 -20.73 -34.40
N VAL B 266 -23.10 -21.48 -34.41
CA VAL B 266 -21.83 -21.09 -33.75
C VAL B 266 -21.25 -19.88 -34.50
N GLN B 267 -21.29 -19.86 -35.83
CA GLN B 267 -20.80 -18.71 -36.64
C GLN B 267 -21.59 -17.45 -36.27
N ALA B 268 -22.87 -17.59 -35.95
CA ALA B 268 -23.78 -16.47 -35.59
C ALA B 268 -23.57 -16.04 -34.14
N GLY B 269 -22.84 -16.80 -33.32
CA GLY B 269 -22.68 -16.58 -31.87
C GLY B 269 -23.92 -16.94 -31.07
N LEU B 270 -24.82 -17.73 -31.63
CA LEU B 270 -26.03 -18.24 -30.94
C LEU B 270 -25.61 -19.46 -30.12
N LEU B 271 -24.90 -19.26 -29.01
CA LEU B 271 -24.15 -20.36 -28.34
C LEU B 271 -24.99 -21.05 -27.28
N GLY B 272 -26.24 -20.63 -27.07
CA GLY B 272 -27.12 -21.21 -26.04
C GLY B 272 -27.30 -20.30 -24.83
N ARG B 273 -27.49 -20.90 -23.66
CA ARG B 273 -27.85 -20.17 -22.41
C ARG B 273 -26.82 -19.07 -22.15
N LYS B 274 -25.54 -19.37 -22.27
CA LYS B 274 -24.46 -18.41 -21.94
C LYS B 274 -24.47 -17.19 -22.88
N ALA B 275 -25.11 -17.23 -24.04
CA ALA B 275 -25.19 -16.07 -24.96
C ALA B 275 -26.59 -15.48 -24.90
N GLY B 276 -27.49 -16.06 -24.10
CA GLY B 276 -28.90 -15.63 -24.07
C GLY B 276 -29.72 -16.20 -25.22
N ARG B 277 -29.12 -16.95 -26.15
CA ARG B 277 -29.88 -17.55 -27.27
C ARG B 277 -29.09 -18.68 -27.96
N GLY B 278 -29.76 -19.81 -28.17
CA GLY B 278 -29.31 -20.90 -29.05
C GLY B 278 -30.49 -21.35 -29.86
N PHE B 279 -30.96 -22.58 -29.64
CA PHE B 279 -32.22 -23.07 -30.23
C PHE B 279 -33.39 -22.31 -29.58
N TYR B 280 -33.28 -22.05 -28.28
CA TYR B 280 -34.29 -21.29 -27.51
C TYR B 280 -33.69 -19.92 -27.12
N THR B 281 -34.53 -19.02 -26.63
CA THR B 281 -34.14 -17.68 -26.12
C THR B 281 -34.24 -17.73 -24.59
N TYR B 282 -33.24 -17.17 -23.91
CA TYR B 282 -33.12 -17.20 -22.42
C TYR B 282 -33.09 -15.76 -21.88
N ASP B 283 -33.64 -15.55 -20.67
CA ASP B 283 -33.51 -14.28 -19.90
C ASP B 283 -32.16 -14.32 -19.18
N GLU B 284 -31.87 -13.27 -18.40
CA GLU B 284 -30.58 -13.08 -17.71
C GLU B 284 -30.34 -14.18 -16.66
N LYS B 285 -31.39 -14.84 -16.16
CA LYS B 285 -31.30 -15.92 -15.14
C LYS B 285 -31.13 -17.28 -15.82
N GLY B 286 -31.22 -17.35 -17.15
CA GLY B 286 -31.09 -18.60 -17.92
C GLY B 286 -32.37 -19.41 -18.04
N ASN B 287 -33.55 -18.82 -17.84
CA ASN B 287 -34.87 -19.47 -18.09
C ASN B 287 -35.34 -19.11 -19.50
N LYS B 288 -36.04 -20.03 -20.16
CA LYS B 288 -36.60 -19.83 -21.53
C LYS B 288 -37.60 -18.68 -21.48
N VAL B 289 -37.73 -17.89 -22.55
CA VAL B 289 -38.71 -16.77 -22.66
C VAL B 289 -39.43 -16.86 -24.00
N GLU C 2 25.36 -10.34 -36.39
CA GLU C 2 26.45 -11.35 -36.56
C GLU C 2 26.23 -12.51 -35.58
N VAL C 3 25.96 -12.26 -34.30
CA VAL C 3 25.60 -13.37 -33.34
C VAL C 3 24.10 -13.68 -33.46
N LYS C 4 23.78 -14.84 -34.02
CA LYS C 4 22.39 -15.31 -34.23
C LYS C 4 22.19 -16.62 -33.46
N ARG C 5 23.24 -17.44 -33.39
CA ARG C 5 23.21 -18.84 -32.91
C ARG C 5 24.19 -18.94 -31.73
N ILE C 6 23.69 -19.37 -30.57
CA ILE C 6 24.52 -19.56 -29.34
C ILE C 6 24.48 -21.03 -28.95
N GLY C 7 25.66 -21.62 -28.79
CA GLY C 7 25.88 -22.95 -28.19
C GLY C 7 26.10 -22.82 -26.70
N VAL C 8 25.51 -23.70 -25.92
CA VAL C 8 25.77 -23.84 -24.46
C VAL C 8 26.17 -25.28 -24.20
N VAL C 9 27.34 -25.52 -23.63
CA VAL C 9 27.78 -26.88 -23.22
C VAL C 9 27.64 -27.00 -21.71
N GLY C 10 26.78 -27.92 -21.26
CA GLY C 10 26.46 -28.19 -19.86
C GLY C 10 25.06 -27.69 -19.55
N ALA C 11 24.14 -28.61 -19.28
CA ALA C 11 22.71 -28.32 -19.02
C ALA C 11 22.49 -28.41 -17.51
N GLY C 12 23.46 -27.93 -16.73
CA GLY C 12 23.41 -27.94 -15.27
C GLY C 12 22.77 -26.67 -14.72
N GLN C 13 23.09 -26.39 -13.45
CA GLN C 13 22.55 -25.23 -12.71
C GLN C 13 22.78 -23.95 -13.54
N MET C 14 23.97 -23.78 -14.08
CA MET C 14 24.35 -22.52 -14.78
C MET C 14 23.99 -22.60 -16.26
N GLY C 15 24.39 -23.66 -16.95
CA GLY C 15 24.19 -23.78 -18.41
C GLY C 15 22.71 -23.71 -18.80
N SER C 16 21.81 -24.29 -18.00
CA SER C 16 20.35 -24.28 -18.32
C SER C 16 19.83 -22.84 -18.17
N GLY C 17 20.35 -22.08 -17.20
CA GLY C 17 20.05 -20.64 -17.07
C GLY C 17 20.62 -19.82 -18.22
N ILE C 18 21.85 -20.09 -18.64
CA ILE C 18 22.49 -19.34 -19.76
C ILE C 18 21.67 -19.59 -21.04
N ALA C 19 21.33 -20.86 -21.31
CA ALA C 19 20.49 -21.27 -22.47
C ALA C 19 19.18 -20.50 -22.43
N GLN C 20 18.54 -20.45 -21.27
CA GLN C 20 17.23 -19.75 -21.11
C GLN C 20 17.37 -18.27 -21.47
N VAL C 21 18.34 -17.57 -20.88
CA VAL C 21 18.43 -16.09 -21.05
C VAL C 21 18.83 -15.79 -22.51
N ALA C 22 19.64 -16.64 -23.14
CA ALA C 22 20.02 -16.50 -24.56
C ALA C 22 18.76 -16.63 -25.44
N ALA C 23 17.93 -17.65 -25.16
CA ALA C 23 16.68 -17.92 -25.92
C ALA C 23 15.69 -16.78 -25.73
N SER C 24 15.52 -16.28 -24.50
CA SER C 24 14.61 -15.16 -24.17
C SER C 24 15.06 -13.89 -24.88
N ALA C 25 16.35 -13.75 -25.18
CA ALA C 25 16.93 -12.54 -25.82
C ALA C 25 16.72 -12.59 -27.35
N GLY C 26 16.30 -13.75 -27.89
CA GLY C 26 16.00 -13.90 -29.32
C GLY C 26 17.06 -14.70 -30.06
N TYR C 27 18.09 -15.21 -29.39
CA TYR C 27 19.11 -16.07 -30.03
C TYR C 27 18.57 -17.49 -30.21
N GLU C 28 18.92 -18.14 -31.32
CA GLU C 28 18.79 -19.60 -31.52
C GLU C 28 19.82 -20.26 -30.60
N VAL C 29 19.42 -21.27 -29.84
CA VAL C 29 20.27 -21.93 -28.82
C VAL C 29 20.33 -23.43 -29.11
N VAL C 30 21.55 -23.98 -29.05
CA VAL C 30 21.82 -25.44 -28.97
C VAL C 30 22.45 -25.73 -27.62
N LEU C 31 21.75 -26.49 -26.77
CA LEU C 31 22.19 -26.91 -25.42
C LEU C 31 22.68 -28.36 -25.49
N VAL C 32 23.95 -28.60 -25.12
CA VAL C 32 24.62 -29.92 -25.24
C VAL C 32 24.96 -30.44 -23.83
N ASP C 33 24.80 -31.73 -23.61
CA ASP C 33 25.30 -32.42 -22.40
C ASP C 33 25.71 -33.85 -22.80
N VAL C 34 26.00 -34.72 -21.83
CA VAL C 34 26.60 -36.07 -22.08
C VAL C 34 25.56 -37.17 -21.92
N ALA C 35 24.33 -36.86 -21.48
CA ALA C 35 23.24 -37.85 -21.31
C ALA C 35 21.88 -37.16 -21.41
N GLU C 36 20.88 -37.90 -21.93
CA GLU C 36 19.50 -37.39 -22.16
C GLU C 36 18.90 -36.92 -20.83
N SER C 37 19.13 -37.65 -19.73
CA SER C 37 18.56 -37.35 -18.39
C SER C 37 18.98 -35.92 -17.94
N PHE C 38 20.22 -35.53 -18.25
CA PHE C 38 20.79 -34.21 -17.87
C PHE C 38 20.11 -33.12 -18.69
N LEU C 39 19.91 -33.35 -20.00
CA LEU C 39 19.17 -32.41 -20.88
C LEU C 39 17.74 -32.24 -20.38
N GLU C 40 17.07 -33.34 -19.99
CA GLU C 40 15.68 -33.32 -19.47
C GLU C 40 15.63 -32.48 -18.18
N ARG C 41 16.58 -32.72 -17.26
CA ARG C 41 16.67 -31.96 -15.99
C ARG C 41 16.85 -30.46 -16.31
N GLY C 42 17.70 -30.15 -17.29
CA GLY C 42 17.94 -28.77 -17.78
C GLY C 42 16.69 -28.12 -18.31
N LEU C 43 15.95 -28.75 -19.25
CA LEU C 43 14.73 -28.12 -19.80
C LEU C 43 13.65 -28.02 -18.74
N ALA C 44 13.61 -28.94 -17.76
CA ALA C 44 12.66 -28.85 -16.62
C ALA C 44 12.94 -27.55 -15.85
N ALA C 45 14.21 -27.24 -15.56
CA ALA C 45 14.58 -25.99 -14.86
C ALA C 45 14.17 -24.77 -15.70
N ILE C 46 14.35 -24.83 -17.03
CA ILE C 46 13.98 -23.72 -17.96
C ILE C 46 12.45 -23.52 -17.95
N ARG C 47 11.68 -24.60 -18.02
CA ARG C 47 10.18 -24.51 -17.98
C ARG C 47 9.73 -23.92 -16.63
N ARG C 48 10.33 -24.33 -15.51
CA ARG C 48 9.95 -23.82 -14.17
C ARG C 48 10.20 -22.31 -14.13
N SER C 49 11.36 -21.87 -14.62
CA SER C 49 11.77 -20.43 -14.55
C SER C 49 10.90 -19.60 -15.49
N LEU C 50 10.81 -19.98 -16.77
CA LEU C 50 9.97 -19.26 -17.75
C LEU C 50 8.52 -19.29 -17.30
N GLY C 51 8.08 -20.41 -16.71
CA GLY C 51 6.73 -20.57 -16.14
C GLY C 51 6.44 -19.54 -15.10
N LYS C 52 7.39 -19.30 -14.17
CA LYS C 52 7.24 -18.27 -13.11
C LYS C 52 7.18 -16.89 -13.76
N PHE C 53 8.03 -16.59 -14.76
CA PHE C 53 8.02 -15.27 -15.43
C PHE C 53 6.65 -15.02 -16.06
N LEU C 54 6.09 -16.04 -16.73
CA LEU C 54 4.75 -15.98 -17.39
C LEU C 54 3.66 -15.77 -16.34
N GLU C 55 3.65 -16.61 -15.31
CA GLU C 55 2.65 -16.58 -14.20
C GLU C 55 2.61 -15.18 -13.59
N LYS C 56 3.76 -14.53 -13.37
CA LYS C 56 3.76 -13.21 -12.67
C LYS C 56 3.73 -12.07 -13.68
N GLY C 57 3.43 -12.33 -14.94
CA GLY C 57 3.14 -11.27 -15.93
C GLY C 57 4.39 -10.57 -16.43
N LYS C 58 5.57 -11.12 -16.18
CA LYS C 58 6.88 -10.52 -16.58
C LYS C 58 7.09 -10.76 -18.08
N ILE C 59 6.57 -11.85 -18.65
CA ILE C 59 6.62 -12.11 -20.12
C ILE C 59 5.22 -12.51 -20.59
N THR C 60 5.00 -12.46 -21.91
CA THR C 60 3.75 -12.90 -22.59
C THR C 60 3.82 -14.41 -22.88
N GLN C 61 2.66 -15.04 -23.10
CA GLN C 61 2.55 -16.44 -23.59
C GLN C 61 3.43 -16.62 -24.83
N GLU C 62 3.35 -15.68 -25.77
CA GLU C 62 4.09 -15.74 -27.06
C GLU C 62 5.59 -15.85 -26.76
N ALA C 63 6.13 -14.89 -26.00
CA ALA C 63 7.57 -14.80 -25.68
C ALA C 63 8.02 -16.07 -24.95
N HIS C 64 7.22 -16.57 -23.99
CA HIS C 64 7.42 -17.85 -23.28
C HIS C 64 7.61 -18.97 -24.31
N ASP C 65 6.63 -19.14 -25.20
CA ASP C 65 6.60 -20.29 -26.15
C ASP C 65 7.71 -20.11 -27.19
N GLU C 66 7.93 -18.89 -27.67
CA GLU C 66 8.97 -18.60 -28.70
C GLU C 66 10.36 -18.87 -28.12
N ALA C 67 10.60 -18.52 -26.85
CA ALA C 67 11.90 -18.76 -26.17
C ALA C 67 12.18 -20.25 -26.14
N LEU C 68 11.22 -21.07 -25.66
CA LEU C 68 11.36 -22.54 -25.64
C LEU C 68 11.57 -23.08 -27.05
N GLY C 69 10.87 -22.50 -28.03
CA GLY C 69 10.97 -22.88 -29.45
C GLY C 69 12.36 -22.64 -30.01
N ARG C 70 13.14 -21.73 -29.42
CA ARG C 70 14.50 -21.39 -29.93
C ARG C 70 15.58 -22.27 -29.30
N ILE C 71 15.23 -23.17 -28.37
CA ILE C 71 16.18 -24.08 -27.68
C ILE C 71 16.07 -25.48 -28.30
N ARG C 72 17.17 -26.00 -28.86
CA ARG C 72 17.33 -27.41 -29.29
C ARG C 72 18.37 -28.05 -28.40
N THR C 73 18.14 -29.29 -27.96
CA THR C 73 19.09 -30.06 -27.12
C THR C 73 19.80 -31.07 -28.00
N SER C 74 20.96 -31.55 -27.57
CA SER C 74 21.81 -32.48 -28.36
C SER C 74 22.83 -33.16 -27.45
N LEU C 75 23.31 -34.33 -27.87
CA LEU C 75 24.40 -35.09 -27.21
C LEU C 75 25.66 -34.92 -28.05
N SER C 76 25.59 -34.14 -29.12
CA SER C 76 26.67 -34.09 -30.15
C SER C 76 27.23 -32.67 -30.23
N LEU C 77 28.52 -32.53 -29.89
CA LEU C 77 29.26 -31.25 -29.99
C LEU C 77 29.26 -30.76 -31.44
N GLU C 78 29.18 -31.68 -32.40
CA GLU C 78 29.19 -31.35 -33.86
C GLU C 78 28.02 -30.43 -34.18
N ASP C 79 26.95 -30.47 -33.38
CA ASP C 79 25.74 -29.62 -33.59
C ASP C 79 26.07 -28.16 -33.24
N LEU C 80 27.29 -27.84 -32.78
CA LEU C 80 27.71 -26.44 -32.48
C LEU C 80 28.55 -25.83 -33.62
N LYS C 81 28.74 -26.59 -34.70
CA LYS C 81 29.61 -26.25 -35.86
C LYS C 81 29.30 -24.85 -36.42
N ASP C 82 28.07 -24.37 -36.34
CA ASP C 82 27.72 -23.05 -36.94
C ASP C 82 27.26 -22.03 -35.86
N ALA C 83 27.45 -22.32 -34.57
CA ALA C 83 27.25 -21.33 -33.49
C ALA C 83 28.24 -20.15 -33.66
N ASP C 84 27.75 -18.93 -33.43
CA ASP C 84 28.55 -17.68 -33.46
C ASP C 84 29.27 -17.52 -32.11
N LEU C 85 28.65 -18.00 -31.03
CA LEU C 85 29.19 -17.93 -29.63
C LEU C 85 28.89 -19.25 -28.95
N ILE C 86 29.89 -19.88 -28.34
CA ILE C 86 29.69 -21.12 -27.55
C ILE C 86 30.14 -20.82 -26.12
N VAL C 87 29.23 -20.97 -25.17
CA VAL C 87 29.48 -20.75 -23.72
C VAL C 87 29.57 -22.11 -23.05
N GLU C 88 30.72 -22.41 -22.46
CA GLU C 88 30.98 -23.66 -21.71
C GLU C 88 30.57 -23.43 -20.26
N ALA C 89 29.79 -24.36 -19.72
CA ALA C 89 29.31 -24.37 -18.33
C ALA C 89 29.32 -25.82 -17.84
N ILE C 90 30.43 -26.52 -18.05
CA ILE C 90 30.62 -27.91 -17.59
C ILE C 90 31.30 -27.90 -16.22
N VAL C 91 31.51 -29.08 -15.67
CA VAL C 91 32.17 -29.32 -14.35
C VAL C 91 33.42 -28.44 -14.22
N GLU C 92 33.63 -27.91 -13.01
CA GLU C 92 34.79 -27.05 -12.67
C GLU C 92 36.03 -27.94 -12.53
N ASP C 93 36.57 -28.42 -13.66
CA ASP C 93 37.77 -29.29 -13.68
C ASP C 93 38.61 -28.89 -14.90
N GLU C 94 39.87 -28.48 -14.69
CA GLU C 94 40.69 -27.89 -15.77
C GLU C 94 40.88 -28.93 -16.89
N GLY C 95 41.11 -30.19 -16.53
CA GLY C 95 41.33 -31.28 -17.49
C GLY C 95 40.13 -31.46 -18.41
N GLU C 96 38.93 -31.53 -17.83
CA GLU C 96 37.65 -31.68 -18.57
C GLU C 96 37.46 -30.47 -19.50
N LYS C 97 37.65 -29.25 -18.99
CA LYS C 97 37.46 -28.03 -19.82
C LYS C 97 38.52 -28.02 -20.92
N ARG C 98 39.74 -28.44 -20.61
CA ARG C 98 40.82 -28.48 -21.62
C ARG C 98 40.37 -29.39 -22.78
N ARG C 99 39.98 -30.63 -22.49
CA ARG C 99 39.58 -31.61 -23.54
C ARG C 99 38.41 -31.04 -24.33
N LEU C 100 37.44 -30.39 -23.66
CA LEU C 100 36.28 -29.79 -24.36
C LEU C 100 36.75 -28.69 -25.31
N PHE C 101 37.61 -27.79 -24.85
CA PHE C 101 38.00 -26.59 -25.64
C PHE C 101 38.90 -27.00 -26.81
N GLU C 102 39.72 -28.03 -26.67
CA GLU C 102 40.53 -28.56 -27.82
C GLU C 102 39.54 -29.05 -28.89
N ARG C 103 38.50 -29.79 -28.50
CA ARG C 103 37.47 -30.31 -29.44
C ARG C 103 36.71 -29.13 -30.06
N LEU C 104 36.26 -28.16 -29.26
CA LEU C 104 35.45 -27.02 -29.75
C LEU C 104 36.28 -26.16 -30.72
N GLY C 105 37.57 -25.96 -30.43
CA GLY C 105 38.48 -25.22 -31.31
C GLY C 105 38.58 -25.87 -32.68
N ALA C 106 38.61 -27.19 -32.72
CA ALA C 106 38.73 -28.00 -33.95
C ALA C 106 37.41 -27.91 -34.77
N LEU C 107 36.23 -27.96 -34.14
CA LEU C 107 34.94 -28.12 -34.89
C LEU C 107 34.20 -26.80 -35.10
N ALA C 108 34.39 -25.78 -34.27
CA ALA C 108 33.62 -24.52 -34.38
C ALA C 108 34.09 -23.76 -35.62
N LYS C 109 33.20 -23.05 -36.29
CA LYS C 109 33.58 -22.27 -37.49
C LYS C 109 34.58 -21.20 -37.05
N PRO C 110 35.52 -20.81 -37.94
CA PRO C 110 36.62 -19.91 -37.56
C PRO C 110 36.23 -18.61 -36.82
N GLU C 111 35.09 -18.00 -37.14
CA GLU C 111 34.68 -16.69 -36.55
C GLU C 111 33.98 -16.87 -35.19
N ALA C 112 33.72 -18.11 -34.78
CA ALA C 112 33.01 -18.42 -33.53
C ALA C 112 33.89 -17.97 -32.35
N ILE C 113 33.28 -17.30 -31.38
CA ILE C 113 33.89 -16.97 -30.05
C ILE C 113 33.55 -18.10 -29.09
N LEU C 114 34.55 -18.54 -28.33
CA LEU C 114 34.41 -19.53 -27.23
C LEU C 114 34.55 -18.81 -25.89
N ALA C 115 33.68 -19.13 -24.95
CA ALA C 115 33.60 -18.45 -23.65
C ALA C 115 33.44 -19.53 -22.56
N SER C 116 34.02 -19.25 -21.39
CA SER C 116 33.91 -20.12 -20.19
C SER C 116 33.16 -19.37 -19.09
N ASN C 117 32.28 -20.08 -18.42
CA ASN C 117 31.58 -19.62 -17.20
C ASN C 117 32.39 -20.02 -15.96
N THR C 118 33.65 -20.42 -16.10
CA THR C 118 34.46 -20.91 -14.96
C THR C 118 34.44 -19.90 -13.80
N SER C 119 34.36 -20.41 -12.58
CA SER C 119 34.46 -19.60 -11.32
C SER C 119 35.91 -19.23 -11.06
N SER C 120 36.88 -20.06 -11.42
CA SER C 120 38.23 -19.97 -10.82
C SER C 120 39.37 -20.32 -11.80
N ILE C 121 39.14 -21.05 -12.88
CA ILE C 121 40.25 -21.55 -13.76
C ILE C 121 40.72 -20.41 -14.65
N PRO C 122 42.04 -20.18 -14.79
CA PRO C 122 42.52 -19.01 -15.55
C PRO C 122 42.00 -19.00 -16.99
N ILE C 123 41.43 -17.87 -17.38
CA ILE C 123 40.86 -17.67 -18.73
C ILE C 123 41.98 -17.84 -19.75
N THR C 124 43.18 -17.35 -19.43
CA THR C 124 44.33 -17.35 -20.37
C THR C 124 44.73 -18.79 -20.68
N ALA C 125 44.68 -19.69 -19.71
CA ALA C 125 45.02 -21.12 -19.90
C ALA C 125 43.95 -21.77 -20.80
N LEU C 126 42.67 -21.56 -20.51
CA LEU C 126 41.55 -22.14 -21.31
C LEU C 126 41.65 -21.61 -22.75
N ALA C 127 41.99 -20.34 -22.91
CA ALA C 127 42.18 -19.67 -24.22
C ALA C 127 43.23 -20.41 -25.03
N ARG C 128 44.36 -20.77 -24.40
CA ARG C 128 45.45 -21.52 -25.08
C ARG C 128 44.89 -22.88 -25.51
N TYR C 129 44.18 -23.60 -24.64
CA TYR C 129 43.62 -24.94 -24.97
C TYR C 129 42.67 -24.85 -26.17
N SER C 130 41.96 -23.72 -26.31
CA SER C 130 40.95 -23.48 -27.38
C SER C 130 41.62 -23.39 -28.75
N GLY C 131 42.90 -23.00 -28.81
CA GLY C 131 43.61 -22.77 -30.08
C GLY C 131 43.19 -21.47 -30.73
N ARG C 132 42.25 -20.70 -30.16
CA ARG C 132 41.87 -19.37 -30.73
C ARG C 132 41.79 -18.33 -29.61
N PRO C 133 42.93 -18.02 -28.95
CA PRO C 133 42.90 -17.18 -27.75
C PRO C 133 42.32 -15.78 -27.96
N GLU C 134 42.51 -15.19 -29.14
CA GLU C 134 41.96 -13.84 -29.47
C GLU C 134 40.42 -13.90 -29.50
N ARG C 135 39.86 -15.08 -29.72
CA ARG C 135 38.39 -15.31 -29.83
C ARG C 135 37.93 -16.13 -28.62
N PHE C 136 38.63 -15.96 -27.48
CA PHE C 136 38.30 -16.63 -26.21
C PHE C 136 38.10 -15.56 -25.14
N ILE C 137 37.13 -15.77 -24.25
CA ILE C 137 36.83 -14.80 -23.18
C ILE C 137 36.12 -15.53 -22.04
N GLY C 138 36.23 -14.97 -20.84
CA GLY C 138 35.42 -15.40 -19.69
C GLY C 138 34.08 -14.71 -19.75
N MET C 139 33.01 -15.46 -19.65
CA MET C 139 31.65 -14.90 -19.55
C MET C 139 31.04 -15.54 -18.33
N HIS C 140 31.20 -14.87 -17.18
CA HIS C 140 30.93 -15.43 -15.85
C HIS C 140 29.56 -14.92 -15.37
N PHE C 141 28.57 -15.80 -15.38
CA PHE C 141 27.17 -15.51 -14.97
C PHE C 141 27.04 -15.79 -13.47
N PHE C 142 25.94 -15.35 -12.88
CA PHE C 142 25.65 -15.47 -11.43
C PHE C 142 24.35 -16.27 -11.23
N ASN C 143 24.39 -17.13 -10.21
CA ASN C 143 23.34 -18.14 -9.88
C ASN C 143 22.24 -17.47 -9.07
N PRO C 144 20.93 -17.58 -9.43
CA PRO C 144 20.48 -18.22 -10.66
C PRO C 144 20.43 -17.23 -11.85
N VAL C 145 20.84 -17.70 -13.01
CA VAL C 145 21.17 -16.85 -14.19
C VAL C 145 19.96 -16.00 -14.56
N PRO C 146 18.71 -16.53 -14.63
CA PRO C 146 17.58 -15.72 -15.08
C PRO C 146 17.26 -14.53 -14.16
N LEU C 147 17.68 -14.60 -12.88
CA LEU C 147 17.37 -13.57 -11.86
C LEU C 147 18.57 -12.62 -11.64
N MET C 148 19.80 -13.02 -11.95
CA MET C 148 20.99 -12.20 -11.57
C MET C 148 21.45 -11.37 -12.78
N GLN C 149 21.43 -10.05 -12.63
CA GLN C 149 21.69 -9.06 -13.70
C GLN C 149 23.16 -9.05 -14.11
N LEU C 150 24.08 -9.48 -13.26
CA LEU C 150 25.52 -9.33 -13.53
C LEU C 150 26.03 -10.37 -14.54
N VAL C 151 26.86 -9.93 -15.48
CA VAL C 151 27.86 -10.81 -16.15
C VAL C 151 29.26 -10.21 -15.90
N GLU C 152 30.14 -11.00 -15.32
CA GLU C 152 31.57 -10.63 -15.13
C GLU C 152 32.29 -11.09 -16.39
N VAL C 153 32.77 -10.15 -17.20
CA VAL C 153 33.42 -10.45 -18.51
C VAL C 153 34.92 -10.39 -18.28
N ILE C 154 35.60 -11.49 -18.52
CA ILE C 154 37.02 -11.68 -18.10
C ILE C 154 37.88 -11.76 -19.36
N ARG C 155 38.75 -10.77 -19.55
CA ARG C 155 39.74 -10.75 -20.65
C ARG C 155 40.90 -11.66 -20.31
N GLY C 156 41.14 -12.66 -21.15
CA GLY C 156 42.42 -13.39 -21.18
C GLY C 156 43.51 -12.46 -21.69
N GLU C 157 44.77 -12.83 -21.51
CA GLU C 157 45.92 -12.02 -22.01
C GLU C 157 45.68 -11.63 -23.48
N LEU C 158 45.19 -12.55 -24.30
CA LEU C 158 45.14 -12.38 -25.78
C LEU C 158 43.73 -12.06 -26.26
N THR C 159 42.73 -11.94 -25.39
CA THR C 159 41.34 -11.65 -25.82
C THR C 159 41.32 -10.36 -26.64
N SER C 160 40.80 -10.38 -27.87
CA SER C 160 40.73 -9.18 -28.76
C SER C 160 39.66 -8.23 -28.24
N GLU C 161 39.81 -6.95 -28.57
CA GLU C 161 38.79 -5.88 -28.42
C GLU C 161 37.45 -6.33 -29.05
N ALA C 162 37.53 -6.87 -30.27
CA ALA C 162 36.34 -7.32 -31.04
C ALA C 162 35.60 -8.39 -30.23
N THR C 163 36.32 -9.37 -29.68
CA THR C 163 35.72 -10.47 -28.90
C THR C 163 34.98 -9.88 -27.70
N ARG C 164 35.61 -8.95 -26.99
CA ARG C 164 35.01 -8.29 -25.80
C ARG C 164 33.73 -7.56 -26.23
N ASP C 165 33.78 -6.79 -27.32
CA ASP C 165 32.62 -5.98 -27.80
C ASP C 165 31.43 -6.90 -28.10
N VAL C 166 31.66 -8.03 -28.75
CA VAL C 166 30.59 -8.99 -29.13
C VAL C 166 29.94 -9.52 -27.85
N VAL C 167 30.74 -9.95 -26.88
CA VAL C 167 30.22 -10.65 -25.68
C VAL C 167 29.51 -9.61 -24.78
N VAL C 168 30.03 -8.40 -24.71
CA VAL C 168 29.39 -7.30 -23.94
C VAL C 168 27.99 -7.03 -24.54
N GLU C 169 27.87 -7.00 -25.87
CA GLU C 169 26.58 -6.77 -26.56
C GLU C 169 25.63 -7.95 -26.31
N VAL C 170 26.11 -9.19 -26.36
CA VAL C 170 25.25 -10.37 -26.04
C VAL C 170 24.68 -10.23 -24.63
N ALA C 171 25.52 -9.86 -23.67
CA ALA C 171 25.10 -9.69 -22.25
C ALA C 171 24.00 -8.65 -22.16
N ARG C 172 24.18 -7.52 -22.86
CA ARG C 172 23.18 -6.42 -22.86
C ARG C 172 21.88 -6.92 -23.48
N ARG C 173 21.94 -7.67 -24.58
CA ARG C 173 20.70 -8.20 -25.22
C ARG C 173 20.03 -9.20 -24.28
N MET C 174 20.79 -9.87 -23.42
CA MET C 174 20.24 -10.82 -22.41
C MET C 174 19.63 -10.06 -21.23
N GLY C 175 19.66 -8.73 -21.23
CA GLY C 175 19.13 -7.89 -20.13
C GLY C 175 20.10 -7.84 -18.95
N LYS C 176 21.38 -8.12 -19.18
CA LYS C 176 22.40 -8.18 -18.10
C LYS C 176 23.25 -6.91 -18.12
N THR C 177 23.95 -6.64 -17.03
CA THR C 177 24.99 -5.59 -16.93
C THR C 177 26.35 -6.27 -16.98
N PRO C 178 27.06 -6.18 -18.12
CA PRO C 178 28.40 -6.75 -18.25
C PRO C 178 29.44 -5.81 -17.62
N LEU C 179 30.24 -6.31 -16.69
CA LEU C 179 31.32 -5.51 -16.06
C LEU C 179 32.63 -6.28 -16.29
N GLU C 180 33.60 -5.55 -16.81
CA GLU C 180 34.85 -6.12 -17.37
C GLU C 180 35.92 -6.19 -16.27
N VAL C 181 36.69 -7.27 -16.29
CA VAL C 181 37.72 -7.59 -15.28
C VAL C 181 38.87 -8.27 -16.03
N GLN C 182 40.07 -8.17 -15.48
CA GLN C 182 41.26 -8.84 -16.03
C GLN C 182 41.32 -10.25 -15.45
N ASP C 183 41.94 -11.15 -16.19
CA ASP C 183 42.20 -12.56 -15.81
C ASP C 183 43.35 -12.61 -14.80
N TYR C 184 42.99 -12.53 -13.52
CA TYR C 184 43.88 -12.77 -12.36
C TYR C 184 43.08 -13.63 -11.40
N PRO C 185 43.75 -14.38 -10.51
CA PRO C 185 43.06 -15.35 -9.66
C PRO C 185 41.86 -14.73 -8.91
N GLY C 186 40.71 -15.40 -8.98
CA GLY C 186 39.46 -14.98 -8.33
C GLY C 186 38.75 -13.88 -9.07
N PHE C 187 39.30 -13.39 -10.17
CA PHE C 187 38.74 -12.26 -10.96
C PHE C 187 38.48 -11.09 -10.00
N ILE C 188 37.26 -10.56 -9.94
CA ILE C 188 36.84 -9.68 -8.82
C ILE C 188 35.91 -10.45 -7.89
N SER C 189 34.85 -11.08 -8.42
CA SER C 189 33.75 -11.66 -7.61
C SER C 189 34.30 -12.57 -6.50
N ASN C 190 35.05 -13.59 -6.87
CA ASN C 190 35.52 -14.65 -5.91
C ASN C 190 36.72 -14.14 -5.09
N ARG C 191 37.55 -13.30 -5.67
CA ARG C 191 38.69 -12.69 -4.97
C ARG C 191 38.19 -11.89 -3.78
N LEU C 192 37.03 -11.22 -3.91
CA LEU C 192 36.50 -10.35 -2.83
C LEU C 192 35.65 -11.20 -1.87
N LEU C 193 34.80 -12.08 -2.41
CA LEU C 193 33.84 -12.84 -1.57
C LEU C 193 34.55 -13.91 -0.74
N MET C 194 35.39 -14.73 -1.36
CA MET C 194 35.76 -16.02 -0.72
C MET C 194 36.69 -15.79 0.46
N PRO C 195 37.66 -14.85 0.42
CA PRO C 195 38.52 -14.60 1.60
C PRO C 195 37.75 -14.13 2.85
N MET C 196 36.64 -13.42 2.66
CA MET C 196 35.77 -13.01 3.79
C MET C 196 35.06 -14.24 4.38
N ILE C 197 34.56 -15.15 3.54
CA ILE C 197 33.97 -16.44 4.02
C ILE C 197 35.05 -17.22 4.77
N ASN C 198 36.22 -17.32 4.18
CA ASN C 198 37.38 -18.04 4.78
C ASN C 198 37.72 -17.43 6.15
N GLU C 199 37.68 -16.11 6.27
CA GLU C 199 37.97 -15.42 7.54
C GLU C 199 36.90 -15.74 8.59
N ALA C 200 35.64 -15.80 8.18
CA ALA C 200 34.54 -16.20 9.10
C ALA C 200 34.83 -17.61 9.63
N ILE C 201 35.28 -18.50 8.76
CA ILE C 201 35.56 -19.91 9.16
C ILE C 201 36.72 -19.92 10.16
N GLU C 202 37.76 -19.09 9.94
CA GLU C 202 38.92 -18.98 10.86
C GLU C 202 38.45 -18.43 12.21
N ALA C 203 37.63 -17.38 12.21
CA ALA C 203 37.08 -16.80 13.45
C ALA C 203 36.30 -17.88 14.22
N LEU C 204 35.53 -18.70 13.49
CA LEU C 204 34.76 -19.81 14.12
C LEU C 204 35.75 -20.81 14.72
N ARG C 205 36.79 -21.19 13.98
CA ARG C 205 37.78 -22.18 14.48
C ARG C 205 38.45 -21.65 15.75
N GLU C 206 38.77 -20.34 15.78
CA GLU C 206 39.49 -19.70 16.90
C GLU C 206 38.57 -19.51 18.11
N GLY C 207 37.27 -19.81 18.00
CA GLY C 207 36.30 -19.58 19.08
C GLY C 207 36.01 -18.09 19.32
N VAL C 208 36.19 -17.22 18.32
CA VAL C 208 35.91 -15.77 18.51
C VAL C 208 34.40 -15.56 18.71
N ALA C 209 33.56 -16.35 18.05
CA ALA C 209 32.09 -16.26 18.17
C ALA C 209 31.48 -17.56 17.64
N THR C 210 30.21 -17.80 17.96
CA THR C 210 29.44 -18.95 17.40
C THR C 210 29.09 -18.65 15.93
N LYS C 211 28.68 -19.69 15.21
CA LYS C 211 28.24 -19.54 13.81
C LYS C 211 27.04 -18.57 13.73
N GLU C 212 26.13 -18.65 14.69
CA GLU C 212 24.90 -17.79 14.72
C GLU C 212 25.34 -16.34 14.91
N ALA C 213 26.28 -16.08 15.81
CA ALA C 213 26.74 -14.71 16.10
C ALA C 213 27.44 -14.16 14.86
N ILE C 214 28.28 -14.96 14.22
CA ILE C 214 29.04 -14.53 13.02
C ILE C 214 28.06 -14.19 11.91
N ASP C 215 27.12 -15.08 11.61
CA ASP C 215 26.16 -14.84 10.50
C ASP C 215 25.23 -13.66 10.83
N GLY C 216 24.79 -13.57 12.08
CA GLY C 216 23.89 -12.49 12.54
C GLY C 216 24.57 -11.14 12.45
N ILE C 217 25.84 -11.07 12.83
CA ILE C 217 26.61 -9.80 12.77
C ILE C 217 26.68 -9.34 11.32
N MET C 218 26.95 -10.24 10.37
CA MET C 218 27.12 -9.81 8.96
C MET C 218 25.75 -9.47 8.35
N ARG C 219 24.69 -10.21 8.71
CA ARG C 219 23.31 -9.91 8.19
C ARG C 219 22.85 -8.55 8.75
N LEU C 220 22.85 -8.40 10.07
CA LEU C 220 22.22 -7.23 10.74
C LEU C 220 23.16 -6.01 10.65
N GLY C 221 24.47 -6.21 10.78
CA GLY C 221 25.42 -5.10 10.85
C GLY C 221 25.77 -4.59 9.47
N MET C 222 25.96 -5.49 8.50
CA MET C 222 26.51 -5.13 7.18
C MET C 222 25.41 -5.26 6.12
N ASN C 223 24.20 -5.69 6.50
CA ASN C 223 23.08 -5.89 5.55
C ASN C 223 23.46 -6.84 4.41
N HIS C 224 24.28 -7.86 4.68
CA HIS C 224 24.46 -9.00 3.74
C HIS C 224 23.20 -9.85 3.85
N PRO C 225 22.59 -10.29 2.73
CA PRO C 225 21.36 -11.09 2.81
C PRO C 225 21.59 -12.42 3.51
N MET C 226 22.76 -13.03 3.31
CA MET C 226 23.19 -14.24 4.05
C MET C 226 24.52 -13.97 4.75
N GLY C 227 24.67 -14.47 5.97
CA GLY C 227 25.96 -14.51 6.65
C GLY C 227 26.93 -15.44 5.93
N PRO C 228 28.26 -15.26 6.14
CA PRO C 228 29.26 -16.00 5.38
C PRO C 228 29.25 -17.53 5.61
N LEU C 229 28.86 -18.00 6.80
CA LEU C 229 28.91 -19.46 7.08
C LEU C 229 27.72 -20.15 6.40
N GLU C 230 26.50 -19.60 6.51
CA GLU C 230 25.32 -20.14 5.80
C GLU C 230 25.57 -19.99 4.30
N LEU C 231 26.21 -18.90 3.86
CA LEU C 231 26.54 -18.74 2.42
C LEU C 231 27.52 -19.83 1.98
N ALA C 232 28.55 -20.12 2.76
CA ALA C 232 29.52 -21.21 2.44
C ALA C 232 28.76 -22.53 2.25
N ASP C 233 27.83 -22.84 3.15
CA ASP C 233 26.97 -24.05 3.09
C ASP C 233 26.19 -24.06 1.76
N PHE C 234 25.72 -22.90 1.33
CA PHE C 234 24.89 -22.74 0.11
C PHE C 234 25.78 -22.98 -1.12
N ILE C 235 26.97 -22.38 -1.15
CA ILE C 235 27.91 -22.52 -2.27
C ILE C 235 28.43 -23.97 -2.35
N GLY C 236 28.60 -24.63 -1.19
CA GLY C 236 29.33 -25.90 -1.07
C GLY C 236 30.75 -25.67 -0.52
N LEU C 237 31.13 -26.34 0.58
CA LEU C 237 32.43 -26.11 1.26
C LEU C 237 33.56 -26.64 0.36
N ASP C 238 33.30 -27.66 -0.45
CA ASP C 238 34.26 -28.17 -1.45
C ASP C 238 34.56 -27.05 -2.47
N THR C 239 33.54 -26.34 -2.95
CA THR C 239 33.73 -25.20 -3.90
C THR C 239 34.51 -24.08 -3.21
N CYS C 240 34.15 -23.74 -1.98
CA CYS C 240 34.83 -22.67 -1.19
C CYS C 240 36.31 -23.04 -1.08
N LEU C 241 36.62 -24.28 -0.72
CA LEU C 241 38.03 -24.72 -0.55
C LEU C 241 38.75 -24.61 -1.88
N ALA C 242 38.14 -25.09 -2.98
CA ALA C 242 38.80 -25.07 -4.31
C ALA C 242 39.12 -23.61 -4.71
N ILE C 243 38.23 -22.68 -4.43
CA ILE C 243 38.46 -21.25 -4.81
C ILE C 243 39.59 -20.67 -3.93
N MET C 244 39.61 -20.97 -2.65
CA MET C 244 40.70 -20.49 -1.77
C MET C 244 42.02 -21.10 -2.26
N GLU C 245 42.05 -22.36 -2.69
CA GLU C 245 43.29 -23.00 -3.18
C GLU C 245 43.77 -22.26 -4.45
N VAL C 246 42.85 -21.86 -5.34
CA VAL C 246 43.21 -21.12 -6.57
C VAL C 246 43.82 -19.78 -6.19
N LEU C 247 43.26 -19.07 -5.21
CA LEU C 247 43.83 -17.78 -4.75
C LEU C 247 45.21 -18.04 -4.15
N HIS C 248 45.34 -19.06 -3.32
CA HIS C 248 46.61 -19.36 -2.62
C HIS C 248 47.70 -19.70 -3.65
N ARG C 249 47.40 -20.57 -4.60
CA ARG C 249 48.38 -21.08 -5.60
C ARG C 249 48.63 -20.00 -6.67
N GLY C 250 47.59 -19.28 -7.09
CA GLY C 250 47.68 -18.26 -8.15
C GLY C 250 48.43 -17.02 -7.69
N PHE C 251 48.13 -16.47 -6.52
CA PHE C 251 48.89 -15.32 -5.96
C PHE C 251 50.20 -15.85 -5.36
N GLY C 252 50.25 -17.12 -4.98
CA GLY C 252 51.44 -17.74 -4.33
C GLY C 252 51.69 -17.15 -2.93
N ASP C 253 50.64 -16.60 -2.32
CA ASP C 253 50.71 -15.78 -1.10
C ASP C 253 49.84 -16.43 -0.02
N ASP C 254 50.46 -16.80 1.11
CA ASP C 254 49.90 -17.32 2.38
C ASP C 254 48.69 -16.51 2.85
N LYS C 255 48.67 -15.22 2.52
CA LYS C 255 47.51 -14.34 2.77
C LYS C 255 46.20 -15.12 2.47
N TYR C 256 46.20 -15.92 1.40
CA TYR C 256 44.99 -16.58 0.86
C TYR C 256 44.93 -18.06 1.29
N ARG C 257 45.64 -18.45 2.33
CA ARG C 257 45.62 -19.86 2.80
C ARG C 257 44.20 -20.22 3.26
N PRO C 258 43.67 -21.37 2.83
CA PRO C 258 42.41 -21.88 3.35
C PRO C 258 42.46 -22.09 4.88
N SER C 259 41.37 -21.78 5.55
CA SER C 259 41.20 -22.16 6.98
C SER C 259 41.40 -23.66 7.14
N PRO C 260 42.23 -24.11 8.11
CA PRO C 260 42.31 -25.53 8.42
C PRO C 260 40.94 -26.14 8.79
N LEU C 261 40.01 -25.37 9.34
CA LEU C 261 38.65 -25.90 9.63
C LEU C 261 37.91 -26.14 8.31
N LEU C 262 38.07 -25.28 7.31
CA LEU C 262 37.46 -25.53 5.98
C LEU C 262 38.03 -26.85 5.42
N ARG C 263 39.35 -27.07 5.50
CA ARG C 263 39.94 -28.33 4.99
C ARG C 263 39.29 -29.52 5.73
N ARG C 264 39.19 -29.43 7.05
CA ARG C 264 38.71 -30.52 7.93
C ARG C 264 37.25 -30.85 7.58
N MET C 265 36.42 -29.83 7.40
CA MET C 265 34.98 -30.02 7.07
C MET C 265 34.88 -30.79 5.75
N VAL C 266 35.68 -30.42 4.76
CA VAL C 266 35.67 -31.08 3.44
C VAL C 266 36.16 -32.53 3.60
N GLN C 267 37.20 -32.78 4.40
CA GLN C 267 37.71 -34.16 4.67
C GLN C 267 36.60 -35.02 5.30
N ALA C 268 35.74 -34.41 6.10
CA ALA C 268 34.61 -35.08 6.82
C ALA C 268 33.43 -35.30 5.87
N GLY C 269 33.42 -34.68 4.69
CA GLY C 269 32.30 -34.69 3.73
C GLY C 269 31.13 -33.83 4.19
N LEU C 270 31.36 -32.91 5.13
CA LEU C 270 30.34 -31.94 5.58
C LEU C 270 30.31 -30.78 4.58
N LEU C 271 29.74 -30.99 3.38
CA LEU C 271 29.97 -30.07 2.24
C LEU C 271 28.93 -28.96 2.19
N GLY C 272 27.97 -28.93 3.11
CA GLY C 272 26.92 -27.89 3.15
C GLY C 272 25.55 -28.43 2.73
N ARG C 273 24.69 -27.58 2.19
CA ARG C 273 23.26 -27.88 1.86
C ARG C 273 23.21 -29.15 1.02
N LYS C 274 24.05 -29.27 -0.01
CA LYS C 274 24.05 -30.43 -0.93
C LYS C 274 24.37 -31.76 -0.22
N ALA C 275 24.97 -31.77 0.96
CA ALA C 275 25.29 -33.01 1.71
C ALA C 275 24.34 -33.13 2.90
N GLY C 276 23.43 -32.17 3.08
CA GLY C 276 22.54 -32.11 4.26
C GLY C 276 23.22 -31.56 5.50
N ARG C 277 24.52 -31.23 5.45
CA ARG C 277 25.23 -30.67 6.62
C ARG C 277 26.56 -30.00 6.21
N GLY C 278 26.77 -28.78 6.70
CA GLY C 278 28.07 -28.09 6.68
C GLY C 278 28.30 -27.48 8.04
N PHE C 279 28.31 -26.15 8.12
CA PHE C 279 28.31 -25.42 9.41
C PHE C 279 26.96 -25.62 10.09
N TYR C 280 25.88 -25.64 9.31
CA TYR C 280 24.50 -25.92 9.81
C TYR C 280 24.06 -27.30 9.31
N THR C 281 22.97 -27.82 9.90
CA THR C 281 22.29 -29.06 9.45
C THR C 281 21.02 -28.66 8.68
N TYR C 282 20.78 -29.33 7.55
CA TYR C 282 19.64 -29.04 6.64
C TYR C 282 18.72 -30.27 6.56
N ASP C 283 17.41 -30.04 6.46
CA ASP C 283 16.40 -31.08 6.16
C ASP C 283 16.41 -31.35 4.65
N GLU C 284 15.54 -32.25 4.19
CA GLU C 284 15.48 -32.71 2.76
C GLU C 284 15.11 -31.54 1.84
N LYS C 285 14.43 -30.49 2.34
CA LYS C 285 14.02 -29.31 1.53
C LYS C 285 15.15 -28.25 1.49
N GLY C 286 16.25 -28.46 2.20
CA GLY C 286 17.29 -27.43 2.42
C GLY C 286 17.07 -27.02 3.85
N ASN C 287 16.34 -25.96 4.10
CA ASN C 287 16.04 -25.36 5.45
C ASN C 287 16.87 -25.95 6.61
N LYS C 288 17.39 -25.04 7.45
CA LYS C 288 18.16 -25.34 8.67
C LYS C 288 17.26 -26.12 9.63
N VAL C 289 17.84 -27.00 10.45
CA VAL C 289 17.18 -27.68 11.59
C VAL C 289 18.06 -27.54 12.83
N GLU D 2 3.65 -14.93 30.47
CA GLU D 2 2.72 -15.96 31.02
C GLU D 2 1.34 -15.83 30.34
N VAL D 3 0.80 -14.61 30.20
CA VAL D 3 -0.35 -14.37 29.28
C VAL D 3 0.18 -14.19 27.86
N LYS D 4 -0.07 -15.15 26.98
CA LYS D 4 0.33 -15.12 25.54
C LYS D 4 -0.92 -15.14 24.66
N ARG D 5 -1.96 -15.85 25.13
CA ARG D 5 -3.17 -16.18 24.35
C ARG D 5 -4.38 -15.58 25.08
N ILE D 6 -5.15 -14.75 24.39
CA ILE D 6 -6.38 -14.13 24.97
C ILE D 6 -7.59 -14.58 24.16
N GLY D 7 -8.59 -15.10 24.87
CA GLY D 7 -9.93 -15.37 24.33
C GLY D 7 -10.83 -14.20 24.57
N VAL D 8 -11.63 -13.86 23.57
CA VAL D 8 -12.72 -12.85 23.71
C VAL D 8 -14.02 -13.52 23.27
N VAL D 9 -15.03 -13.54 24.14
CA VAL D 9 -16.37 -14.06 23.79
C VAL D 9 -17.31 -12.89 23.57
N GLY D 10 -17.83 -12.78 22.35
CA GLY D 10 -18.74 -11.70 21.91
C GLY D 10 -17.99 -10.77 20.98
N ALA D 11 -18.36 -10.78 19.70
CA ALA D 11 -17.73 -9.95 18.66
C ALA D 11 -18.62 -8.73 18.41
N GLY D 12 -19.17 -8.16 19.48
CA GLY D 12 -20.03 -6.97 19.41
C GLY D 12 -19.23 -5.68 19.51
N GLN D 13 -19.92 -4.60 19.88
CA GLN D 13 -19.36 -3.23 20.03
C GLN D 13 -18.11 -3.31 20.91
N MET D 14 -18.18 -4.02 22.05
CA MET D 14 -17.08 -4.01 23.03
C MET D 14 -16.08 -5.13 22.72
N GLY D 15 -16.56 -6.36 22.50
CA GLY D 15 -15.69 -7.53 22.29
C GLY D 15 -14.75 -7.34 21.11
N SER D 16 -15.23 -6.75 20.01
CA SER D 16 -14.40 -6.55 18.79
C SER D 16 -13.30 -5.51 19.11
N GLY D 17 -13.60 -4.51 19.93
CA GLY D 17 -12.61 -3.54 20.43
C GLY D 17 -11.59 -4.19 21.36
N ILE D 18 -12.04 -5.05 22.28
CA ILE D 18 -11.12 -5.74 23.23
C ILE D 18 -10.19 -6.65 22.42
N ALA D 19 -10.73 -7.41 21.47
CA ALA D 19 -9.94 -8.29 20.57
C ALA D 19 -8.88 -7.45 19.84
N GLN D 20 -9.28 -6.31 19.30
CA GLN D 20 -8.35 -5.43 18.55
C GLN D 20 -7.19 -4.96 19.46
N VAL D 21 -7.51 -4.43 20.65
CA VAL D 21 -6.46 -3.84 21.53
C VAL D 21 -5.54 -4.97 22.03
N ALA D 22 -6.07 -6.16 22.29
CA ALA D 22 -5.28 -7.35 22.70
C ALA D 22 -4.30 -7.71 21.57
N ALA D 23 -4.78 -7.75 20.33
CA ALA D 23 -3.98 -8.09 19.12
C ALA D 23 -2.89 -7.04 18.91
N SER D 24 -3.24 -5.75 19.00
CA SER D 24 -2.28 -4.61 18.82
C SER D 24 -1.20 -4.67 19.90
N ALA D 25 -1.49 -5.25 21.07
CA ALA D 25 -0.56 -5.32 22.23
C ALA D 25 0.41 -6.50 22.05
N GLY D 26 0.16 -7.38 21.09
CA GLY D 26 1.06 -8.52 20.77
C GLY D 26 0.52 -9.85 21.23
N TYR D 27 -0.68 -9.92 21.82
CA TYR D 27 -1.30 -11.20 22.24
C TYR D 27 -1.90 -11.91 21.03
N GLU D 28 -1.83 -13.24 21.03
CA GLU D 28 -2.63 -14.11 20.12
C GLU D 28 -4.07 -14.06 20.62
N VAL D 29 -5.02 -13.83 19.72
CA VAL D 29 -6.45 -13.62 20.08
C VAL D 29 -7.31 -14.64 19.34
N VAL D 30 -8.23 -15.27 20.08
CA VAL D 30 -9.37 -16.04 19.53
C VAL D 30 -10.66 -15.33 19.91
N LEU D 31 -11.39 -14.85 18.92
CA LEU D 31 -12.68 -14.14 19.06
C LEU D 31 -13.82 -15.11 18.72
N VAL D 32 -14.73 -15.34 19.66
CA VAL D 32 -15.84 -16.35 19.54
C VAL D 32 -17.20 -15.63 19.56
N ASP D 33 -18.14 -16.10 18.76
CA ASP D 33 -19.55 -15.64 18.81
C ASP D 33 -20.43 -16.83 18.41
N VAL D 34 -21.74 -16.61 18.21
CA VAL D 34 -22.74 -17.69 18.02
C VAL D 34 -23.14 -17.81 16.53
N ALA D 35 -22.69 -16.92 15.66
CA ALA D 35 -23.02 -16.96 14.21
C ALA D 35 -21.92 -16.27 13.40
N GLU D 36 -21.70 -16.75 12.16
CA GLU D 36 -20.64 -16.24 11.25
C GLU D 36 -20.84 -14.74 10.99
N SER D 37 -22.09 -14.31 10.81
CA SER D 37 -22.46 -12.91 10.47
C SER D 37 -21.94 -11.96 11.55
N PHE D 38 -22.03 -12.38 12.82
CA PHE D 38 -21.61 -11.56 13.99
C PHE D 38 -20.08 -11.44 14.00
N LEU D 39 -19.37 -12.54 13.74
CA LEU D 39 -17.88 -12.54 13.63
C LEU D 39 -17.46 -11.63 12.48
N GLU D 40 -18.14 -11.68 11.33
CA GLU D 40 -17.84 -10.85 10.13
C GLU D 40 -18.04 -9.37 10.48
N ARG D 41 -19.16 -9.04 11.14
CA ARG D 41 -19.45 -7.64 11.58
C ARG D 41 -18.32 -7.19 12.53
N GLY D 42 -17.90 -8.05 13.44
CA GLY D 42 -16.80 -7.78 14.39
C GLY D 42 -15.48 -7.52 13.69
N LEU D 43 -15.03 -8.40 12.78
CA LEU D 43 -13.70 -8.15 12.13
C LEU D 43 -13.81 -6.95 11.18
N ALA D 44 -15.00 -6.65 10.62
CA ALA D 44 -15.19 -5.42 9.81
C ALA D 44 -14.92 -4.20 10.68
N ALA D 45 -15.45 -4.15 11.91
CA ALA D 45 -15.20 -3.03 12.86
C ALA D 45 -13.70 -2.95 13.18
N ILE D 46 -13.02 -4.08 13.36
CA ILE D 46 -11.55 -4.10 13.68
C ILE D 46 -10.76 -3.56 12.48
N ARG D 47 -11.09 -3.99 11.25
CA ARG D 47 -10.41 -3.50 10.03
C ARG D 47 -10.63 -1.99 9.89
N ARG D 48 -11.85 -1.50 10.10
CA ARG D 48 -12.17 -0.05 9.97
C ARG D 48 -11.30 0.73 10.97
N SER D 49 -11.22 0.28 12.23
CA SER D 49 -10.50 1.00 13.31
C SER D 49 -9.00 0.98 13.04
N LEU D 50 -8.41 -0.20 12.82
CA LEU D 50 -6.95 -0.31 12.52
C LEU D 50 -6.65 0.50 11.24
N GLY D 51 -7.57 0.46 10.26
CA GLY D 51 -7.46 1.23 9.02
C GLY D 51 -7.33 2.72 9.28
N LYS D 52 -8.16 3.26 10.17
CA LYS D 52 -8.11 4.69 10.55
C LYS D 52 -6.79 5.00 11.25
N PHE D 53 -6.33 4.12 12.17
CA PHE D 53 -5.04 4.33 12.88
C PHE D 53 -3.91 4.44 11.85
N LEU D 54 -3.91 3.53 10.87
CA LEU D 54 -2.88 3.47 9.79
C LEU D 54 -2.94 4.74 8.94
N GLU D 55 -4.13 5.07 8.45
CA GLU D 55 -4.39 6.25 7.57
C GLU D 55 -3.85 7.51 8.25
N LYS D 56 -4.10 7.71 9.55
CA LYS D 56 -3.68 8.97 10.22
C LYS D 56 -2.28 8.84 10.82
N GLY D 57 -1.52 7.81 10.46
CA GLY D 57 -0.08 7.73 10.77
C GLY D 57 0.18 7.33 12.21
N LYS D 58 -0.84 6.86 12.94
CA LYS D 58 -0.69 6.48 14.38
C LYS D 58 0.01 5.11 14.46
N ILE D 59 -0.13 4.23 13.45
CA ILE D 59 0.60 2.93 13.43
C ILE D 59 1.24 2.74 12.04
N THR D 60 2.20 1.82 11.95
CA THR D 60 2.87 1.40 10.69
C THR D 60 2.02 0.32 9.98
N GLN D 61 2.24 0.17 8.67
CA GLN D 61 1.69 -0.95 7.86
C GLN D 61 1.95 -2.29 8.56
N GLU D 62 3.19 -2.50 9.04
CA GLU D 62 3.62 -3.77 9.68
C GLU D 62 2.71 -4.07 10.88
N ALA D 63 2.62 -3.11 11.81
CA ALA D 63 1.86 -3.24 13.07
C ALA D 63 0.38 -3.51 12.73
N HIS D 64 -0.18 -2.76 11.76
CA HIS D 64 -1.55 -2.96 11.22
C HIS D 64 -1.72 -4.43 10.80
N ASP D 65 -0.85 -4.92 9.92
CA ASP D 65 -0.99 -6.26 9.30
C ASP D 65 -0.76 -7.33 10.37
N GLU D 66 0.22 -7.13 11.24
CA GLU D 66 0.59 -8.14 12.28
C GLU D 66 -0.55 -8.25 13.30
N ALA D 67 -1.19 -7.13 13.66
CA ALA D 67 -2.33 -7.12 14.62
C ALA D 67 -3.48 -7.96 14.05
N LEU D 68 -3.88 -7.71 12.78
CA LEU D 68 -4.94 -8.50 12.11
C LEU D 68 -4.53 -9.98 12.05
N GLY D 69 -3.24 -10.24 11.79
CA GLY D 69 -2.69 -11.60 11.71
C GLY D 69 -2.79 -12.36 13.03
N ARG D 70 -2.90 -11.67 14.16
CA ARG D 70 -2.94 -12.33 15.49
C ARG D 70 -4.38 -12.65 15.92
N ILE D 71 -5.39 -12.29 15.11
CA ILE D 71 -6.83 -12.53 15.43
C ILE D 71 -7.37 -13.71 14.61
N ARG D 72 -7.83 -14.77 15.29
CA ARG D 72 -8.61 -15.89 14.68
C ARG D 72 -10.04 -15.83 15.22
N THR D 73 -11.05 -16.04 14.38
CA THR D 73 -12.48 -16.12 14.76
C THR D 73 -12.88 -17.59 14.84
N SER D 74 -13.93 -17.89 15.60
CA SER D 74 -14.44 -19.27 15.80
C SER D 74 -15.87 -19.24 16.32
N LEU D 75 -16.62 -20.32 16.06
CA LEU D 75 -17.99 -20.53 16.58
C LEU D 75 -17.92 -21.54 17.72
N SER D 76 -16.72 -21.97 18.09
CA SER D 76 -16.51 -23.04 19.09
C SER D 76 -15.75 -22.51 20.31
N LEU D 77 -16.40 -22.50 21.46
CA LEU D 77 -15.78 -22.13 22.77
C LEU D 77 -14.59 -23.03 23.07
N GLU D 78 -14.60 -24.28 22.56
CA GLU D 78 -13.50 -25.26 22.78
C GLU D 78 -12.18 -24.68 22.27
N ASP D 79 -12.23 -23.75 21.30
CA ASP D 79 -11.00 -23.10 20.77
C ASP D 79 -10.36 -22.18 21.82
N LEU D 80 -10.96 -22.01 23.01
CA LEU D 80 -10.40 -21.16 24.11
C LEU D 80 -9.72 -22.03 25.18
N LYS D 81 -9.64 -23.35 24.95
CA LYS D 81 -9.06 -24.38 25.87
C LYS D 81 -7.66 -23.99 26.36
N ASP D 82 -6.88 -23.26 25.56
CA ASP D 82 -5.47 -22.94 25.90
C ASP D 82 -5.28 -21.42 26.09
N ALA D 83 -6.35 -20.62 26.13
CA ALA D 83 -6.24 -19.17 26.45
C ALA D 83 -5.75 -19.01 27.91
N ASP D 84 -4.87 -18.04 28.13
CA ASP D 84 -4.37 -17.66 29.48
C ASP D 84 -5.38 -16.75 30.18
N LEU D 85 -6.10 -15.95 29.39
CA LEU D 85 -7.11 -14.96 29.85
C LEU D 85 -8.27 -14.99 28.87
N ILE D 86 -9.49 -15.13 29.38
CA ILE D 86 -10.72 -15.08 28.53
C ILE D 86 -11.58 -13.94 29.04
N VAL D 87 -11.87 -12.97 28.17
CA VAL D 87 -12.70 -11.79 28.51
C VAL D 87 -14.06 -11.98 27.83
N GLU D 88 -15.10 -12.05 28.64
CA GLU D 88 -16.50 -12.18 28.17
C GLU D 88 -17.05 -10.77 27.92
N ALA D 89 -17.65 -10.59 26.74
CA ALA D 89 -18.32 -9.34 26.33
C ALA D 89 -19.59 -9.72 25.55
N ILE D 90 -20.38 -10.61 26.13
CA ILE D 90 -21.66 -11.05 25.51
C ILE D 90 -22.79 -10.18 26.06
N VAL D 91 -24.01 -10.45 25.58
CA VAL D 91 -25.26 -9.74 25.97
C VAL D 91 -25.30 -9.55 27.51
N GLU D 92 -25.78 -8.39 27.94
CA GLU D 92 -25.89 -8.02 29.37
C GLU D 92 -27.11 -8.76 29.94
N ASP D 93 -26.97 -10.07 30.16
CA ASP D 93 -28.06 -10.94 30.68
C ASP D 93 -27.41 -11.94 31.62
N GLU D 94 -27.80 -11.94 32.89
CA GLU D 94 -27.11 -12.75 33.93
C GLU D 94 -27.23 -14.23 33.57
N GLY D 95 -28.40 -14.67 33.10
CA GLY D 95 -28.63 -16.09 32.73
C GLY D 95 -27.68 -16.55 31.63
N GLU D 96 -27.55 -15.75 30.57
CA GLU D 96 -26.65 -16.04 29.42
C GLU D 96 -25.20 -16.07 29.91
N LYS D 97 -24.77 -15.09 30.71
CA LYS D 97 -23.38 -15.05 31.21
C LYS D 97 -23.17 -16.24 32.15
N ARG D 98 -24.15 -16.58 32.97
CA ARG D 98 -24.05 -17.75 33.88
C ARG D 98 -23.75 -19.01 33.05
N ARG D 99 -24.57 -19.30 32.06
CA ARG D 99 -24.41 -20.53 31.21
C ARG D 99 -23.04 -20.48 30.54
N LEU D 100 -22.60 -19.31 30.07
CA LEU D 100 -21.28 -19.18 29.41
C LEU D 100 -20.18 -19.52 30.42
N PHE D 101 -20.23 -18.95 31.62
CA PHE D 101 -19.12 -19.06 32.61
C PHE D 101 -19.07 -20.49 33.17
N GLU D 102 -20.20 -21.18 33.31
CA GLU D 102 -20.21 -22.62 33.72
C GLU D 102 -19.46 -23.41 32.66
N ARG D 103 -19.75 -23.16 31.37
CA ARG D 103 -19.05 -23.85 30.24
C ARG D 103 -17.57 -23.49 30.26
N LEU D 104 -17.21 -22.22 30.37
CA LEU D 104 -15.80 -21.76 30.33
C LEU D 104 -15.01 -22.36 31.50
N GLY D 105 -15.61 -22.42 32.69
CA GLY D 105 -14.97 -23.01 33.88
C GLY D 105 -14.60 -24.48 33.62
N ALA D 106 -15.47 -25.21 32.93
CA ALA D 106 -15.29 -26.64 32.61
C ALA D 106 -14.18 -26.83 31.55
N LEU D 107 -14.11 -25.98 30.51
CA LEU D 107 -13.23 -26.23 29.34
C LEU D 107 -11.89 -25.48 29.42
N ALA D 108 -11.79 -24.34 30.12
CA ALA D 108 -10.55 -23.53 30.13
C ALA D 108 -9.51 -24.28 30.96
N LYS D 109 -8.23 -24.16 30.59
CA LYS D 109 -7.16 -24.82 31.38
C LYS D 109 -7.16 -24.23 32.79
N PRO D 110 -6.78 -25.02 33.82
CA PRO D 110 -6.93 -24.59 35.22
C PRO D 110 -6.33 -23.22 35.59
N GLU D 111 -5.23 -22.81 34.98
CA GLU D 111 -4.53 -21.54 35.33
C GLU D 111 -5.15 -20.34 34.58
N ALA D 112 -6.08 -20.56 33.66
CA ALA D 112 -6.73 -19.50 32.87
C ALA D 112 -7.54 -18.60 33.83
N ILE D 113 -7.40 -17.28 33.65
CA ILE D 113 -8.23 -16.24 34.33
C ILE D 113 -9.45 -15.93 33.44
N LEU D 114 -10.62 -15.85 34.07
CA LEU D 114 -11.89 -15.47 33.38
C LEU D 114 -12.27 -14.07 33.86
N ALA D 115 -12.65 -13.21 32.92
CA ALA D 115 -12.99 -11.80 33.20
C ALA D 115 -14.29 -11.46 32.47
N SER D 116 -15.08 -10.60 33.09
CA SER D 116 -16.34 -10.05 32.50
C SER D 116 -16.16 -8.55 32.29
N ASN D 117 -16.65 -8.10 31.13
CA ASN D 117 -16.76 -6.68 30.74
C ASN D 117 -18.13 -6.16 31.17
N THR D 118 -18.86 -6.87 32.03
CA THR D 118 -20.26 -6.48 32.41
C THR D 118 -20.27 -5.03 32.91
N SER D 119 -21.33 -4.29 32.53
CA SER D 119 -21.57 -2.92 33.03
C SER D 119 -22.08 -2.96 34.46
N SER D 120 -22.85 -3.98 34.83
CA SER D 120 -23.76 -3.88 36.00
C SER D 120 -23.91 -5.19 36.79
N ILE D 121 -23.65 -6.37 36.22
CA ILE D 121 -23.92 -7.67 36.90
C ILE D 121 -22.83 -7.93 37.94
N PRO D 122 -23.18 -8.34 39.18
CA PRO D 122 -22.17 -8.48 40.23
C PRO D 122 -21.07 -9.47 39.86
N ILE D 123 -19.83 -9.02 39.99
CA ILE D 123 -18.63 -9.81 39.65
C ILE D 123 -18.62 -11.05 40.53
N THR D 124 -18.99 -10.91 41.80
CA THR D 124 -18.92 -12.02 42.79
C THR D 124 -19.86 -13.14 42.35
N ALA D 125 -21.04 -12.83 41.82
CA ALA D 125 -22.01 -13.83 41.32
C ALA D 125 -21.43 -14.54 40.09
N LEU D 126 -20.91 -13.79 39.12
CA LEU D 126 -20.33 -14.39 37.88
C LEU D 126 -19.14 -15.28 38.27
N ALA D 127 -18.34 -14.86 39.24
CA ALA D 127 -17.19 -15.61 39.79
C ALA D 127 -17.65 -16.98 40.31
N ARG D 128 -18.77 -17.01 41.03
CA ARG D 128 -19.33 -18.28 41.58
C ARG D 128 -19.75 -19.16 40.39
N TYR D 129 -20.42 -18.62 39.38
CA TYR D 129 -20.87 -19.40 38.18
C TYR D 129 -19.67 -20.00 37.46
N SER D 130 -18.52 -19.31 37.48
CA SER D 130 -17.27 -19.72 36.77
C SER D 130 -16.68 -20.98 37.43
N GLY D 131 -16.95 -21.21 38.70
CA GLY D 131 -16.33 -22.31 39.46
C GLY D 131 -14.90 -22.01 39.84
N ARG D 132 -14.31 -20.87 39.44
CA ARG D 132 -12.92 -20.50 39.85
C ARG D 132 -12.88 -19.05 40.32
N PRO D 133 -13.59 -18.71 41.41
CA PRO D 133 -13.75 -17.31 41.83
C PRO D 133 -12.44 -16.55 42.12
N GLU D 134 -11.41 -17.25 42.61
CA GLU D 134 -10.09 -16.63 42.90
C GLU D 134 -9.42 -16.23 41.56
N ARG D 135 -9.82 -16.85 40.45
CA ARG D 135 -9.28 -16.60 39.09
C ARG D 135 -10.35 -15.90 38.23
N PHE D 136 -11.24 -15.15 38.89
CA PHE D 136 -12.29 -14.36 38.21
C PHE D 136 -12.14 -12.89 38.60
N ILE D 137 -12.39 -12.00 37.63
CA ILE D 137 -12.28 -10.56 37.90
C ILE D 137 -13.13 -9.80 36.90
N GLY D 138 -13.54 -8.57 37.27
CA GLY D 138 -14.14 -7.65 36.32
C GLY D 138 -13.06 -6.91 35.57
N MET D 139 -13.15 -6.92 34.26
CA MET D 139 -12.24 -6.10 33.44
C MET D 139 -13.13 -5.27 32.54
N HIS D 140 -13.44 -4.06 33.02
CA HIS D 140 -14.51 -3.21 32.46
C HIS D 140 -13.86 -2.14 31.56
N PHE D 141 -14.02 -2.30 30.26
CA PHE D 141 -13.43 -1.38 29.24
C PHE D 141 -14.47 -0.29 28.93
N PHE D 142 -14.04 0.74 28.21
CA PHE D 142 -14.86 1.93 27.88
C PHE D 142 -14.98 2.05 26.35
N ASN D 143 -16.18 2.42 25.92
CA ASN D 143 -16.61 2.48 24.50
C ASN D 143 -16.17 3.82 23.89
N PRO D 144 -15.48 3.88 22.73
CA PRO D 144 -14.96 2.70 22.03
C PRO D 144 -13.57 2.27 22.51
N VAL D 145 -13.37 0.96 22.61
CA VAL D 145 -12.22 0.38 23.36
C VAL D 145 -10.91 0.89 22.77
N PRO D 146 -10.69 0.94 21.42
CA PRO D 146 -9.41 1.37 20.86
C PRO D 146 -9.01 2.80 21.25
N LEU D 147 -10.00 3.65 21.57
CA LEU D 147 -9.80 5.10 21.84
C LEU D 147 -9.79 5.37 23.37
N MET D 148 -10.42 4.55 24.20
CA MET D 148 -10.61 4.91 25.64
C MET D 148 -9.51 4.25 26.50
N GLN D 149 -8.73 5.06 27.19
CA GLN D 149 -7.56 4.65 28.00
C GLN D 149 -7.97 3.89 29.25
N LEU D 150 -9.18 4.09 29.78
CA LEU D 150 -9.51 3.53 31.12
C LEU D 150 -9.84 2.03 31.03
N VAL D 151 -9.33 1.24 31.98
CA VAL D 151 -9.94 -0.05 32.38
C VAL D 151 -10.29 0.02 33.86
N GLU D 152 -11.56 -0.23 34.18
CA GLU D 152 -12.03 -0.33 35.58
C GLU D 152 -11.89 -1.81 35.95
N VAL D 153 -11.00 -2.11 36.89
CA VAL D 153 -10.69 -3.50 37.31
C VAL D 153 -11.45 -3.77 38.60
N ILE D 154 -12.34 -4.75 38.59
CA ILE D 154 -13.32 -4.96 39.67
C ILE D 154 -13.02 -6.26 40.39
N ARG D 155 -12.63 -6.17 41.65
CA ARG D 155 -12.39 -7.35 42.53
C ARG D 155 -13.71 -7.92 43.01
N GLY D 156 -13.99 -9.17 42.69
CA GLY D 156 -15.00 -10.00 43.36
C GLY D 156 -14.58 -10.24 44.81
N GLU D 157 -15.49 -10.65 45.68
CA GLU D 157 -15.19 -11.01 47.09
C GLU D 157 -13.94 -11.91 47.14
N LEU D 158 -13.83 -12.88 46.25
CA LEU D 158 -12.78 -13.95 46.32
C LEU D 158 -11.65 -13.72 45.32
N THR D 159 -11.65 -12.64 44.54
CA THR D 159 -10.61 -12.42 43.51
C THR D 159 -9.25 -12.39 44.19
N SER D 160 -8.28 -13.21 43.76
CA SER D 160 -6.92 -13.25 44.34
C SER D 160 -6.13 -12.00 43.91
N GLU D 161 -5.15 -11.63 44.73
CA GLU D 161 -4.07 -10.65 44.41
C GLU D 161 -3.42 -10.99 43.06
N ALA D 162 -3.07 -12.26 42.85
CA ALA D 162 -2.38 -12.74 41.63
C ALA D 162 -3.27 -12.45 40.41
N THR D 163 -4.57 -12.74 40.51
CA THR D 163 -5.52 -12.50 39.39
C THR D 163 -5.52 -11.01 39.04
N ARG D 164 -5.59 -10.15 40.06
CA ARG D 164 -5.61 -8.68 39.88
C ARG D 164 -4.29 -8.26 39.20
N ASP D 165 -3.16 -8.75 39.68
CA ASP D 165 -1.81 -8.38 39.13
C ASP D 165 -1.74 -8.72 37.64
N VAL D 166 -2.22 -9.88 37.24
CA VAL D 166 -2.14 -10.35 35.83
C VAL D 166 -3.00 -9.42 34.96
N VAL D 167 -4.21 -9.12 35.40
CA VAL D 167 -5.18 -8.33 34.58
C VAL D 167 -4.71 -6.86 34.52
N VAL D 168 -4.15 -6.35 35.60
CA VAL D 168 -3.58 -4.96 35.63
C VAL D 168 -2.44 -4.87 34.60
N GLU D 169 -1.58 -5.91 34.53
CA GLU D 169 -0.44 -5.95 33.58
C GLU D 169 -0.98 -6.04 32.15
N VAL D 170 -1.99 -6.88 31.89
CA VAL D 170 -2.56 -6.98 30.52
C VAL D 170 -3.09 -5.60 30.09
N ALA D 171 -3.81 -4.91 30.98
CA ALA D 171 -4.36 -3.56 30.70
C ALA D 171 -3.22 -2.61 30.32
N ARG D 172 -2.14 -2.62 31.09
CA ARG D 172 -0.96 -1.75 30.83
C ARG D 172 -0.35 -2.11 29.46
N ARG D 173 -0.21 -3.39 29.13
CA ARG D 173 0.36 -3.80 27.82
C ARG D 173 -0.59 -3.37 26.69
N MET D 174 -1.89 -3.27 26.97
CA MET D 174 -2.88 -2.78 25.99
C MET D 174 -2.81 -1.25 25.83
N GLY D 175 -1.93 -0.57 26.58
CA GLY D 175 -1.80 0.90 26.55
C GLY D 175 -2.88 1.57 27.39
N LYS D 176 -3.49 0.85 28.32
CA LYS D 176 -4.63 1.36 29.13
C LYS D 176 -4.15 1.72 30.55
N THR D 177 -4.95 2.52 31.26
CA THR D 177 -4.74 2.84 32.68
C THR D 177 -5.75 2.06 33.50
N PRO D 178 -5.33 0.97 34.18
CA PRO D 178 -6.21 0.19 35.03
C PRO D 178 -6.40 0.87 36.39
N LEU D 179 -7.66 1.09 36.79
CA LEU D 179 -7.98 1.63 38.13
C LEU D 179 -8.90 0.65 38.83
N GLU D 180 -8.55 0.32 40.08
CA GLU D 180 -9.15 -0.80 40.84
C GLU D 180 -10.33 -0.31 41.66
N VAL D 181 -11.37 -1.12 41.73
CA VAL D 181 -12.65 -0.82 42.42
C VAL D 181 -13.16 -2.12 43.03
N GLN D 182 -13.96 -2.02 44.07
CA GLN D 182 -14.61 -3.18 44.72
C GLN D 182 -15.92 -3.48 43.99
N ASP D 183 -16.35 -4.74 44.05
CA ASP D 183 -17.60 -5.25 43.48
C ASP D 183 -18.79 -4.83 44.36
N TYR D 184 -19.35 -3.65 44.06
CA TYR D 184 -20.61 -3.13 44.62
C TYR D 184 -21.39 -2.54 43.45
N PRO D 185 -22.71 -2.38 43.58
CA PRO D 185 -23.53 -1.99 42.44
C PRO D 185 -23.05 -0.70 41.78
N GLY D 186 -22.92 -0.73 40.46
CA GLY D 186 -22.46 0.38 39.62
C GLY D 186 -20.96 0.58 39.65
N PHE D 187 -20.24 -0.25 40.42
CA PHE D 187 -18.77 -0.12 40.57
C PHE D 187 -18.48 1.34 40.98
N ILE D 188 -17.60 2.05 40.25
CA ILE D 188 -17.51 3.53 40.37
C ILE D 188 -18.16 4.18 39.17
N SER D 189 -17.78 3.78 37.95
CA SER D 189 -18.13 4.50 36.69
C SER D 189 -19.64 4.74 36.63
N ASN D 190 -20.43 3.67 36.70
CA ASN D 190 -21.91 3.76 36.48
C ASN D 190 -22.61 4.30 37.72
N ARG D 191 -22.10 3.98 38.90
CA ARG D 191 -22.65 4.50 40.17
C ARG D 191 -22.60 6.04 40.17
N LEU D 192 -21.57 6.65 39.59
CA LEU D 192 -21.38 8.12 39.61
C LEU D 192 -22.12 8.73 38.41
N LEU D 193 -21.95 8.15 37.24
CA LEU D 193 -22.49 8.73 36.00
C LEU D 193 -24.02 8.62 35.94
N MET D 194 -24.57 7.44 36.16
CA MET D 194 -25.95 7.17 35.68
C MET D 194 -26.96 7.92 36.55
N PRO D 195 -26.80 8.05 37.89
CA PRO D 195 -27.75 8.85 38.68
C PRO D 195 -27.83 10.32 38.28
N MET D 196 -26.74 10.90 37.79
CA MET D 196 -26.75 12.29 37.28
C MET D 196 -27.55 12.36 35.96
N ILE D 197 -27.38 11.39 35.06
CA ILE D 197 -28.20 11.30 33.81
C ILE D 197 -29.66 11.14 34.20
N ASN D 198 -29.94 10.24 35.13
CA ASN D 198 -31.30 9.99 35.64
C ASN D 198 -31.90 11.27 36.22
N GLU D 199 -31.12 12.06 36.94
CA GLU D 199 -31.57 13.33 37.54
C GLU D 199 -31.90 14.35 36.44
N ALA D 200 -31.08 14.41 35.39
CA ALA D 200 -31.36 15.29 34.24
C ALA D 200 -32.72 14.91 33.63
N ILE D 201 -32.99 13.61 33.51
CA ILE D 201 -34.27 13.11 32.94
C ILE D 201 -35.42 13.53 33.84
N GLU D 202 -35.26 13.42 35.16
CA GLU D 202 -36.30 13.83 36.15
C GLU D 202 -36.51 15.35 36.05
N ALA D 203 -35.46 16.16 35.98
CA ALA D 203 -35.58 17.62 35.83
C ALA D 203 -36.35 17.94 34.55
N LEU D 204 -36.06 17.23 33.47
CA LEU D 204 -36.79 17.39 32.18
C LEU D 204 -38.27 17.04 32.40
N ARG D 205 -38.57 15.92 33.05
CA ARG D 205 -39.97 15.50 33.27
C ARG D 205 -40.71 16.55 34.10
N GLU D 206 -40.04 17.13 35.11
CA GLU D 206 -40.64 18.12 36.03
C GLU D 206 -40.80 19.48 35.35
N GLY D 207 -40.33 19.66 34.12
CA GLY D 207 -40.40 20.95 33.42
C GLY D 207 -39.46 22.00 34.01
N VAL D 208 -38.36 21.60 34.66
CA VAL D 208 -37.42 22.58 35.26
C VAL D 208 -36.72 23.35 34.15
N ALA D 209 -36.45 22.71 33.02
CA ALA D 209 -35.75 23.32 31.87
C ALA D 209 -35.97 22.43 30.64
N THR D 210 -35.70 22.97 29.46
CA THR D 210 -35.71 22.19 28.19
C THR D 210 -34.48 21.28 28.14
N LYS D 211 -34.50 20.31 27.23
CA LYS D 211 -33.34 19.41 27.01
C LYS D 211 -32.13 20.24 26.58
N GLU D 212 -32.31 21.27 25.75
CA GLU D 212 -31.20 22.12 25.25
C GLU D 212 -30.61 22.89 26.42
N ALA D 213 -31.44 23.43 27.31
CA ALA D 213 -30.96 24.22 28.47
C ALA D 213 -30.19 23.29 29.40
N ILE D 214 -30.71 22.08 29.65
CA ILE D 214 -30.06 21.10 30.56
C ILE D 214 -28.71 20.73 29.98
N ASP D 215 -28.64 20.35 28.72
CA ASP D 215 -27.36 19.88 28.12
C ASP D 215 -26.39 21.07 28.02
N GLY D 216 -26.87 22.25 27.66
CA GLY D 216 -26.04 23.47 27.54
C GLY D 216 -25.45 23.87 28.89
N ILE D 217 -26.23 23.77 29.96
CA ILE D 217 -25.77 24.14 31.31
C ILE D 217 -24.63 23.18 31.69
N MET D 218 -24.77 21.88 31.42
CA MET D 218 -23.73 20.91 31.84
C MET D 218 -22.49 21.06 30.95
N ARG D 219 -22.66 21.30 29.65
CA ARG D 219 -21.48 21.51 28.74
C ARG D 219 -20.74 22.80 29.13
N LEU D 220 -21.45 23.93 29.18
CA LEU D 220 -20.82 25.27 29.33
C LEU D 220 -20.43 25.50 30.79
N GLY D 221 -21.26 25.08 31.74
CA GLY D 221 -21.06 25.38 33.17
C GLY D 221 -20.06 24.43 33.79
N MET D 222 -20.17 23.14 33.45
CA MET D 222 -19.41 22.08 34.15
C MET D 222 -18.33 21.54 33.24
N ASN D 223 -18.22 22.04 31.99
CA ASN D 223 -17.22 21.53 31.01
C ASN D 223 -17.35 20.01 30.77
N HIS D 224 -18.55 19.45 30.83
CA HIS D 224 -18.80 18.06 30.34
C HIS D 224 -18.78 18.13 28.81
N PRO D 225 -18.08 17.22 28.10
CA PRO D 225 -18.06 17.24 26.63
C PRO D 225 -19.45 17.03 26.03
N MET D 226 -20.26 16.18 26.66
CA MET D 226 -21.68 15.99 26.26
C MET D 226 -22.57 16.24 27.48
N GLY D 227 -23.70 16.91 27.28
CA GLY D 227 -24.75 17.03 28.30
C GLY D 227 -25.36 15.66 28.59
N PRO D 228 -26.01 15.48 29.76
CA PRO D 228 -26.51 14.16 30.17
C PRO D 228 -27.61 13.58 29.27
N LEU D 229 -28.44 14.38 28.64
CA LEU D 229 -29.57 13.86 27.84
C LEU D 229 -29.04 13.36 26.48
N GLU D 230 -28.18 14.13 25.82
CA GLU D 230 -27.51 13.67 24.58
C GLU D 230 -26.63 12.47 24.92
N LEU D 231 -26.00 12.46 26.08
CA LEU D 231 -25.17 11.30 26.49
C LEU D 231 -26.07 10.07 26.69
N ALA D 232 -27.22 10.21 27.34
CA ALA D 232 -28.18 9.10 27.53
C ALA D 232 -28.53 8.51 26.14
N ASP D 233 -28.84 9.38 25.17
CA ASP D 233 -29.17 8.97 23.78
C ASP D 233 -28.00 8.15 23.18
N PHE D 234 -26.77 8.56 23.49
CA PHE D 234 -25.54 7.95 22.95
C PHE D 234 -25.35 6.56 23.57
N ILE D 235 -25.53 6.45 24.88
CA ILE D 235 -25.37 5.18 25.63
C ILE D 235 -26.49 4.21 25.21
N GLY D 236 -27.69 4.73 24.93
CA GLY D 236 -28.93 3.95 24.80
C GLY D 236 -29.78 4.04 26.07
N LEU D 237 -31.05 4.46 25.95
CA LEU D 237 -31.94 4.67 27.11
C LEU D 237 -32.27 3.32 27.76
N ASP D 238 -32.29 2.23 26.99
CA ASP D 238 -32.46 0.86 27.52
C ASP D 238 -31.30 0.53 28.44
N THR D 239 -30.06 0.84 28.04
CA THR D 239 -28.86 0.59 28.89
C THR D 239 -28.95 1.47 30.16
N CYS D 240 -29.31 2.76 30.01
CA CYS D 240 -29.44 3.70 31.16
C CYS D 240 -30.44 3.12 32.15
N LEU D 241 -31.60 2.66 31.68
CA LEU D 241 -32.64 2.12 32.56
C LEU D 241 -32.13 0.86 33.26
N ALA D 242 -31.48 -0.05 32.53
CA ALA D 242 -30.98 -1.31 33.12
C ALA D 242 -29.98 -0.99 34.24
N ILE D 243 -29.11 0.00 34.04
CA ILE D 243 -28.10 0.34 35.07
C ILE D 243 -28.79 0.96 36.28
N MET D 244 -29.76 1.85 36.08
CA MET D 244 -30.50 2.43 37.22
C MET D 244 -31.21 1.30 37.98
N GLU D 245 -31.77 0.31 37.30
CA GLU D 245 -32.46 -0.81 37.97
C GLU D 245 -31.46 -1.60 38.85
N VAL D 246 -30.26 -1.81 38.36
CA VAL D 246 -29.22 -2.54 39.13
C VAL D 246 -28.85 -1.73 40.39
N LEU D 247 -28.71 -0.41 40.27
CA LEU D 247 -28.44 0.44 41.47
C LEU D 247 -29.63 0.34 42.41
N HIS D 248 -30.84 0.44 41.91
CA HIS D 248 -32.07 0.45 42.75
C HIS D 248 -32.17 -0.89 43.49
N ARG D 249 -32.02 -2.01 42.79
CA ARG D 249 -32.23 -3.37 43.36
C ARG D 249 -31.01 -3.77 44.19
N GLY D 250 -29.80 -3.41 43.77
CA GLY D 250 -28.54 -3.76 44.46
C GLY D 250 -28.37 -3.00 45.77
N PHE D 251 -28.58 -1.68 45.79
CA PHE D 251 -28.54 -0.90 47.05
C PHE D 251 -29.85 -1.11 47.81
N GLY D 252 -30.93 -1.48 47.11
CA GLY D 252 -32.27 -1.63 47.69
C GLY D 252 -32.85 -0.32 48.18
N ASP D 253 -32.37 0.79 47.61
CA ASP D 253 -32.59 2.16 48.10
C ASP D 253 -33.25 2.97 46.98
N ASP D 254 -34.46 3.47 47.25
CA ASP D 254 -35.31 4.40 46.45
C ASP D 254 -34.50 5.57 45.89
N LYS D 255 -33.46 5.98 46.61
CA LYS D 255 -32.50 7.00 46.16
C LYS D 255 -32.21 6.78 44.67
N TYR D 256 -32.07 5.51 44.24
CA TYR D 256 -31.60 5.16 42.88
C TYR D 256 -32.76 4.76 41.96
N ARG D 257 -33.99 5.16 42.28
CA ARG D 257 -35.16 4.82 41.43
C ARG D 257 -35.00 5.45 40.06
N PRO D 258 -35.22 4.67 38.97
CA PRO D 258 -35.26 5.23 37.62
C PRO D 258 -36.35 6.32 37.49
N SER D 259 -36.06 7.36 36.73
CA SER D 259 -37.07 8.35 36.33
C SER D 259 -38.22 7.64 35.62
N PRO D 260 -39.47 7.92 36.01
CA PRO D 260 -40.62 7.44 35.24
C PRO D 260 -40.58 7.85 33.76
N LEU D 261 -39.97 8.98 33.41
CA LEU D 261 -39.85 9.40 31.99
C LEU D 261 -38.86 8.45 31.29
N LEU D 262 -37.78 8.06 31.97
CA LEU D 262 -36.84 7.08 31.39
C LEU D 262 -37.61 5.77 31.11
N ARG D 263 -38.42 5.29 32.05
CA ARG D 263 -39.20 4.05 31.82
C ARG D 263 -40.11 4.23 30.61
N ARG D 264 -40.81 5.35 30.53
CA ARG D 264 -41.80 5.64 29.46
C ARG D 264 -41.10 5.67 28.09
N MET D 265 -39.94 6.31 28.00
CA MET D 265 -39.19 6.43 26.72
C MET D 265 -38.83 5.01 26.25
N VAL D 266 -38.38 4.17 27.17
CA VAL D 266 -37.96 2.78 26.84
C VAL D 266 -39.22 1.99 26.41
N GLN D 267 -40.36 2.15 27.07
CA GLN D 267 -41.64 1.48 26.70
C GLN D 267 -42.03 1.87 25.27
N ALA D 268 -41.74 3.11 24.87
CA ALA D 268 -42.06 3.66 23.54
C ALA D 268 -41.04 3.20 22.48
N GLY D 269 -39.92 2.60 22.89
CA GLY D 269 -38.80 2.22 22.00
C GLY D 269 -38.00 3.43 21.52
N LEU D 270 -38.10 4.56 22.20
CA LEU D 270 -37.30 5.77 21.90
C LEU D 270 -35.94 5.61 22.58
N LEU D 271 -35.07 4.75 22.06
CA LEU D 271 -33.90 4.25 22.80
C LEU D 271 -32.66 5.13 22.59
N GLY D 272 -32.76 6.17 21.78
CA GLY D 272 -31.63 7.08 21.52
C GLY D 272 -31.08 6.91 20.10
N ARG D 273 -29.78 7.14 19.93
CA ARG D 273 -29.10 7.16 18.60
C ARG D 273 -29.42 5.88 17.85
N LYS D 274 -29.30 4.73 18.50
CA LYS D 274 -29.46 3.41 17.84
C LYS D 274 -30.88 3.20 17.32
N ALA D 275 -31.89 3.94 17.79
CA ALA D 275 -33.27 3.81 17.30
C ALA D 275 -33.62 5.01 16.42
N GLY D 276 -32.68 5.93 16.21
CA GLY D 276 -32.94 7.18 15.47
C GLY D 276 -33.64 8.24 16.29
N ARG D 277 -34.01 7.96 17.55
CA ARG D 277 -34.70 8.97 18.40
C ARG D 277 -34.66 8.56 19.89
N GLY D 278 -34.27 9.51 20.74
CA GLY D 278 -34.43 9.43 22.20
C GLY D 278 -34.95 10.75 22.67
N PHE D 279 -34.15 11.49 23.46
CA PHE D 279 -34.45 12.89 23.81
C PHE D 279 -34.34 13.76 22.55
N TYR D 280 -33.37 13.46 21.70
CA TYR D 280 -33.16 14.15 20.40
C TYR D 280 -33.50 13.20 19.24
N THR D 281 -33.58 13.72 18.03
CA THR D 281 -33.83 12.95 16.77
C THR D 281 -32.52 12.89 16.00
N TYR D 282 -32.16 11.71 15.47
CA TYR D 282 -30.88 11.45 14.76
C TYR D 282 -31.16 11.02 13.31
N ASP D 283 -30.28 11.41 12.38
CA ASP D 283 -30.28 10.91 10.97
C ASP D 283 -29.56 9.57 10.95
N GLU D 284 -29.39 8.97 9.77
CA GLU D 284 -28.79 7.62 9.59
C GLU D 284 -27.32 7.61 10.04
N LYS D 285 -26.63 8.76 10.02
CA LYS D 285 -25.21 8.90 10.43
C LYS D 285 -25.09 9.11 11.95
N GLY D 286 -26.20 9.34 12.65
CA GLY D 286 -26.22 9.54 14.10
C GLY D 286 -25.97 10.99 14.51
N ASN D 287 -26.21 11.95 13.62
CA ASN D 287 -26.16 13.41 13.93
C ASN D 287 -27.57 13.88 14.26
N LYS D 288 -27.71 14.87 15.15
CA LYS D 288 -29.00 15.48 15.53
C LYS D 288 -29.64 16.11 14.29
N VAL D 289 -30.97 16.15 14.21
CA VAL D 289 -31.76 16.73 13.08
C VAL D 289 -32.86 17.63 13.64
N GLU E 2 20.74 41.48 3.05
CA GLU E 2 20.39 42.79 2.44
C GLU E 2 19.02 43.25 2.95
N VAL E 3 17.99 42.39 2.93
CA VAL E 3 16.68 42.75 3.56
C VAL E 3 16.73 42.41 5.06
N LYS E 4 16.78 43.44 5.92
CA LYS E 4 16.80 43.30 7.39
C LYS E 4 15.56 43.95 7.99
N ARG E 5 15.12 45.05 7.37
CA ARG E 5 14.06 45.94 7.90
C ARG E 5 12.88 45.96 6.91
N ILE E 6 11.69 45.60 7.38
CA ILE E 6 10.46 45.59 6.53
C ILE E 6 9.45 46.57 7.10
N GLY E 7 8.98 47.48 6.25
CA GLY E 7 7.83 48.36 6.50
C GLY E 7 6.54 47.70 6.03
N VAL E 8 5.49 47.81 6.82
CA VAL E 8 4.11 47.42 6.40
C VAL E 8 3.20 48.62 6.61
N VAL E 9 2.50 49.04 5.56
CA VAL E 9 1.53 50.16 5.65
C VAL E 9 0.13 49.58 5.61
N GLY E 10 -0.62 49.79 6.70
CA GLY E 10 -1.99 49.28 6.89
C GLY E 10 -1.98 48.15 7.90
N ALA E 11 -2.57 48.39 9.06
CA ALA E 11 -2.60 47.44 10.20
C ALA E 11 -3.96 46.77 10.23
N GLY E 12 -4.49 46.43 9.05
CA GLY E 12 -5.81 45.78 8.90
C GLY E 12 -5.70 44.28 8.87
N GLN E 13 -6.71 43.63 8.29
CA GLN E 13 -6.83 42.16 8.20
C GLN E 13 -5.53 41.60 7.61
N MET E 14 -5.03 42.21 6.51
CA MET E 14 -3.88 41.63 5.78
C MET E 14 -2.56 42.18 6.35
N GLY E 15 -2.46 43.50 6.51
CA GLY E 15 -1.21 44.15 6.95
C GLY E 15 -0.73 43.62 8.30
N SER E 16 -1.64 43.37 9.24
CA SER E 16 -1.26 42.88 10.59
C SER E 16 -0.72 41.44 10.45
N GLY E 17 -1.27 40.64 9.54
CA GLY E 17 -0.75 39.30 9.21
C GLY E 17 0.62 39.37 8.55
N ILE E 18 0.81 40.28 7.59
CA ILE E 18 2.09 40.43 6.87
C ILE E 18 3.17 40.85 7.90
N ALA E 19 2.87 41.82 8.74
CA ALA E 19 3.78 42.29 9.83
C ALA E 19 4.17 41.10 10.71
N GLN E 20 3.19 40.30 11.11
CA GLN E 20 3.44 39.14 12.01
C GLN E 20 4.40 38.15 11.32
N VAL E 21 4.12 37.75 10.08
CA VAL E 21 4.93 36.70 9.40
C VAL E 21 6.34 37.24 9.14
N ALA E 22 6.50 38.53 8.85
CA ALA E 22 7.80 39.19 8.67
C ALA E 22 8.58 39.12 10.00
N ALA E 23 7.94 39.44 11.11
CA ALA E 23 8.56 39.46 12.47
C ALA E 23 8.95 38.04 12.85
N SER E 24 8.08 37.05 12.63
CA SER E 24 8.32 35.63 12.96
C SER E 24 9.50 35.10 12.12
N ALA E 25 9.77 35.69 10.94
CA ALA E 25 10.84 35.25 10.02
C ALA E 25 12.18 35.83 10.44
N GLY E 26 12.19 36.80 11.37
CA GLY E 26 13.42 37.40 11.90
C GLY E 26 13.67 38.80 11.38
N TYR E 27 12.79 39.37 10.56
CA TYR E 27 12.92 40.77 10.09
C TYR E 27 12.48 41.74 11.20
N GLU E 28 13.15 42.88 11.29
CA GLU E 28 12.70 44.07 12.04
C GLU E 28 11.54 44.66 11.25
N VAL E 29 10.43 44.95 11.92
CA VAL E 29 9.17 45.41 11.26
C VAL E 29 8.76 46.75 11.86
N VAL E 30 8.40 47.69 10.98
CA VAL E 30 7.67 48.94 11.33
C VAL E 30 6.30 48.88 10.65
N LEU E 31 5.23 48.82 11.46
CA LEU E 31 3.81 48.77 11.03
C LEU E 31 3.19 50.14 11.18
N VAL E 32 2.70 50.73 10.09
CA VAL E 32 2.18 52.13 10.02
C VAL E 32 0.69 52.12 9.70
N ASP E 33 -0.07 53.02 10.33
CA ASP E 33 -1.49 53.26 9.98
C ASP E 33 -1.78 54.75 10.25
N VAL E 34 -3.05 55.16 10.17
CA VAL E 34 -3.46 56.59 10.23
C VAL E 34 -4.04 56.94 11.61
N ALA E 35 -4.24 55.98 12.51
CA ALA E 35 -4.81 56.23 13.87
C ALA E 35 -4.36 55.15 14.84
N GLU E 36 -4.20 55.52 16.11
CA GLU E 36 -3.68 54.63 17.19
C GLU E 36 -4.61 53.43 17.34
N SER E 37 -5.93 53.62 17.25
CA SER E 37 -6.95 52.56 17.45
C SER E 37 -6.73 51.43 16.44
N PHE E 38 -6.35 51.78 15.19
CA PHE E 38 -6.12 50.82 14.10
C PHE E 38 -4.85 50.01 14.39
N LEU E 39 -3.79 50.67 14.85
CA LEU E 39 -2.52 50.02 15.27
C LEU E 39 -2.80 49.05 16.42
N GLU E 40 -3.59 49.47 17.41
CA GLU E 40 -3.95 48.63 18.60
C GLU E 40 -4.73 47.40 18.12
N ARG E 41 -5.72 47.59 17.22
CA ARG E 41 -6.52 46.47 16.66
C ARG E 41 -5.56 45.51 15.95
N GLY E 42 -4.61 46.03 15.18
CA GLY E 42 -3.60 45.23 14.47
C GLY E 42 -2.73 44.42 15.41
N LEU E 43 -2.10 45.04 16.43
CA LEU E 43 -1.22 44.23 17.32
C LEU E 43 -2.07 43.28 18.19
N ALA E 44 -3.35 43.58 18.46
CA ALA E 44 -4.26 42.64 19.16
C ALA E 44 -4.41 41.38 18.31
N ALA E 45 -4.63 41.52 16.99
CA ALA E 45 -4.75 40.37 16.07
C ALA E 45 -3.43 39.58 16.09
N ILE E 46 -2.28 40.27 16.09
CA ILE E 46 -0.94 39.60 16.08
C ILE E 46 -0.74 38.82 17.39
N ARG E 47 -1.08 39.41 18.54
CA ARG E 47 -0.96 38.72 19.85
C ARG E 47 -1.88 37.49 19.88
N ARG E 48 -3.12 37.60 19.39
CA ARG E 48 -4.08 36.44 19.36
C ARG E 48 -3.48 35.31 18.52
N SER E 49 -2.93 35.64 17.34
CA SER E 49 -2.42 34.62 16.39
C SER E 49 -1.15 33.97 16.97
N LEU E 50 -0.16 34.76 17.36
CA LEU E 50 1.10 34.24 17.96
C LEU E 50 0.76 33.46 19.24
N GLY E 51 -0.23 33.93 20.00
CA GLY E 51 -0.74 33.26 21.22
C GLY E 51 -1.22 31.87 20.91
N LYS E 52 -2.01 31.70 19.83
CA LYS E 52 -2.50 30.36 19.41
C LYS E 52 -1.33 29.48 19.00
N PHE E 53 -0.36 30.00 18.24
CA PHE E 53 0.82 29.21 17.79
C PHE E 53 1.56 28.67 19.02
N LEU E 54 1.76 29.54 20.03
CA LEU E 54 2.45 29.20 21.31
C LEU E 54 1.65 28.13 22.07
N GLU E 55 0.38 28.41 22.30
CA GLU E 55 -0.49 27.46 23.03
C GLU E 55 -0.41 26.08 22.37
N LYS E 56 -0.41 26.03 21.04
CA LYS E 56 -0.46 24.70 20.39
C LYS E 56 0.96 24.13 20.26
N GLY E 57 1.96 24.89 20.68
CA GLY E 57 3.33 24.35 20.67
C GLY E 57 3.94 24.38 19.28
N LYS E 58 3.43 25.23 18.40
CA LYS E 58 4.06 25.36 17.07
C LYS E 58 5.29 26.26 17.21
N ILE E 59 5.29 27.17 18.20
CA ILE E 59 6.50 28.00 18.46
C ILE E 59 6.82 27.93 19.96
N THR E 60 8.04 28.34 20.32
CA THR E 60 8.53 28.46 21.72
C THR E 60 8.13 29.83 22.31
N GLN E 61 8.14 29.94 23.64
CA GLN E 61 7.99 31.22 24.37
C GLN E 61 8.97 32.25 23.81
N GLU E 62 10.23 31.86 23.62
CA GLU E 62 11.31 32.77 23.15
C GLU E 62 10.91 33.36 21.79
N ALA E 63 10.61 32.49 20.82
CA ALA E 63 10.27 32.89 19.43
C ALA E 63 9.03 33.80 19.46
N HIS E 64 8.01 33.45 20.25
CA HIS E 64 6.80 34.27 20.50
C HIS E 64 7.21 35.69 20.92
N ASP E 65 8.01 35.78 21.99
CA ASP E 65 8.35 37.08 22.62
C ASP E 65 9.27 37.86 21.67
N GLU E 66 10.24 37.18 21.02
CA GLU E 66 11.21 37.83 20.12
C GLU E 66 10.47 38.39 18.88
N ALA E 67 9.47 37.67 18.35
CA ALA E 67 8.66 38.11 17.18
C ALA E 67 7.95 39.41 17.54
N LEU E 68 7.25 39.46 18.68
CA LEU E 68 6.56 40.68 19.15
C LEU E 68 7.58 41.81 19.36
N GLY E 69 8.77 41.47 19.87
CA GLY E 69 9.86 42.41 20.14
C GLY E 69 10.38 43.05 18.86
N ARG E 70 10.18 42.41 17.71
CA ARG E 70 10.73 42.94 16.41
C ARG E 70 9.70 43.85 15.71
N ILE E 71 8.50 44.04 16.28
CA ILE E 71 7.44 44.90 15.69
C ILE E 71 7.37 46.23 16.45
N ARG E 72 7.59 47.34 15.74
CA ARG E 72 7.29 48.71 16.21
C ARG E 72 6.11 49.25 15.39
N THR E 73 5.16 49.93 16.03
CA THR E 73 4.04 50.63 15.35
C THR E 73 4.38 52.12 15.26
N SER E 74 3.75 52.83 14.34
CA SER E 74 4.00 54.27 14.09
C SER E 74 2.85 54.87 13.28
N LEU E 75 2.65 56.18 13.42
CA LEU E 75 1.68 56.99 12.64
C LEU E 75 2.46 57.78 11.60
N SER E 76 3.77 57.56 11.50
CA SER E 76 4.67 58.38 10.65
C SER E 76 5.32 57.50 9.58
N LEU E 77 5.00 57.76 8.30
CA LEU E 77 5.63 57.10 7.14
C LEU E 77 7.15 57.34 7.16
N GLU E 78 7.60 58.46 7.72
CA GLU E 78 9.04 58.81 7.80
C GLU E 78 9.81 57.72 8.55
N ASP E 79 9.14 56.97 9.41
CA ASP E 79 9.78 55.84 10.16
C ASP E 79 10.12 54.68 9.22
N LEU E 80 9.78 54.75 7.92
CA LEU E 80 10.10 53.70 6.91
C LEU E 80 11.33 54.10 6.06
N LYS E 81 11.97 55.23 6.39
CA LYS E 81 13.11 55.85 5.65
C LYS E 81 14.23 54.83 5.39
N ASP E 82 14.43 53.85 6.27
CA ASP E 82 15.56 52.89 6.14
C ASP E 82 15.06 51.45 5.97
N ALA E 83 13.77 51.24 5.72
CA ALA E 83 13.23 49.90 5.34
C ALA E 83 13.86 49.45 4.00
N ASP E 84 14.20 48.16 3.92
CA ASP E 84 14.73 47.51 2.70
C ASP E 84 13.55 47.12 1.77
N LEU E 85 12.41 46.79 2.37
CA LEU E 85 11.16 46.40 1.66
C LEU E 85 9.99 47.04 2.39
N ILE E 86 9.11 47.72 1.66
CA ILE E 86 7.85 48.27 2.22
C ILE E 86 6.68 47.62 1.49
N VAL E 87 5.81 46.92 2.23
CA VAL E 87 4.62 46.24 1.67
C VAL E 87 3.39 47.08 2.06
N GLU E 88 2.66 47.55 1.06
CA GLU E 88 1.41 48.32 1.23
C GLU E 88 0.23 47.35 1.31
N ALA E 89 -0.60 47.51 2.32
CA ALA E 89 -1.84 46.74 2.55
C ALA E 89 -2.92 47.69 3.06
N ILE E 90 -3.09 48.81 2.39
CA ILE E 90 -4.15 49.81 2.74
C ILE E 90 -5.40 49.53 1.92
N VAL E 91 -6.43 50.33 2.14
CA VAL E 91 -7.76 50.24 1.47
C VAL E 91 -7.57 50.02 -0.05
N GLU E 92 -8.42 49.18 -0.63
CA GLU E 92 -8.41 48.87 -2.08
C GLU E 92 -9.00 50.06 -2.86
N ASP E 93 -8.26 51.16 -2.95
CA ASP E 93 -8.68 52.40 -3.66
C ASP E 93 -7.46 52.94 -4.39
N GLU E 94 -7.54 53.06 -5.72
CA GLU E 94 -6.34 53.39 -6.55
C GLU E 94 -5.81 54.78 -6.15
N GLY E 95 -6.70 55.73 -5.90
CA GLY E 95 -6.31 57.10 -5.51
C GLY E 95 -5.51 57.11 -4.21
N GLU E 96 -5.99 56.41 -3.18
CA GLU E 96 -5.32 56.29 -1.86
C GLU E 96 -3.96 55.64 -2.05
N LYS E 97 -3.90 54.53 -2.79
CA LYS E 97 -2.61 53.81 -3.01
C LYS E 97 -1.66 54.73 -3.80
N ARG E 98 -2.20 55.45 -4.78
CA ARG E 98 -1.37 56.38 -5.59
C ARG E 98 -0.70 57.40 -4.65
N ARG E 99 -1.49 58.09 -3.84
CA ARG E 99 -0.96 59.16 -2.93
C ARG E 99 0.07 58.53 -1.98
N LEU E 100 -0.19 57.32 -1.47
CA LEU E 100 0.77 56.64 -0.57
C LEU E 100 2.08 56.37 -1.31
N PHE E 101 2.02 55.82 -2.52
CA PHE E 101 3.23 55.37 -3.25
C PHE E 101 4.05 56.58 -3.72
N GLU E 102 3.42 57.70 -4.05
CA GLU E 102 4.16 58.95 -4.40
C GLU E 102 4.96 59.37 -3.15
N ARG E 103 4.34 59.35 -1.98
CA ARG E 103 5.03 59.71 -0.70
C ARG E 103 6.15 58.70 -0.41
N LEU E 104 5.89 57.39 -0.53
CA LEU E 104 6.90 56.35 -0.21
C LEU E 104 8.08 56.44 -1.17
N GLY E 105 7.82 56.71 -2.45
CA GLY E 105 8.88 56.87 -3.47
C GLY E 105 9.82 58.01 -3.10
N ALA E 106 9.26 59.10 -2.56
CA ALA E 106 10.02 60.31 -2.16
C ALA E 106 10.86 60.02 -0.91
N LEU E 107 10.37 59.29 0.09
CA LEU E 107 11.05 59.17 1.43
C LEU E 107 11.87 57.88 1.56
N ALA E 108 11.56 56.79 0.85
CA ALA E 108 12.26 55.51 1.06
C ALA E 108 13.68 55.63 0.50
N LYS E 109 14.64 54.94 1.11
CA LYS E 109 16.04 55.00 0.62
C LYS E 109 16.07 54.41 -0.78
N PRO E 110 16.99 54.86 -1.67
CA PRO E 110 17.01 54.46 -3.08
C PRO E 110 16.91 52.96 -3.38
N GLU E 111 17.52 52.10 -2.55
CA GLU E 111 17.59 50.63 -2.83
C GLU E 111 16.31 49.91 -2.33
N ALA E 112 15.44 50.61 -1.61
CA ALA E 112 14.22 50.03 -1.02
C ALA E 112 13.29 49.57 -2.16
N ILE E 113 12.75 48.36 -2.02
CA ILE E 113 11.68 47.79 -2.89
C ILE E 113 10.34 48.13 -2.27
N LEU E 114 9.39 48.59 -3.11
CA LEU E 114 7.99 48.86 -2.72
C LEU E 114 7.09 47.78 -3.34
N ALA E 115 6.16 47.26 -2.56
CA ALA E 115 5.29 46.15 -2.95
C ALA E 115 3.85 46.47 -2.54
N SER E 116 2.88 45.99 -3.32
CA SER E 116 1.43 46.11 -3.05
C SER E 116 0.84 44.72 -2.83
N ASN E 117 -0.04 44.61 -1.84
CA ASN E 117 -0.89 43.43 -1.57
C ASN E 117 -2.22 43.56 -2.32
N THR E 118 -2.34 44.48 -3.27
CA THR E 118 -3.65 44.75 -3.95
C THR E 118 -4.24 43.45 -4.52
N SER E 119 -5.56 43.30 -4.43
CA SER E 119 -6.31 42.17 -5.03
C SER E 119 -6.45 42.38 -6.53
N SER E 120 -6.56 43.62 -7.00
CA SER E 120 -7.16 43.90 -8.33
C SER E 120 -6.54 45.10 -9.05
N ILE E 121 -5.87 46.05 -8.38
CA ILE E 121 -5.36 47.27 -9.03
C ILE E 121 -4.09 46.93 -9.80
N PRO E 122 -3.93 47.39 -11.06
CA PRO E 122 -2.78 47.00 -11.86
C PRO E 122 -1.45 47.37 -11.19
N ILE E 123 -0.57 46.39 -11.10
CA ILE E 123 0.76 46.56 -10.48
C ILE E 123 1.53 47.61 -11.28
N THR E 124 1.39 47.59 -12.60
CA THR E 124 2.17 48.48 -13.49
C THR E 124 1.79 49.94 -13.23
N ALA E 125 0.51 50.21 -12.96
CA ALA E 125 0.03 51.57 -12.63
C ALA E 125 0.65 52.02 -11.28
N LEU E 126 0.57 51.17 -10.26
CA LEU E 126 1.09 51.51 -8.91
C LEU E 126 2.60 51.73 -9.01
N ALA E 127 3.29 50.93 -9.82
CA ALA E 127 4.75 51.03 -10.08
C ALA E 127 5.09 52.43 -10.60
N ARG E 128 4.30 52.94 -11.56
CA ARG E 128 4.48 54.30 -12.13
C ARG E 128 4.31 55.32 -11.00
N TYR E 129 3.27 55.21 -10.18
CA TYR E 129 3.01 56.16 -9.06
C TYR E 129 4.19 56.18 -8.06
N SER E 130 4.86 55.04 -7.89
CA SER E 130 5.97 54.86 -6.94
C SER E 130 7.21 55.66 -7.37
N GLY E 131 7.35 55.95 -8.67
CA GLY E 131 8.55 56.61 -9.21
C GLY E 131 9.72 55.65 -9.32
N ARG E 132 9.60 54.40 -8.89
CA ARG E 132 10.72 53.41 -9.00
C ARG E 132 10.19 52.08 -9.52
N PRO E 133 9.65 52.04 -10.76
CA PRO E 133 8.95 50.84 -11.25
C PRO E 133 9.79 49.57 -11.29
N GLU E 134 11.10 49.67 -11.55
CA GLU E 134 12.01 48.50 -11.58
C GLU E 134 12.11 47.90 -10.16
N ARG E 135 11.84 48.70 -9.13
CA ARG E 135 11.92 48.28 -7.70
C ARG E 135 10.49 48.23 -7.11
N PHE E 136 9.51 47.93 -7.97
CA PHE E 136 8.09 47.78 -7.57
C PHE E 136 7.62 46.39 -7.97
N ILE E 137 6.80 45.77 -7.13
CA ILE E 137 6.29 44.42 -7.42
C ILE E 137 4.99 44.21 -6.64
N GLY E 138 4.15 43.29 -7.14
CA GLY E 138 2.98 42.81 -6.41
C GLY E 138 3.41 41.69 -5.49
N MET E 139 3.06 41.79 -4.22
CA MET E 139 3.29 40.69 -3.26
C MET E 139 1.95 40.40 -2.61
N HIS E 140 1.21 39.46 -3.20
CA HIS E 140 -0.22 39.22 -2.93
C HIS E 140 -0.33 38.03 -1.98
N PHE E 141 -0.63 38.30 -0.71
CA PHE E 141 -0.78 37.28 0.36
C PHE E 141 -2.23 36.81 0.37
N PHE E 142 -2.50 35.73 1.11
CA PHE E 142 -3.81 35.06 1.22
C PHE E 142 -4.27 35.08 2.69
N ASN E 143 -5.56 35.31 2.85
CA ASN E 143 -6.24 35.55 4.14
C ASN E 143 -6.59 34.20 4.77
N PRO E 144 -6.24 33.91 6.05
CA PRO E 144 -5.41 34.77 6.90
C PRO E 144 -3.91 34.49 6.72
N VAL E 145 -3.12 35.55 6.72
CA VAL E 145 -1.71 35.51 6.27
C VAL E 145 -0.91 34.49 7.10
N PRO E 146 -1.04 34.43 8.45
CA PRO E 146 -0.22 33.51 9.24
C PRO E 146 -0.44 32.04 8.89
N LEU E 147 -1.61 31.69 8.35
CA LEU E 147 -2.05 30.31 8.08
C LEU E 147 -1.88 29.96 6.59
N MET E 148 -1.86 30.94 5.67
CA MET E 148 -1.89 30.61 4.21
C MET E 148 -0.47 30.64 3.65
N GLN E 149 -0.02 29.52 3.09
CA GLN E 149 1.35 29.33 2.56
C GLN E 149 1.58 30.14 1.27
N LEU E 150 0.54 30.47 0.51
CA LEU E 150 0.75 31.05 -0.84
C LEU E 150 1.12 32.53 -0.77
N VAL E 151 2.09 32.96 -1.56
CA VAL E 151 2.24 34.37 -2.01
C VAL E 151 2.22 34.37 -3.55
N GLU E 152 1.33 35.15 -4.13
CA GLU E 152 1.25 35.39 -5.59
C GLU E 152 2.14 36.62 -5.85
N VAL E 153 3.25 36.42 -6.53
CA VAL E 153 4.24 37.49 -6.81
C VAL E 153 3.98 38.00 -8.23
N ILE E 154 3.65 39.27 -8.35
CA ILE E 154 3.10 39.85 -9.61
C ILE E 154 4.12 40.84 -10.17
N ARG E 155 4.69 40.51 -11.32
CA ARG E 155 5.63 41.38 -12.06
C ARG E 155 4.85 42.47 -12.79
N GLY E 156 5.15 43.72 -12.49
CA GLY E 156 4.78 44.87 -13.31
C GLY E 156 5.55 44.81 -14.62
N GLU E 157 5.15 45.57 -15.63
CA GLU E 157 5.85 45.64 -16.94
C GLU E 157 7.34 45.86 -16.70
N LEU E 158 7.72 46.71 -15.75
CA LEU E 158 9.11 47.19 -15.57
C LEU E 158 9.81 46.51 -14.38
N THR E 159 9.15 45.60 -13.66
CA THR E 159 9.75 44.98 -12.46
C THR E 159 11.05 44.29 -12.87
N SER E 160 12.18 44.60 -12.22
CA SER E 160 13.50 43.98 -12.52
C SER E 160 13.52 42.54 -12.00
N GLU E 161 14.37 41.71 -12.62
CA GLU E 161 14.77 40.36 -12.15
C GLU E 161 15.23 40.42 -10.68
N ALA E 162 16.07 41.40 -10.36
CA ALA E 162 16.65 41.58 -9.00
C ALA E 162 15.51 41.78 -8.00
N THR E 163 14.52 42.63 -8.33
CA THR E 163 13.38 42.93 -7.42
C THR E 163 12.63 41.64 -7.17
N ARG E 164 12.36 40.85 -8.22
CA ARG E 164 11.63 39.57 -8.09
CA ARG E 164 11.63 39.57 -8.09
C ARG E 164 12.42 38.63 -7.19
N ASP E 165 13.74 38.52 -7.40
CA ASP E 165 14.60 37.58 -6.61
C ASP E 165 14.52 37.93 -5.12
N VAL E 166 14.58 39.21 -4.77
CA VAL E 166 14.58 39.68 -3.36
C VAL E 166 13.24 39.29 -2.73
N VAL E 167 12.13 39.56 -3.41
CA VAL E 167 10.77 39.38 -2.82
C VAL E 167 10.47 37.88 -2.74
N VAL E 168 10.91 37.09 -3.72
CA VAL E 168 10.74 35.61 -3.68
C VAL E 168 11.49 35.05 -2.46
N GLU E 169 12.70 35.55 -2.18
CA GLU E 169 13.52 35.10 -1.02
C GLU E 169 12.82 35.54 0.28
N VAL E 170 12.29 36.75 0.36
CA VAL E 170 11.57 37.20 1.58
C VAL E 170 10.40 36.26 1.85
N ALA E 171 9.63 35.91 0.82
CA ALA E 171 8.45 35.02 0.93
C ALA E 171 8.91 33.66 1.49
N ARG E 172 10.00 33.12 0.96
CA ARG E 172 10.56 31.83 1.41
C ARG E 172 10.99 31.94 2.88
N ARG E 173 11.64 33.02 3.27
CA ARG E 173 12.06 33.19 4.70
C ARG E 173 10.82 33.31 5.58
N MET E 174 9.70 33.82 5.04
CA MET E 174 8.42 33.91 5.79
C MET E 174 7.74 32.54 5.88
N GLY E 175 8.33 31.49 5.30
CA GLY E 175 7.75 30.13 5.29
C GLY E 175 6.67 29.99 4.23
N LYS E 176 6.66 30.87 3.22
CA LYS E 176 5.60 30.88 2.18
C LYS E 176 6.13 30.24 0.89
N THR E 177 5.21 29.85 0.00
CA THR E 177 5.51 29.40 -1.37
C THR E 177 5.16 30.51 -2.34
N PRO E 178 6.17 31.25 -2.85
CA PRO E 178 5.93 32.32 -3.83
C PRO E 178 5.74 31.74 -5.23
N LEU E 179 4.64 32.08 -5.89
CA LEU E 179 4.39 31.64 -7.29
C LEU E 179 4.16 32.90 -8.14
N GLU E 180 4.85 32.95 -9.25
CA GLU E 180 5.05 34.16 -10.07
C GLU E 180 3.99 34.23 -11.16
N VAL E 181 3.48 35.44 -11.40
CA VAL E 181 2.38 35.71 -12.36
C VAL E 181 2.67 37.06 -12.99
N GLN E 182 2.17 37.28 -14.20
CA GLN E 182 2.28 38.58 -14.90
C GLN E 182 1.13 39.48 -14.46
N ASP E 183 1.34 40.78 -14.54
CA ASP E 183 0.36 41.84 -14.23
C ASP E 183 -0.67 41.95 -15.37
N TYR E 184 -1.75 41.17 -15.27
CA TYR E 184 -2.95 41.23 -16.11
C TYR E 184 -4.14 41.11 -15.17
N PRO E 185 -5.33 41.56 -15.60
CA PRO E 185 -6.47 41.67 -14.69
C PRO E 185 -6.78 40.34 -14.00
N GLY E 186 -6.93 40.39 -12.66
CA GLY E 186 -7.25 39.21 -11.83
C GLY E 186 -6.03 38.35 -11.55
N PHE E 187 -4.87 38.72 -12.08
CA PHE E 187 -3.62 37.92 -11.93
C PHE E 187 -3.95 36.48 -12.33
N ILE E 188 -3.67 35.48 -11.48
CA ILE E 188 -4.24 34.12 -11.65
C ILE E 188 -5.37 33.89 -10.65
N SER E 189 -5.11 34.13 -9.36
CA SER E 189 -6.02 33.74 -8.25
C SER E 189 -7.45 34.22 -8.54
N ASN E 190 -7.64 35.52 -8.73
CA ASN E 190 -8.99 36.13 -8.84
C ASN E 190 -9.58 35.89 -10.24
N ARG E 191 -8.72 35.87 -11.25
CA ARG E 191 -9.15 35.61 -12.64
C ARG E 191 -9.78 34.21 -12.73
N LEU E 192 -9.30 33.23 -11.97
CA LEU E 192 -9.81 31.84 -12.04
C LEU E 192 -10.99 31.68 -11.07
N LEU E 193 -10.86 32.21 -9.86
CA LEU E 193 -11.87 31.98 -8.81
C LEU E 193 -13.17 32.76 -9.10
N MET E 194 -13.06 34.05 -9.38
CA MET E 194 -14.24 34.93 -9.23
C MET E 194 -15.25 34.66 -10.35
N PRO E 195 -14.86 34.42 -11.62
CA PRO E 195 -15.84 34.09 -12.65
C PRO E 195 -16.68 32.83 -12.38
N MET E 196 -16.10 31.84 -11.68
CA MET E 196 -16.85 30.65 -11.26
C MET E 196 -17.88 31.01 -10.17
N ILE E 197 -17.51 31.85 -9.20
CA ILE E 197 -18.47 32.34 -8.17
C ILE E 197 -19.58 33.10 -8.89
N ASN E 198 -19.19 33.99 -9.79
CA ASN E 198 -20.15 34.80 -10.58
C ASN E 198 -21.12 33.90 -11.36
N GLU E 199 -20.63 32.81 -11.94
CA GLU E 199 -21.44 31.84 -12.70
C GLU E 199 -22.43 31.14 -11.75
N ALA E 200 -22.01 30.79 -10.55
CA ALA E 200 -22.92 30.19 -9.54
C ALA E 200 -24.06 31.18 -9.24
N ILE E 201 -23.74 32.47 -9.12
CA ILE E 201 -24.75 33.52 -8.82
C ILE E 201 -25.72 33.62 -10.00
N GLU E 202 -25.23 33.55 -11.23
CA GLU E 202 -26.08 33.60 -12.46
C GLU E 202 -26.97 32.35 -12.50
N ALA E 203 -26.43 31.16 -12.23
CA ALA E 203 -27.23 29.91 -12.19
C ALA E 203 -28.33 30.05 -11.15
N LEU E 204 -28.01 30.63 -9.99
CA LEU E 204 -29.00 30.87 -8.93
C LEU E 204 -30.08 31.82 -9.44
N ARG E 205 -29.67 32.93 -10.07
CA ARG E 205 -30.65 33.94 -10.57
C ARG E 205 -31.58 33.28 -11.59
N GLU E 206 -31.04 32.43 -12.47
CA GLU E 206 -31.80 31.78 -13.57
C GLU E 206 -32.72 30.67 -13.02
N GLY E 207 -32.64 30.35 -11.73
CA GLY E 207 -33.44 29.25 -11.14
C GLY E 207 -32.98 27.88 -11.57
N VAL E 208 -31.71 27.71 -11.96
CA VAL E 208 -31.19 26.38 -12.38
C VAL E 208 -31.17 25.45 -11.15
N ALA E 209 -30.88 25.96 -9.96
CA ALA E 209 -30.82 25.17 -8.73
C ALA E 209 -30.88 26.12 -7.53
N THR E 210 -31.17 25.60 -6.35
CA THR E 210 -31.11 26.35 -5.07
C THR E 210 -29.65 26.59 -4.69
N LYS E 211 -29.44 27.52 -3.76
CA LYS E 211 -28.10 27.81 -3.21
C LYS E 211 -27.52 26.53 -2.58
N GLU E 212 -28.33 25.76 -1.86
CA GLU E 212 -27.87 24.51 -1.18
C GLU E 212 -27.42 23.49 -2.22
N ALA E 213 -28.18 23.34 -3.30
CA ALA E 213 -27.86 22.37 -4.37
C ALA E 213 -26.55 22.80 -5.04
N ILE E 214 -26.41 24.09 -5.32
CA ILE E 214 -25.19 24.63 -6.00
C ILE E 214 -23.99 24.39 -5.11
N ASP E 215 -24.05 24.77 -3.85
CA ASP E 215 -22.87 24.65 -2.95
C ASP E 215 -22.57 23.16 -2.70
N GLY E 216 -23.61 22.35 -2.51
CA GLY E 216 -23.45 20.90 -2.28
C GLY E 216 -22.81 20.19 -3.46
N ILE E 217 -23.22 20.57 -4.68
CA ILE E 217 -22.66 19.96 -5.91
C ILE E 217 -21.16 20.28 -5.96
N MET E 218 -20.76 21.51 -5.65
CA MET E 218 -19.32 21.87 -5.78
C MET E 218 -18.52 21.25 -4.63
N ARG E 219 -19.07 21.17 -3.43
CA ARG E 219 -18.38 20.51 -2.28
C ARG E 219 -18.21 19.02 -2.55
N LEU E 220 -19.32 18.33 -2.81
CA LEU E 220 -19.34 16.84 -2.90
C LEU E 220 -18.78 16.37 -4.26
N GLY E 221 -19.08 17.08 -5.34
CA GLY E 221 -18.70 16.63 -6.70
C GLY E 221 -17.27 17.02 -7.02
N MET E 222 -16.85 18.22 -6.65
CA MET E 222 -15.57 18.80 -7.09
C MET E 222 -14.60 18.86 -5.91
N ASN E 223 -15.02 18.45 -4.70
CA ASN E 223 -14.18 18.50 -3.48
C ASN E 223 -13.65 19.91 -3.19
N HIS E 224 -14.43 20.95 -3.50
CA HIS E 224 -14.14 22.33 -3.02
C HIS E 224 -14.50 22.35 -1.54
N PRO E 225 -13.66 22.92 -0.65
CA PRO E 225 -13.97 22.96 0.78
C PRO E 225 -15.22 23.78 1.08
N MET E 226 -15.43 24.86 0.32
CA MET E 226 -16.67 25.68 0.39
C MET E 226 -17.29 25.76 -1.01
N GLY E 227 -18.60 25.70 -1.10
CA GLY E 227 -19.33 26.01 -2.33
C GLY E 227 -19.18 27.49 -2.67
N PRO E 228 -19.39 27.88 -3.95
CA PRO E 228 -19.14 29.26 -4.39
C PRO E 228 -20.04 30.32 -3.73
N LEU E 229 -21.27 29.98 -3.38
CA LEU E 229 -22.19 31.00 -2.81
C LEU E 229 -21.82 31.29 -1.35
N GLU E 230 -21.57 30.25 -0.54
CA GLU E 230 -21.08 30.43 0.84
C GLU E 230 -19.69 31.09 0.78
N LEU E 231 -18.86 30.75 -0.20
CA LEU E 231 -17.54 31.40 -0.35
C LEU E 231 -17.72 32.89 -0.67
N ALA E 232 -18.63 33.24 -1.57
CA ALA E 232 -18.90 34.67 -1.90
C ALA E 232 -19.27 35.42 -0.60
N ASP E 233 -20.14 34.84 0.22
CA ASP E 233 -20.56 35.42 1.52
C ASP E 233 -19.34 35.64 2.42
N PHE E 234 -18.40 34.71 2.39
CA PHE E 234 -17.17 34.74 3.24
C PHE E 234 -16.26 35.88 2.75
N ILE E 235 -16.06 35.97 1.44
CA ILE E 235 -15.19 37.01 0.84
C ILE E 235 -15.84 38.40 1.03
N GLY E 236 -17.15 38.49 1.01
CA GLY E 236 -17.92 39.73 0.86
C GLY E 236 -18.38 39.96 -0.59
N LEU E 237 -19.69 40.17 -0.79
CA LEU E 237 -20.28 40.32 -2.14
C LEU E 237 -19.81 41.64 -2.77
N ASP E 238 -19.53 42.66 -1.95
CA ASP E 238 -18.94 43.93 -2.44
C ASP E 238 -17.57 43.64 -3.06
N THR E 239 -16.74 42.83 -2.40
CA THR E 239 -15.40 42.48 -2.92
C THR E 239 -15.55 41.66 -4.22
N CYS E 240 -16.46 40.68 -4.23
CA CYS E 240 -16.73 39.84 -5.42
C CYS E 240 -17.11 40.74 -6.60
N LEU E 241 -18.04 41.67 -6.38
CA LEU E 241 -18.49 42.58 -7.46
C LEU E 241 -17.31 43.43 -7.94
N ALA E 242 -16.51 43.99 -7.03
CA ALA E 242 -15.38 44.87 -7.40
C ALA E 242 -14.39 44.08 -8.27
N ILE E 243 -14.14 42.82 -7.94
CA ILE E 243 -13.16 41.99 -8.72
C ILE E 243 -13.75 41.68 -10.10
N MET E 244 -15.04 41.35 -10.17
CA MET E 244 -15.68 41.08 -11.50
C MET E 244 -15.62 42.38 -12.32
N GLU E 245 -15.81 43.55 -11.72
CA GLU E 245 -15.75 44.84 -12.47
C GLU E 245 -14.35 45.04 -13.03
N VAL E 246 -13.32 44.70 -12.26
CA VAL E 246 -11.92 44.84 -12.73
C VAL E 246 -11.69 43.92 -13.92
N LEU E 247 -12.18 42.68 -13.87
CA LEU E 247 -12.04 41.73 -15.01
C LEU E 247 -12.80 42.31 -16.21
N HIS E 248 -14.02 42.79 -16.00
CA HIS E 248 -14.88 43.28 -17.10
C HIS E 248 -14.21 44.50 -17.76
N ARG E 249 -13.73 45.46 -16.97
CA ARG E 249 -13.14 46.73 -17.48
C ARG E 249 -11.73 46.48 -18.03
N GLY E 250 -10.95 45.62 -17.37
CA GLY E 250 -9.55 45.34 -17.74
C GLY E 250 -9.45 44.51 -19.01
N PHE E 251 -10.21 43.43 -19.14
CA PHE E 251 -10.25 42.65 -20.40
C PHE E 251 -11.11 43.39 -21.42
N GLY E 252 -12.05 44.23 -20.96
CA GLY E 252 -13.00 44.93 -21.84
C GLY E 252 -13.97 43.99 -22.53
N ASP E 253 -14.19 42.82 -21.92
CA ASP E 253 -14.89 41.68 -22.52
C ASP E 253 -16.09 41.32 -21.63
N ASP E 254 -17.30 41.39 -22.19
CA ASP E 254 -18.62 40.96 -21.66
C ASP E 254 -18.58 39.58 -21.01
N LYS E 255 -17.69 38.72 -21.48
CA LYS E 255 -17.42 37.41 -20.86
C LYS E 255 -17.40 37.57 -19.33
N TYR E 256 -16.82 38.66 -18.84
CA TYR E 256 -16.56 38.87 -17.39
C TYR E 256 -17.62 39.77 -16.75
N ARG E 257 -18.78 39.95 -17.37
CA ARG E 257 -19.83 40.83 -16.80
C ARG E 257 -20.30 40.27 -15.46
N PRO E 258 -20.39 41.13 -14.43
CA PRO E 258 -20.98 40.73 -13.15
C PRO E 258 -22.44 40.28 -13.30
N SER E 259 -22.82 39.25 -12.55
CA SER E 259 -24.25 38.85 -12.47
C SER E 259 -25.08 40.04 -12.02
N PRO E 260 -26.21 40.32 -12.69
CA PRO E 260 -27.16 41.31 -12.19
C PRO E 260 -27.65 41.01 -10.76
N LEU E 261 -27.72 39.74 -10.35
CA LEU E 261 -28.12 39.39 -8.97
C LEU E 261 -27.02 39.82 -8.01
N LEU E 262 -25.74 39.64 -8.38
CA LEU E 262 -24.63 40.12 -7.54
C LEU E 262 -24.76 41.65 -7.37
N ARG E 263 -25.01 42.40 -8.44
CA ARG E 263 -25.15 43.88 -8.33
C ARG E 263 -26.31 44.21 -7.38
N ARG E 264 -27.44 43.51 -7.53
CA ARG E 264 -28.66 43.80 -6.74
C ARG E 264 -28.41 43.52 -5.24
N MET E 265 -27.74 42.42 -4.93
CA MET E 265 -27.44 42.03 -3.54
C MET E 265 -26.59 43.15 -2.90
N VAL E 266 -25.60 43.65 -3.63
CA VAL E 266 -24.67 44.70 -3.12
C VAL E 266 -25.48 45.99 -2.94
N GLN E 267 -26.37 46.35 -3.87
CA GLN E 267 -27.22 47.57 -3.75
C GLN E 267 -28.08 47.48 -2.47
N ALA E 268 -28.52 46.27 -2.10
CA ALA E 268 -29.37 46.02 -0.93
C ALA E 268 -28.54 46.00 0.37
N GLY E 269 -27.21 45.98 0.28
CA GLY E 269 -26.29 45.85 1.43
C GLY E 269 -26.25 44.44 1.98
N LEU E 270 -26.67 43.45 1.21
CA LEU E 270 -26.59 42.03 1.59
C LEU E 270 -25.18 41.53 1.25
N LEU E 271 -24.18 41.92 2.03
CA LEU E 271 -22.75 41.81 1.62
C LEU E 271 -22.15 40.47 2.05
N GLY E 272 -22.89 39.63 2.75
CA GLY E 272 -22.38 38.33 3.25
C GLY E 272 -22.16 38.32 4.75
N ARG E 273 -21.18 37.54 5.22
CA ARG E 273 -20.94 37.27 6.66
C ARG E 273 -20.80 38.61 7.39
N LYS E 274 -20.02 39.55 6.85
CA LYS E 274 -19.73 40.84 7.52
C LYS E 274 -20.99 41.69 7.69
N ALA E 275 -22.08 41.44 6.97
CA ALA E 275 -23.33 42.21 7.11
C ALA E 275 -24.37 41.35 7.82
N GLY E 276 -24.03 40.12 8.17
CA GLY E 276 -24.98 39.16 8.77
C GLY E 276 -25.90 38.50 7.74
N ARG E 277 -25.79 38.85 6.45
CA ARG E 277 -26.63 38.24 5.39
C ARG E 277 -26.04 38.50 3.99
N GLY E 278 -25.93 37.43 3.20
CA GLY E 278 -25.67 37.48 1.75
C GLY E 278 -26.60 36.49 1.11
N PHE E 279 -26.05 35.43 0.52
CA PHE E 279 -26.87 34.29 0.01
C PHE E 279 -27.48 33.55 1.19
N TYR E 280 -26.72 33.43 2.28
CA TYR E 280 -27.16 32.79 3.54
C TYR E 280 -27.30 33.87 4.62
N THR E 281 -27.93 33.52 5.74
CA THR E 281 -28.08 34.38 6.94
C THR E 281 -27.11 33.86 8.01
N TYR E 282 -26.41 34.77 8.68
CA TYR E 282 -25.37 34.48 9.69
C TYR E 282 -25.77 35.07 11.06
N ASP E 283 -25.41 34.40 12.15
CA ASP E 283 -25.50 34.93 13.55
C ASP E 283 -24.27 35.81 13.79
N GLU E 284 -24.14 36.38 15.00
CA GLU E 284 -23.05 37.34 15.36
C GLU E 284 -21.68 36.65 15.29
N LYS E 285 -21.61 35.32 15.43
CA LYS E 285 -20.34 34.55 15.40
C LYS E 285 -19.97 34.17 13.95
N GLY E 286 -20.86 34.41 12.99
CA GLY E 286 -20.62 34.13 11.57
C GLY E 286 -20.96 32.69 11.17
N ASN E 287 -21.80 32.00 11.93
CA ASN E 287 -22.36 30.67 11.55
C ASN E 287 -23.70 30.87 10.85
N LYS E 288 -24.03 30.00 9.89
CA LYS E 288 -25.33 30.04 9.16
C LYS E 288 -26.46 29.80 10.17
N VAL E 289 -27.63 30.38 9.96
CA VAL E 289 -28.79 30.25 10.89
C VAL E 289 -30.05 30.11 10.03
N GLY E 290 -30.96 29.21 10.41
CA GLY E 290 -32.28 29.02 9.76
C GLY E 290 -32.18 28.01 8.63
CA GLU F 2 19.09 -2.73 38.63
C GLU F 2 19.53 -1.54 37.77
N VAL F 3 19.47 -1.66 36.43
CA VAL F 3 19.88 -0.54 35.52
C VAL F 3 18.69 0.39 35.32
N LYS F 4 18.76 1.59 35.89
CA LYS F 4 17.73 2.65 35.75
C LYS F 4 18.32 3.87 35.04
N ARG F 5 19.60 4.14 35.30
CA ARG F 5 20.29 5.39 34.92
C ARG F 5 21.47 5.03 34.00
N ILE F 6 21.49 5.58 32.79
CA ILE F 6 22.59 5.33 31.82
C ILE F 6 23.29 6.65 31.51
N GLY F 7 24.61 6.65 31.68
CA GLY F 7 25.51 7.72 31.21
C GLY F 7 26.01 7.42 29.81
N VAL F 8 26.04 8.44 28.95
CA VAL F 8 26.68 8.36 27.61
C VAL F 8 27.71 9.49 27.51
N VAL F 9 28.96 9.16 27.22
CA VAL F 9 30.04 10.16 27.06
C VAL F 9 30.36 10.27 25.57
N GLY F 10 30.13 11.45 25.01
CA GLY F 10 30.29 11.75 23.57
C GLY F 10 28.92 11.89 22.94
N ALA F 11 28.56 13.11 22.53
CA ALA F 11 27.27 13.45 21.91
C ALA F 11 27.48 13.56 20.39
N GLY F 12 28.32 12.67 19.84
CA GLY F 12 28.62 12.65 18.40
C GLY F 12 27.66 11.76 17.64
N GLN F 13 28.09 11.33 16.45
CA GLN F 13 27.32 10.46 15.53
C GLN F 13 26.77 9.26 16.31
N MET F 14 27.59 8.60 17.11
CA MET F 14 27.21 7.32 17.77
C MET F 14 26.57 7.62 19.14
N GLY F 15 27.22 8.44 19.97
CA GLY F 15 26.76 8.71 21.35
C GLY F 15 25.35 9.29 21.37
N SER F 16 25.00 10.17 20.43
CA SER F 16 23.67 10.81 20.39
C SER F 16 22.63 9.73 20.04
N GLY F 17 22.98 8.76 19.18
CA GLY F 17 22.11 7.61 18.89
C GLY F 17 21.97 6.69 20.09
N ILE F 18 23.06 6.41 20.80
CA ILE F 18 23.03 5.51 21.99
C ILE F 18 22.12 6.18 23.06
N ALA F 19 22.30 7.48 23.31
CA ALA F 19 21.47 8.25 24.26
C ALA F 19 20.01 8.13 23.87
N GLN F 20 19.69 8.31 22.58
CA GLN F 20 18.29 8.25 22.09
C GLN F 20 17.69 6.86 22.37
N VAL F 21 18.39 5.78 21.99
CA VAL F 21 17.82 4.41 22.09
C VAL F 21 17.66 4.05 23.57
N ALA F 22 18.59 4.50 24.44
CA ALA F 22 18.51 4.29 25.90
C ALA F 22 17.25 4.99 26.46
N ALA F 23 17.02 6.25 26.05
CA ALA F 23 15.88 7.07 26.50
C ALA F 23 14.56 6.45 26.02
N SER F 24 14.51 6.02 24.74
CA SER F 24 13.31 5.38 24.14
C SER F 24 12.99 4.07 24.87
N ALA F 25 13.98 3.42 25.47
CA ALA F 25 13.83 2.12 26.16
C ALA F 25 13.30 2.32 27.58
N GLY F 26 13.28 3.56 28.09
CA GLY F 26 12.75 3.90 29.42
C GLY F 26 13.84 4.21 30.43
N TYR F 27 15.12 4.20 30.05
CA TYR F 27 16.22 4.56 30.97
C TYR F 27 16.31 6.09 31.09
N GLU F 28 16.65 6.57 32.30
CA GLU F 28 17.10 7.95 32.54
C GLU F 28 18.50 8.08 31.95
N VAL F 29 18.74 9.11 31.15
CA VAL F 29 20.01 9.29 30.41
C VAL F 29 20.66 10.62 30.79
N VAL F 30 21.96 10.59 31.06
CA VAL F 30 22.83 11.78 31.15
C VAL F 30 23.86 11.69 30.01
N LEU F 31 23.78 12.64 29.07
CA LEU F 31 24.67 12.74 27.89
C LEU F 31 25.72 13.84 28.15
N VAL F 32 27.00 13.48 28.11
CA VAL F 32 28.15 14.36 28.46
C VAL F 32 29.01 14.61 27.23
N ASP F 33 29.52 15.83 27.06
CA ASP F 33 30.54 16.16 26.02
C ASP F 33 31.45 17.26 26.59
N VAL F 34 32.30 17.85 25.76
CA VAL F 34 33.34 18.84 26.19
C VAL F 34 32.90 20.27 25.85
N ALA F 35 31.80 20.49 25.12
CA ALA F 35 31.31 21.84 24.78
C ALA F 35 29.80 21.82 24.53
N GLU F 36 29.12 22.92 24.86
CA GLU F 36 27.64 23.06 24.75
C GLU F 36 27.22 22.88 23.29
N SER F 37 27.99 23.40 22.33
CA SER F 37 27.68 23.32 20.87
C SER F 37 27.53 21.86 20.44
N PHE F 38 28.38 20.98 20.97
CA PHE F 38 28.41 19.53 20.63
C PHE F 38 27.16 18.85 21.22
N LEU F 39 26.79 19.19 22.46
CA LEU F 39 25.54 18.70 23.12
C LEU F 39 24.32 19.14 22.29
N GLU F 40 24.29 20.40 21.85
CA GLU F 40 23.17 20.95 21.03
C GLU F 40 23.08 20.21 19.70
N ARG F 41 24.21 19.98 19.03
CA ARG F 41 24.27 19.21 17.75
C ARG F 41 23.71 17.80 18.00
N GLY F 42 24.11 17.19 19.13
CA GLY F 42 23.63 15.85 19.53
C GLY F 42 22.13 15.81 19.73
N LEU F 43 21.55 16.70 20.56
CA LEU F 43 20.08 16.63 20.79
C LEU F 43 19.32 17.05 19.52
N ALA F 44 19.90 17.86 18.63
CA ALA F 44 19.29 18.17 17.31
C ALA F 44 19.14 16.86 16.50
N ALA F 45 20.19 16.03 16.46
CA ALA F 45 20.14 14.72 15.76
C ALA F 45 19.07 13.83 16.40
N ILE F 46 18.96 13.83 17.74
CA ILE F 46 17.96 13.01 18.48
C ILE F 46 16.53 13.48 18.14
N ARG F 47 16.28 14.79 18.12
CA ARG F 47 14.96 15.36 17.79
C ARG F 47 14.60 14.99 16.35
N ARG F 48 15.54 15.10 15.41
CA ARG F 48 15.28 14.77 13.97
C ARG F 48 14.86 13.29 13.87
N SER F 49 15.59 12.40 14.55
CA SER F 49 15.36 10.94 14.46
C SER F 49 14.03 10.58 15.13
N LEU F 50 13.81 10.99 16.38
CA LEU F 50 12.54 10.74 17.10
C LEU F 50 11.37 11.35 16.32
N GLY F 51 11.59 12.52 15.72
CA GLY F 51 10.60 13.20 14.85
C GLY F 51 10.16 12.30 13.70
N LYS F 52 11.12 11.67 13.01
CA LYS F 52 10.82 10.74 11.90
C LYS F 52 10.07 9.50 12.43
N PHE F 53 10.46 8.95 13.58
CA PHE F 53 9.78 7.76 14.17
C PHE F 53 8.31 8.11 14.44
N LEU F 54 8.07 9.30 15.00
CA LEU F 54 6.70 9.81 15.31
C LEU F 54 5.90 9.98 14.01
N GLU F 55 6.46 10.70 13.04
CA GLU F 55 5.83 10.99 11.73
C GLU F 55 5.38 9.67 11.07
N LYS F 56 6.20 8.61 11.11
CA LYS F 56 5.91 7.32 10.41
C LYS F 56 5.09 6.39 11.31
N GLY F 57 4.64 6.83 12.49
CA GLY F 57 3.75 6.04 13.34
C GLY F 57 4.46 4.91 14.06
N LYS F 58 5.80 4.94 14.12
CA LYS F 58 6.61 3.90 14.81
C LYS F 58 6.52 4.13 16.34
N ILE F 59 6.35 5.38 16.79
CA ILE F 59 6.12 5.69 18.24
C ILE F 59 4.93 6.65 18.34
N THR F 60 4.38 6.75 19.56
CA THR F 60 3.28 7.68 19.92
C THR F 60 3.86 9.05 20.32
N GLN F 61 3.05 10.10 20.29
CA GLN F 61 3.39 11.45 20.83
C GLN F 61 3.95 11.31 22.24
N GLU F 62 3.28 10.52 23.10
CA GLU F 62 3.66 10.34 24.54
C GLU F 62 5.10 9.83 24.60
N ALA F 63 5.38 8.71 23.95
CA ALA F 63 6.68 8.01 23.95
C ALA F 63 7.76 8.97 23.41
N HIS F 64 7.48 9.68 22.32
CA HIS F 64 8.35 10.74 21.73
C HIS F 64 8.72 11.75 22.83
N ASP F 65 7.73 12.34 23.48
CA ASP F 65 7.93 13.45 24.44
C ASP F 65 8.63 12.90 25.70
N GLU F 66 8.21 11.72 26.16
CA GLU F 66 8.76 11.10 27.39
C GLU F 66 10.24 10.73 27.16
N ALA F 67 10.60 10.24 25.97
CA ALA F 67 11.99 9.87 25.61
C ALA F 67 12.88 11.11 25.74
N LEU F 68 12.49 12.23 25.09
CA LEU F 68 13.24 13.50 25.17
C LEU F 68 13.32 13.96 26.63
N GLY F 69 12.23 13.78 27.39
CA GLY F 69 12.14 14.16 28.81
C GLY F 69 13.11 13.38 29.68
N ARG F 70 13.57 12.19 29.24
CA ARG F 70 14.48 11.34 30.05
C ARG F 70 15.96 11.66 29.77
N ILE F 71 16.26 12.57 28.84
CA ILE F 71 17.65 12.95 28.46
C ILE F 71 18.03 14.28 29.11
N ARG F 72 19.07 14.29 29.94
CA ARG F 72 19.72 15.52 30.48
C ARG F 72 21.13 15.60 29.88
N THR F 73 21.57 16.79 29.46
CA THR F 73 22.95 17.03 28.95
C THR F 73 23.78 17.67 30.06
N SER F 74 25.11 17.59 29.96
CA SER F 74 26.05 18.09 30.99
C SER F 74 27.47 18.19 30.41
N LEU F 75 28.30 19.05 30.98
CA LEU F 75 29.74 19.15 30.64
C LEU F 75 30.54 18.50 31.76
N SER F 76 29.87 17.91 32.75
CA SER F 76 30.52 17.41 33.99
C SER F 76 30.33 15.90 34.11
N LEU F 77 31.45 15.16 34.04
CA LEU F 77 31.51 13.69 34.25
C LEU F 77 30.95 13.35 35.64
N GLU F 78 31.09 14.26 36.61
CA GLU F 78 30.61 14.05 38.00
C GLU F 78 29.10 13.77 37.99
N ASP F 79 28.38 14.24 36.97
CA ASP F 79 26.92 14.00 36.85
C ASP F 79 26.64 12.52 36.52
N LEU F 80 27.67 11.66 36.35
CA LEU F 80 27.50 10.21 36.06
C LEU F 80 27.75 9.38 37.33
N LYS F 81 27.98 10.03 38.48
CA LYS F 81 28.33 9.42 39.80
C LYS F 81 27.35 8.30 40.19
N ASP F 82 26.08 8.37 39.78
CA ASP F 82 25.06 7.37 40.20
C ASP F 82 24.49 6.61 38.99
N ALA F 83 25.11 6.72 37.80
CA ALA F 83 24.74 5.90 36.63
C ALA F 83 25.03 4.41 36.94
N ASP F 84 24.13 3.52 36.50
CA ASP F 84 24.27 2.05 36.63
C ASP F 84 25.16 1.52 35.50
N LEU F 85 25.11 2.18 34.34
CA LEU F 85 25.88 1.81 33.11
C LEU F 85 26.35 3.11 32.46
N ILE F 86 27.62 3.21 32.13
CA ILE F 86 28.17 4.36 31.39
C ILE F 86 28.80 3.84 30.10
N VAL F 87 28.31 4.33 28.96
CA VAL F 87 28.79 3.93 27.61
C VAL F 87 29.62 5.10 27.06
N GLU F 88 30.88 4.83 26.77
CA GLU F 88 31.82 5.81 26.17
C GLU F 88 31.71 5.72 24.65
N ALA F 89 31.55 6.86 24.00
CA ALA F 89 31.50 7.01 22.53
C ALA F 89 32.25 8.29 22.14
N ILE F 90 33.46 8.45 22.67
CA ILE F 90 34.33 9.62 22.34
C ILE F 90 35.25 9.23 21.18
N VAL F 91 36.10 10.18 20.78
CA VAL F 91 37.05 10.04 19.64
C VAL F 91 37.81 8.70 19.75
N GLU F 92 38.06 8.05 18.62
CA GLU F 92 38.79 6.77 18.53
C GLU F 92 40.29 7.03 18.78
N ASP F 93 40.67 7.26 20.03
CA ASP F 93 42.08 7.52 20.43
C ASP F 93 42.31 6.85 21.78
N GLU F 94 43.27 5.93 21.86
CA GLU F 94 43.48 5.09 23.06
C GLU F 94 43.83 5.97 24.26
N GLY F 95 44.67 6.99 24.05
CA GLY F 95 45.10 7.92 25.12
C GLY F 95 43.92 8.66 25.72
N GLU F 96 43.06 9.21 24.87
CA GLU F 96 41.84 9.96 25.28
C GLU F 96 40.91 9.02 26.07
N LYS F 97 40.67 7.81 25.54
CA LYS F 97 39.77 6.83 26.21
C LYS F 97 40.41 6.43 27.54
N ARG F 98 41.72 6.23 27.55
CA ARG F 98 42.44 5.83 28.79
C ARG F 98 42.17 6.90 29.87
N ARG F 99 42.44 8.17 29.57
CA ARG F 99 42.27 9.28 30.56
C ARG F 99 40.81 9.33 31.01
N LEU F 100 39.86 9.14 30.09
CA LEU F 100 38.41 9.15 30.44
C LEU F 100 38.11 8.00 31.40
N PHE F 101 38.57 6.79 31.10
CA PHE F 101 38.20 5.57 31.87
C PHE F 101 38.88 5.60 33.25
N GLU F 102 40.07 6.17 33.38
CA GLU F 102 40.72 6.33 34.72
C GLU F 102 39.83 7.25 35.55
N ARG F 103 39.34 8.36 34.97
CA ARG F 103 38.44 9.32 35.68
C ARG F 103 37.12 8.61 36.03
N LEU F 104 36.50 7.90 35.08
CA LEU F 104 35.19 7.24 35.29
C LEU F 104 35.32 6.15 36.37
N GLY F 105 36.42 5.39 36.37
CA GLY F 105 36.67 4.36 37.39
C GLY F 105 36.72 4.96 38.78
N ALA F 106 37.29 6.16 38.92
CA ALA F 106 37.43 6.87 40.20
C ALA F 106 36.07 7.39 40.68
N LEU F 107 35.22 7.94 39.79
CA LEU F 107 33.99 8.70 40.21
C LEU F 107 32.72 7.83 40.16
N ALA F 108 32.64 6.79 39.33
CA ALA F 108 31.40 6.00 39.18
C ALA F 108 31.21 5.17 40.45
N LYS F 109 29.96 4.96 40.85
CA LYS F 109 29.66 4.14 42.06
C LYS F 109 30.18 2.73 41.80
N PRO F 110 30.61 1.99 42.86
CA PRO F 110 31.24 0.69 42.70
C PRO F 110 30.52 -0.33 41.79
N GLU F 111 29.19 -0.36 41.77
CA GLU F 111 28.40 -1.38 41.03
C GLU F 111 28.22 -0.97 39.56
N ALA F 112 28.62 0.25 39.18
CA ALA F 112 28.46 0.77 37.81
C ALA F 112 29.31 -0.06 36.85
N ILE F 113 28.72 -0.43 35.71
CA ILE F 113 29.42 -1.06 34.56
C ILE F 113 29.86 0.05 33.60
N LEU F 114 31.09 -0.04 33.12
CA LEU F 114 31.67 0.87 32.10
C LEU F 114 31.80 0.10 30.78
N ALA F 115 31.44 0.74 29.68
CA ALA F 115 31.42 0.11 28.34
C ALA F 115 32.03 1.09 27.33
N SER F 116 32.68 0.55 26.31
CA SER F 116 33.23 1.32 25.16
C SER F 116 32.52 0.91 23.87
N ASN F 117 32.22 1.89 23.03
CA ASN F 117 31.71 1.74 21.65
C ASN F 117 32.89 1.66 20.66
N THR F 118 34.12 1.47 21.13
CA THR F 118 35.30 1.50 20.23
C THR F 118 35.13 0.56 19.04
N SER F 119 35.59 0.98 17.87
CA SER F 119 35.62 0.14 16.64
C SER F 119 36.76 -0.86 16.70
N SER F 120 37.88 -0.52 17.34
CA SER F 120 39.15 -1.23 17.06
C SER F 120 40.07 -1.37 18.29
N ILE F 121 39.93 -0.56 19.35
CA ILE F 121 40.88 -0.59 20.49
C ILE F 121 40.57 -1.79 21.38
N PRO F 122 41.57 -2.60 21.80
CA PRO F 122 41.30 -3.81 22.57
C PRO F 122 40.54 -3.52 23.87
N ILE F 123 39.45 -4.25 24.04
CA ILE F 123 38.56 -4.07 25.22
C ILE F 123 39.36 -4.37 26.49
N THR F 124 40.25 -5.36 26.43
CA THR F 124 41.04 -5.81 27.59
C THR F 124 41.93 -4.67 28.11
N ALA F 125 42.52 -3.89 27.22
CA ALA F 125 43.36 -2.72 27.57
C ALA F 125 42.50 -1.64 28.24
N LEU F 126 41.35 -1.29 27.63
CA LEU F 126 40.45 -0.24 28.18
C LEU F 126 39.96 -0.68 29.55
N ALA F 127 39.67 -1.98 29.72
CA ALA F 127 39.20 -2.59 30.99
C ALA F 127 40.24 -2.33 32.09
N ARG F 128 41.53 -2.53 31.78
CA ARG F 128 42.63 -2.29 32.75
C ARG F 128 42.64 -0.80 33.12
N TYR F 129 42.53 0.11 32.15
CA TYR F 129 42.53 1.58 32.41
C TYR F 129 41.37 1.97 33.33
N SER F 130 40.23 1.26 33.23
CA SER F 130 39.00 1.55 34.01
C SER F 130 39.22 1.24 35.50
N GLY F 131 40.15 0.35 35.84
CA GLY F 131 40.36 -0.09 37.22
C GLY F 131 39.31 -1.09 37.66
N ARG F 132 38.29 -1.40 36.85
CA ARG F 132 37.25 -2.40 37.24
C ARG F 132 36.99 -3.36 36.07
N PRO F 133 38.00 -4.16 35.66
CA PRO F 133 37.90 -4.95 34.43
C PRO F 133 36.73 -5.96 34.41
N GLU F 134 36.36 -6.52 35.57
CA GLU F 134 35.22 -7.48 35.67
C GLU F 134 33.91 -6.74 35.35
N ARG F 135 33.87 -5.41 35.51
CA ARG F 135 32.68 -4.57 35.27
C ARG F 135 32.93 -3.69 34.04
N PHE F 136 33.74 -4.18 33.11
CA PHE F 136 34.05 -3.49 31.82
C PHE F 136 33.66 -4.41 30.67
N ILE F 137 33.13 -3.83 29.60
CA ILE F 137 32.73 -4.62 28.41
C ILE F 137 32.70 -3.70 27.19
N GLY F 138 32.87 -4.29 26.01
CA GLY F 138 32.64 -3.60 24.74
C GLY F 138 31.17 -3.65 24.41
N MET F 139 30.58 -2.50 24.11
CA MET F 139 29.18 -2.43 23.62
C MET F 139 29.22 -1.66 22.32
N HIS F 140 29.39 -2.37 21.21
CA HIS F 140 29.71 -1.83 19.88
C HIS F 140 28.42 -1.71 19.05
N PHE F 141 27.92 -0.49 18.89
CA PHE F 141 26.69 -0.17 18.12
C PHE F 141 27.07 0.07 16.66
N PHE F 142 26.08 0.13 15.77
CA PHE F 142 26.25 0.28 14.31
C PHE F 142 25.50 1.56 13.87
N ASN F 143 26.12 2.26 12.92
CA ASN F 143 25.70 3.59 12.44
C ASN F 143 24.65 3.43 11.36
N PRO F 144 23.47 4.10 11.42
CA PRO F 144 23.05 4.93 12.54
C PRO F 144 22.33 4.14 13.64
N VAL F 145 22.60 4.47 14.89
CA VAL F 145 22.25 3.62 16.05
C VAL F 145 20.73 3.40 16.08
N PRO F 146 19.86 4.43 15.90
CA PRO F 146 18.42 4.21 16.01
C PRO F 146 17.86 3.22 14.97
N LEU F 147 18.55 3.04 13.84
CA LEU F 147 18.08 2.20 12.70
C LEU F 147 18.78 0.82 12.72
N MET F 148 19.96 0.66 13.32
CA MET F 148 20.72 -0.61 13.21
C MET F 148 20.44 -1.48 14.44
N GLN F 149 19.90 -2.68 14.20
CA GLN F 149 19.44 -3.59 15.29
C GLN F 149 20.62 -4.23 16.00
N LEU F 150 21.79 -4.30 15.37
CA LEU F 150 22.95 -5.04 15.94
C LEU F 150 23.62 -4.26 17.08
N VAL F 151 23.92 -4.96 18.16
CA VAL F 151 24.99 -4.59 19.11
C VAL F 151 25.98 -5.76 19.18
N GLU F 152 27.25 -5.48 18.87
CA GLU F 152 28.36 -6.44 19.04
C GLU F 152 28.87 -6.27 20.47
N VAL F 153 28.68 -7.27 21.31
CA VAL F 153 29.03 -7.21 22.75
C VAL F 153 30.36 -7.96 22.91
N ILE F 154 31.39 -7.26 23.35
CA ILE F 154 32.78 -7.76 23.31
C ILE F 154 33.26 -7.97 24.74
N ARG F 155 33.51 -9.23 25.11
CA ARG F 155 34.08 -9.61 26.42
C ARG F 155 35.58 -9.34 26.42
N GLY F 156 36.03 -8.50 27.34
CA GLY F 156 37.46 -8.40 27.73
C GLY F 156 37.88 -9.67 28.43
N GLU F 157 39.18 -9.91 28.57
CA GLU F 157 39.72 -11.11 29.26
C GLU F 157 38.98 -11.32 30.60
N LEU F 158 38.75 -10.24 31.35
CA LEU F 158 38.27 -10.33 32.75
C LEU F 158 36.77 -10.00 32.87
N THR F 159 36.07 -9.71 31.78
CA THR F 159 34.64 -9.32 31.85
C THR F 159 33.86 -10.44 32.55
N SER F 160 33.12 -10.14 33.62
CA SER F 160 32.33 -11.15 34.39
C SER F 160 31.10 -11.56 33.56
N GLU F 161 30.60 -12.78 33.83
CA GLU F 161 29.28 -13.29 33.38
C GLU F 161 28.18 -12.27 33.69
N ALA F 162 28.17 -11.76 34.93
CA ALA F 162 27.15 -10.81 35.43
C ALA F 162 27.17 -9.54 34.55
N THR F 163 28.36 -9.00 34.26
CA THR F 163 28.50 -7.78 33.43
C THR F 163 27.89 -8.04 32.05
N ARG F 164 28.21 -9.18 31.44
CA ARG F 164 27.69 -9.55 30.10
C ARG F 164 26.16 -9.64 30.17
N ASP F 165 25.61 -10.32 31.20
CA ASP F 165 24.15 -10.52 31.34
C ASP F 165 23.44 -9.15 31.40
N VAL F 166 23.98 -8.21 32.18
CA VAL F 166 23.36 -6.86 32.36
C VAL F 166 23.34 -6.15 31.00
N VAL F 167 24.45 -6.15 30.28
CA VAL F 167 24.59 -5.36 29.03
C VAL F 167 23.76 -6.01 27.92
N VAL F 168 23.70 -7.35 27.88
CA VAL F 168 22.85 -8.09 26.91
C VAL F 168 21.37 -7.71 27.14
N GLU F 169 20.95 -7.62 28.41
CA GLU F 169 19.55 -7.26 28.77
C GLU F 169 19.29 -5.79 28.38
N VAL F 170 20.24 -4.88 28.64
CA VAL F 170 20.06 -3.45 28.23
C VAL F 170 19.84 -3.40 26.72
N ALA F 171 20.65 -4.11 25.94
CA ALA F 171 20.58 -4.11 24.47
C ALA F 171 19.19 -4.61 24.03
N ARG F 172 18.69 -5.68 24.65
CA ARG F 172 17.35 -6.23 24.34
C ARG F 172 16.28 -5.18 24.67
N ARG F 173 16.37 -4.51 25.82
CA ARG F 173 15.38 -3.47 26.20
C ARG F 173 15.47 -2.30 25.20
N MET F 174 16.64 -2.06 24.59
CA MET F 174 16.81 -1.00 23.57
C MET F 174 16.23 -1.44 22.22
N GLY F 175 15.68 -2.66 22.13
CA GLY F 175 15.14 -3.21 20.86
C GLY F 175 16.23 -3.72 19.94
N LYS F 176 17.41 -4.03 20.48
CA LYS F 176 18.59 -4.46 19.67
C LYS F 176 18.76 -5.97 19.80
N THR F 177 19.53 -6.54 18.88
CA THR F 177 20.00 -7.94 18.95
C THR F 177 21.47 -7.92 19.36
N PRO F 178 21.77 -8.24 20.62
CA PRO F 178 23.16 -8.33 21.09
C PRO F 178 23.78 -9.67 20.66
N LEU F 179 24.92 -9.61 19.97
CA LEU F 179 25.66 -10.83 19.58
C LEU F 179 27.05 -10.72 20.16
N GLU F 180 27.43 -11.77 20.86
CA GLU F 180 28.60 -11.80 21.75
C GLU F 180 29.83 -12.28 20.97
N VAL F 181 30.96 -11.66 21.23
CA VAL F 181 32.24 -11.91 20.51
C VAL F 181 33.35 -11.78 21.53
N GLN F 182 34.46 -12.47 21.27
CA GLN F 182 35.67 -12.37 22.11
C GLN F 182 36.48 -11.16 21.68
N ASP F 183 37.24 -10.61 22.62
CA ASP F 183 38.16 -9.47 22.40
C ASP F 183 39.42 -9.94 21.66
N TYR F 184 39.37 -9.91 20.34
CA TYR F 184 40.52 -10.14 19.42
C TYR F 184 40.43 -9.08 18.34
N PRO F 185 41.54 -8.77 17.66
CA PRO F 185 41.56 -7.68 16.69
C PRO F 185 40.45 -7.79 15.65
N GLY F 186 39.73 -6.68 15.45
CA GLY F 186 38.62 -6.57 14.49
C GLY F 186 37.33 -7.21 14.99
N PHE F 187 37.33 -7.81 16.18
CA PHE F 187 36.17 -8.51 16.74
C PHE F 187 35.65 -9.49 15.68
N ILE F 188 34.37 -9.43 15.30
CA ILE F 188 33.90 -10.11 14.06
C ILE F 188 33.66 -9.07 12.96
N SER F 189 32.91 -8.01 13.26
CA SER F 189 32.40 -7.06 12.23
C SER F 189 33.55 -6.57 11.34
N ASN F 190 34.58 -5.96 11.94
CA ASN F 190 35.67 -5.30 11.18
C ASN F 190 36.66 -6.34 10.65
N ARG F 191 36.87 -7.42 11.37
CA ARG F 191 37.77 -8.52 10.93
C ARG F 191 37.26 -9.11 9.60
N LEU F 192 35.94 -9.16 9.40
CA LEU F 192 35.34 -9.78 8.19
C LEU F 192 35.23 -8.71 7.10
N LEU F 193 34.74 -7.53 7.45
CA LEU F 193 34.44 -6.47 6.46
C LEU F 193 35.74 -5.86 5.89
N MET F 194 36.66 -5.44 6.74
CA MET F 194 37.69 -4.46 6.29
C MET F 194 38.69 -5.15 5.36
N PRO F 195 39.14 -6.40 5.58
CA PRO F 195 40.03 -7.07 4.62
C PRO F 195 39.45 -7.22 3.21
N MET F 196 38.13 -7.37 3.08
CA MET F 196 37.47 -7.42 1.75
C MET F 196 37.53 -6.02 1.09
N ILE F 197 37.27 -4.94 1.84
CA ILE F 197 37.42 -3.56 1.32
C ILE F 197 38.87 -3.36 0.89
N ASN F 198 39.80 -3.74 1.74
CA ASN F 198 41.26 -3.65 1.45
C ASN F 198 41.60 -4.41 0.16
N GLU F 199 41.03 -5.60 -0.04
CA GLU F 199 41.27 -6.42 -1.24
C GLU F 199 40.71 -5.72 -2.48
N ALA F 200 39.56 -5.07 -2.37
CA ALA F 200 38.99 -4.30 -3.50
C ALA F 200 39.99 -3.19 -3.89
N ILE F 201 40.57 -2.53 -2.89
CA ILE F 201 41.52 -1.41 -3.13
C ILE F 201 42.78 -2.00 -3.81
N GLU F 202 43.24 -3.18 -3.40
CA GLU F 202 44.43 -3.84 -4.02
C GLU F 202 44.09 -4.23 -5.47
N ALA F 203 42.92 -4.80 -5.72
CA ALA F 203 42.48 -5.13 -7.09
C ALA F 203 42.48 -3.86 -7.94
N LEU F 204 41.99 -2.76 -7.39
CA LEU F 204 41.97 -1.46 -8.10
C LEU F 204 43.42 -1.03 -8.41
N ARG F 205 44.31 -1.10 -7.41
CA ARG F 205 45.72 -0.68 -7.62
C ARG F 205 46.37 -1.53 -8.70
N GLU F 206 46.07 -2.84 -8.73
CA GLU F 206 46.68 -3.80 -9.68
C GLU F 206 46.06 -3.66 -11.07
N GLY F 207 45.06 -2.79 -11.26
CA GLY F 207 44.41 -2.62 -12.56
C GLY F 207 43.51 -3.81 -12.96
N VAL F 208 43.00 -4.59 -12.01
CA VAL F 208 42.18 -5.78 -12.34
C VAL F 208 40.84 -5.31 -12.91
N ALA F 209 40.30 -4.19 -12.41
CA ALA F 209 39.04 -3.60 -12.91
C ALA F 209 38.99 -2.14 -12.45
N THR F 210 38.07 -1.36 -13.02
CA THR F 210 37.76 0.02 -12.57
C THR F 210 36.99 -0.03 -11.26
N LYS F 211 36.93 1.10 -10.57
CA LYS F 211 36.15 1.24 -9.32
C LYS F 211 34.67 0.93 -9.60
N GLU F 212 34.14 1.36 -10.74
CA GLU F 212 32.70 1.14 -11.10
C GLU F 212 32.46 -0.36 -11.28
N ALA F 213 33.38 -1.06 -11.95
CA ALA F 213 33.23 -2.49 -12.23
C ALA F 213 33.30 -3.25 -10.90
N ILE F 214 34.23 -2.87 -10.04
CA ILE F 214 34.40 -3.53 -8.72
C ILE F 214 33.14 -3.34 -7.90
N ASP F 215 32.66 -2.10 -7.76
CA ASP F 215 31.48 -1.84 -6.90
C ASP F 215 30.23 -2.49 -7.52
N GLY F 216 30.08 -2.42 -8.84
CA GLY F 216 28.95 -3.03 -9.57
C GLY F 216 28.91 -4.54 -9.39
N ILE F 217 30.06 -5.18 -9.47
CA ILE F 217 30.15 -6.66 -9.33
C ILE F 217 29.67 -7.03 -7.92
N MET F 218 30.08 -6.31 -6.88
CA MET F 218 29.72 -6.70 -5.50
C MET F 218 28.24 -6.34 -5.24
N ARG F 219 27.73 -5.23 -5.79
CA ARG F 219 26.30 -4.87 -5.62
C ARG F 219 25.41 -5.89 -6.36
N LEU F 220 25.65 -6.10 -7.64
CA LEU F 220 24.76 -6.90 -8.52
C LEU F 220 25.00 -8.39 -8.29
N GLY F 221 26.25 -8.82 -8.10
CA GLY F 221 26.59 -10.24 -8.00
C GLY F 221 26.33 -10.78 -6.61
N MET F 222 26.69 -10.01 -5.59
CA MET F 222 26.70 -10.49 -4.20
C MET F 222 25.57 -9.84 -3.41
N ASN F 223 24.79 -8.96 -4.03
CA ASN F 223 23.67 -8.23 -3.35
C ASN F 223 24.17 -7.48 -2.11
N HIS F 224 25.40 -6.93 -2.13
CA HIS F 224 25.84 -5.94 -1.12
C HIS F 224 25.14 -4.63 -1.45
N PRO F 225 24.55 -3.91 -0.47
CA PRO F 225 23.86 -2.66 -0.76
C PRO F 225 24.82 -1.60 -1.31
N MET F 226 26.05 -1.58 -0.82
CA MET F 226 27.13 -0.70 -1.34
C MET F 226 28.33 -1.57 -1.73
N GLY F 227 28.97 -1.26 -2.84
CA GLY F 227 30.26 -1.85 -3.22
C GLY F 227 31.34 -1.42 -2.23
N PRO F 228 32.46 -2.18 -2.15
CA PRO F 228 33.49 -1.92 -1.14
C PRO F 228 34.20 -0.56 -1.27
N LEU F 229 34.34 -0.02 -2.47
CA LEU F 229 35.09 1.26 -2.65
C LEU F 229 34.21 2.44 -2.23
N GLU F 230 32.95 2.46 -2.65
CA GLU F 230 32.01 3.50 -2.17
C GLU F 230 31.81 3.33 -0.67
N LEU F 231 31.79 2.10 -0.17
CA LEU F 231 31.67 1.88 1.30
C LEU F 231 32.89 2.43 2.03
N ALA F 232 34.11 2.20 1.51
CA ALA F 232 35.34 2.76 2.10
C ALA F 232 35.20 4.30 2.21
N ASP F 233 34.75 4.94 1.13
CA ASP F 233 34.52 6.42 1.08
C ASP F 233 33.54 6.83 2.18
N PHE F 234 32.53 6.01 2.43
CA PHE F 234 31.45 6.30 3.41
C PHE F 234 32.02 6.18 4.82
N ILE F 235 32.79 5.13 5.08
CA ILE F 235 33.41 4.88 6.42
C ILE F 235 34.46 5.95 6.70
N GLY F 236 35.17 6.42 5.66
CA GLY F 236 36.40 7.22 5.77
C GLY F 236 37.64 6.35 5.54
N LEU F 237 38.51 6.73 4.60
CA LEU F 237 39.71 5.93 4.24
C LEU F 237 40.70 5.95 5.40
N ASP F 238 40.73 7.03 6.19
CA ASP F 238 41.55 7.10 7.42
C ASP F 238 41.10 6.02 8.40
N THR F 239 39.79 5.84 8.59
CA THR F 239 39.25 4.78 9.48
C THR F 239 39.59 3.40 8.91
N CYS F 240 39.40 3.19 7.61
CA CYS F 240 39.71 1.90 6.94
C CYS F 240 41.19 1.56 7.18
N LEU F 241 42.10 2.52 6.96
CA LEU F 241 43.54 2.29 7.16
C LEU F 241 43.81 1.95 8.64
N ALA F 242 43.23 2.70 9.57
CA ALA F 242 43.46 2.47 11.02
C ALA F 242 43.01 1.06 11.39
N ILE F 243 41.89 0.59 10.85
CA ILE F 243 41.39 -0.78 11.20
C ILE F 243 42.32 -1.82 10.59
N MET F 244 42.77 -1.64 9.34
CA MET F 244 43.71 -2.60 8.73
C MET F 244 45.00 -2.62 9.55
N GLU F 245 45.49 -1.47 10.04
CA GLU F 245 46.72 -1.43 10.87
C GLU F 245 46.50 -2.21 12.17
N VAL F 246 45.32 -2.09 12.80
CA VAL F 246 45.00 -2.85 14.05
C VAL F 246 45.03 -4.35 13.74
N LEU F 247 44.48 -4.79 12.62
CA LEU F 247 44.51 -6.23 12.23
C LEU F 247 45.97 -6.63 12.01
N HIS F 248 46.71 -5.84 11.27
CA HIS F 248 48.12 -6.16 10.89
C HIS F 248 48.98 -6.25 12.17
N ARG F 249 48.87 -5.28 13.06
CA ARG F 249 49.71 -5.19 14.31
C ARG F 249 49.20 -6.21 15.34
N GLY F 250 47.89 -6.38 15.46
CA GLY F 250 47.28 -7.25 16.49
C GLY F 250 47.46 -8.72 16.16
N PHE F 251 47.22 -9.15 14.93
CA PHE F 251 47.49 -10.54 14.51
C PHE F 251 49.00 -10.71 14.26
N GLY F 252 49.70 -9.62 13.97
CA GLY F 252 51.14 -9.65 13.60
C GLY F 252 51.40 -10.36 12.30
N ASP F 253 50.38 -10.42 11.43
CA ASP F 253 50.38 -11.27 10.22
C ASP F 253 50.19 -10.38 8.99
N ASP F 254 51.17 -10.41 8.08
CA ASP F 254 51.21 -9.79 6.72
C ASP F 254 49.92 -9.99 5.94
N LYS F 255 49.24 -11.10 6.20
CA LYS F 255 47.89 -11.38 5.62
C LYS F 255 47.06 -10.08 5.65
N TYR F 256 47.17 -9.30 6.73
CA TYR F 256 46.28 -8.14 6.99
C TYR F 256 46.97 -6.82 6.63
N ARG F 257 48.02 -6.85 5.81
CA ARG F 257 48.74 -5.61 5.42
C ARG F 257 47.79 -4.69 4.66
N PRO F 258 47.75 -3.40 5.01
CA PRO F 258 47.00 -2.41 4.26
C PRO F 258 47.47 -2.30 2.80
N SER F 259 46.55 -2.11 1.87
CA SER F 259 46.89 -1.78 0.48
C SER F 259 47.76 -0.54 0.45
N PRO F 260 48.90 -0.57 -0.27
CA PRO F 260 49.67 0.66 -0.50
C PRO F 260 48.85 1.80 -1.11
N LEU F 261 47.83 1.50 -1.92
CA LEU F 261 46.96 2.56 -2.47
C LEU F 261 46.12 3.18 -1.35
N LEU F 262 45.63 2.40 -0.41
CA LEU F 262 44.90 2.95 0.76
C LEU F 262 45.85 3.89 1.53
N ARG F 263 47.10 3.49 1.78
CA ARG F 263 48.06 4.36 2.50
C ARG F 263 48.24 5.67 1.70
N ARG F 264 48.41 5.58 0.38
CA ARG F 264 48.70 6.73 -0.49
C ARG F 264 47.50 7.71 -0.47
N MET F 265 46.29 7.18 -0.54
CA MET F 265 45.05 8.02 -0.56
C MET F 265 45.00 8.81 0.74
N VAL F 266 45.30 8.15 1.87
CA VAL F 266 45.25 8.79 3.20
C VAL F 266 46.37 9.85 3.29
N GLN F 267 47.57 9.57 2.78
CA GLN F 267 48.69 10.55 2.75
C GLN F 267 48.28 11.80 1.96
N ALA F 268 47.47 11.63 0.92
CA ALA F 268 46.99 12.72 0.03
C ALA F 268 45.81 13.47 0.66
N GLY F 269 45.22 12.96 1.75
CA GLY F 269 44.01 13.52 2.39
C GLY F 269 42.74 13.23 1.60
N LEU F 270 42.77 12.26 0.70
CA LEU F 270 41.57 11.82 -0.05
C LEU F 270 40.77 10.85 0.81
N LEU F 271 40.08 11.34 1.84
CA LEU F 271 39.58 10.49 2.95
C LEU F 271 38.17 9.97 2.68
N GLY F 272 37.56 10.31 1.55
CA GLY F 272 36.21 9.86 1.20
C GLY F 272 35.17 10.99 1.32
N ARG F 273 33.94 10.64 1.68
CA ARG F 273 32.78 11.57 1.70
C ARG F 273 33.13 12.79 2.55
N LYS F 274 33.70 12.58 3.74
CA LYS F 274 34.00 13.67 4.69
C LYS F 274 35.04 14.67 4.14
N ALA F 275 35.82 14.32 3.13
CA ALA F 275 36.81 15.26 2.54
C ALA F 275 36.32 15.73 1.18
N GLY F 276 35.15 15.27 0.75
CA GLY F 276 34.62 15.56 -0.59
C GLY F 276 35.24 14.70 -1.68
N ARG F 277 36.21 13.83 -1.35
CA ARG F 277 36.83 12.93 -2.38
C ARG F 277 37.56 11.76 -1.73
N GLY F 278 37.31 10.57 -2.23
CA GLY F 278 38.10 9.35 -1.95
C GLY F 278 38.31 8.64 -3.24
N PHE F 279 37.74 7.45 -3.40
CA PHE F 279 37.70 6.74 -4.70
C PHE F 279 36.78 7.50 -5.65
N TYR F 280 35.69 8.04 -5.12
CA TYR F 280 34.71 8.87 -5.89
C TYR F 280 34.81 10.32 -5.41
N THR F 281 34.20 11.24 -6.15
CA THR F 281 34.08 12.68 -5.80
C THR F 281 32.66 12.95 -5.34
N TYR F 282 32.51 13.72 -4.25
CA TYR F 282 31.21 14.04 -3.60
C TYR F 282 30.96 15.56 -3.63
N ASP F 283 29.70 15.95 -3.79
CA ASP F 283 29.23 17.36 -3.66
C ASP F 283 29.03 17.65 -2.17
N GLU F 284 28.55 18.86 -1.83
CA GLU F 284 28.34 19.35 -0.45
C GLU F 284 27.35 18.45 0.32
N LYS F 285 26.42 17.79 -0.37
CA LYS F 285 25.36 16.94 0.25
C LYS F 285 25.87 15.50 0.43
N GLY F 286 27.05 15.17 -0.10
CA GLY F 286 27.64 13.82 -0.01
C GLY F 286 27.14 12.86 -1.07
N ASN F 287 26.63 13.37 -2.21
CA ASN F 287 26.26 12.55 -3.40
C ASN F 287 27.43 12.58 -4.38
N LYS F 288 27.60 11.51 -5.17
CA LYS F 288 28.67 11.40 -6.20
C LYS F 288 28.46 12.49 -7.25
N VAL F 289 29.53 12.98 -7.86
CA VAL F 289 29.48 14.02 -8.93
C VAL F 289 30.49 13.61 -10.00
N GLY F 290 30.12 13.69 -11.27
CA GLY F 290 30.99 13.41 -12.43
C GLY F 290 30.95 11.95 -12.81
PA NAD G . -17.46 3.83 -21.20
O1A NAD G . -17.01 3.87 -22.62
O2A NAD G . -16.48 3.46 -20.13
O5B NAD G . -18.72 2.86 -21.14
C5B NAD G . -19.75 2.82 -22.15
C4B NAD G . -20.24 1.40 -22.29
O4B NAD G . -21.42 1.44 -23.11
C3B NAD G . -19.29 0.37 -22.96
O3B NAD G . -19.21 -0.81 -22.17
C2B NAD G . -19.94 0.08 -24.33
O2B NAD G . -19.77 -1.26 -24.72
C1B NAD G . -21.40 0.33 -23.99
N9A NAD G . -22.30 0.67 -25.09
C8A NAD G . -22.09 1.58 -26.10
N7A NAD G . -23.12 1.69 -26.91
C5A NAD G . -24.07 0.84 -26.37
C6A NAD G . -25.37 0.53 -26.76
N6A NAD G . -25.95 1.08 -27.82
N1A NAD G . -26.07 -0.33 -25.99
C2A NAD G . -25.46 -0.89 -24.94
N3A NAD G . -24.23 -0.66 -24.47
C4A NAD G . -23.58 0.21 -25.24
O3 NAD G . -18.10 5.28 -20.86
PN NAD G . -18.35 5.98 -19.44
O1N NAD G . -17.20 6.79 -19.07
O2N NAD G . -18.87 4.89 -18.55
O5D NAD G . -19.52 7.01 -19.80
C5D NAD G . -20.85 6.56 -19.90
C4D NAD G . -21.78 7.75 -19.85
O4D NAD G . -21.60 8.44 -18.58
C3D NAD G . -21.55 8.83 -20.93
O3D NAD G . -22.80 9.43 -21.29
C2D NAD G . -20.65 9.84 -20.22
O2D NAD G . -20.79 11.17 -20.71
C1D NAD G . -21.26 9.81 -18.81
N1N NAD G . -20.34 10.28 -17.74
C2N NAD G . -19.01 9.89 -17.69
C3N NAD G . -18.20 10.32 -16.65
C7N NAD G . -16.76 9.89 -16.55
O7N NAD G . -16.01 10.55 -15.84
N7N NAD G . -16.37 8.78 -17.17
C4N NAD G . -18.73 11.17 -15.65
C5N NAD G . -20.10 11.40 -15.63
C6N NAD G . -20.85 11.05 -16.73
PA NAD H . -14.02 -22.46 -16.76
O1A NAD H . -13.79 -21.51 -17.87
O2A NAD H . -15.17 -22.24 -15.84
O5B NAD H . -12.73 -22.53 -15.85
C5B NAD H . -11.38 -22.58 -16.32
C4B NAD H . -10.54 -21.89 -15.30
O4B NAD H . -9.13 -22.13 -15.57
C3B NAD H . -10.69 -20.37 -15.22
O3B NAD H . -10.94 -19.99 -13.88
C2B NAD H . -9.36 -19.82 -15.78
O2B NAD H . -8.99 -18.56 -15.24
C1B NAD H . -8.43 -20.93 -15.32
N9A NAD H . -7.17 -21.02 -16.01
C8A NAD H . -6.89 -20.87 -17.35
N7A NAD H . -5.65 -21.14 -17.66
C5A NAD H . -5.04 -21.44 -16.46
C6A NAD H . -3.72 -21.79 -16.10
N6A NAD H . -2.72 -21.92 -16.95
N1A NAD H . -3.49 -22.07 -14.79
C2A NAD H . -4.49 -21.96 -13.93
N3A NAD H . -5.76 -21.63 -14.14
C4A NAD H . -5.98 -21.40 -15.44
O3 NAD H . -14.05 -23.93 -17.41
PN NAD H . -14.74 -25.27 -16.82
O1N NAD H . -16.15 -25.32 -17.28
O2N NAD H . -14.43 -25.34 -15.36
O5D NAD H . -13.94 -26.37 -17.62
C5D NAD H . -12.62 -26.72 -17.31
C4D NAD H . -12.28 -28.04 -17.96
O4D NAD H . -13.21 -29.09 -17.54
C3D NAD H . -12.25 -28.07 -19.49
O3D NAD H . -11.20 -28.91 -19.94
C2D NAD H . -13.63 -28.67 -19.82
O2D NAD H . -13.71 -29.30 -21.09
C1D NAD H . -13.79 -29.72 -18.71
N1N NAD H . -15.21 -30.09 -18.42
C2N NAD H . -16.20 -29.11 -18.34
C3N NAD H . -17.51 -29.44 -18.01
C7N NAD H . -18.55 -28.38 -17.82
O7N NAD H . -19.72 -28.74 -17.78
N7N NAD H . -18.17 -27.11 -17.62
C4N NAD H . -17.83 -30.81 -17.78
C5N NAD H . -16.79 -31.72 -17.66
C6N NAD H . -15.54 -31.41 -18.13
PA NAD I . 26.47 -28.63 -12.69
O1A NAD I . 27.08 -29.85 -12.14
O2A NAD I . 25.13 -28.14 -12.27
O5B NAD I . 26.43 -28.80 -14.27
C5B NAD I . 27.54 -29.35 -15.00
C4B NAD I . 26.96 -29.97 -16.24
O4B NAD I . 28.00 -30.24 -17.21
C3B NAD I . 26.23 -31.31 -16.02
O3B NAD I . 25.02 -31.31 -16.75
C2B NAD I . 27.22 -32.34 -16.58
O2B NAD I . 26.55 -33.49 -17.01
C1B NAD I . 27.82 -31.53 -17.73
N9A NAD I . 29.11 -32.01 -18.24
C8A NAD I . 30.17 -32.51 -17.53
N7A NAD I . 31.19 -32.83 -18.29
C5A NAD I . 30.78 -32.52 -19.58
C6A NAD I . 31.41 -32.64 -20.83
N6A NAD I . 32.64 -33.10 -20.97
N1A NAD I . 30.72 -32.26 -21.93
C2A NAD I . 29.47 -31.78 -21.76
N3A NAD I . 28.78 -31.63 -20.62
C4A NAD I . 29.49 -32.03 -19.55
O3 NAD I . 27.54 -27.40 -12.55
PN NAD I . 27.26 -25.82 -12.51
O1N NAD I . 26.92 -25.42 -11.11
O2N NAD I . 26.24 -25.48 -13.55
O5D NAD I . 28.71 -25.25 -12.90
C5D NAD I . 29.16 -25.14 -14.27
C4D NAD I . 30.32 -24.19 -14.34
O4D NAD I . 29.86 -22.89 -13.90
C3D NAD I . 31.55 -24.52 -13.47
O3D NAD I . 32.75 -24.15 -14.12
C2D NAD I . 31.31 -23.67 -12.21
O2D NAD I . 32.54 -23.44 -11.53
C1D NAD I . 30.72 -22.43 -12.86
N1N NAD I . 29.90 -21.60 -11.96
C2N NAD I . 29.08 -22.15 -10.98
C3N NAD I . 28.24 -21.33 -10.27
C7N NAD I . 27.21 -21.90 -9.32
O7N NAD I . 26.73 -21.15 -8.48
N7N NAD I . 26.79 -23.14 -9.50
C4N NAD I . 28.31 -19.94 -10.44
C5N NAD I . 29.12 -19.40 -11.41
C6N NAD I . 29.92 -20.23 -12.17
PA NAD J . -23.33 -6.32 21.55
O1A NAD J . -24.75 -6.76 21.50
O2A NAD J . -22.78 -5.22 20.69
O5B NAD J . -22.33 -7.58 21.42
C5B NAD J . -22.61 -8.77 22.15
C4B NAD J . -22.20 -9.95 21.31
O4B NAD J . -22.29 -11.16 22.10
C3B NAD J . -23.06 -10.21 20.05
O3B NAD J . -22.18 -10.28 18.94
C2B NAD J . -23.78 -11.54 20.35
O2B NAD J . -24.03 -12.35 19.22
C1B NAD J . -22.75 -12.19 21.25
N9A NAD J . -23.23 -13.29 22.08
C8A NAD J . -24.45 -13.41 22.73
N7A NAD J . -24.55 -14.53 23.41
C5A NAD J . -23.32 -15.16 23.24
C6A NAD J . -22.79 -16.36 23.73
N6A NAD J . -23.45 -17.17 24.54
N1A NAD J . -21.52 -16.69 23.37
C2A NAD J . -20.85 -15.86 22.56
N3A NAD J . -21.24 -14.71 22.04
C4A NAD J . -22.50 -14.40 22.42
O3 NAD J . -23.14 -5.82 23.08
PN NAD J . -22.00 -4.88 23.68
O1N NAD J . -22.35 -3.43 23.61
O2N NAD J . -20.68 -5.29 23.10
O5D NAD J . -22.08 -5.36 25.22
C5D NAD J . -21.18 -6.44 25.65
C4D NAD J . -21.02 -6.42 27.16
O4D NAD J . -20.19 -5.33 27.53
C3D NAD J . -22.31 -6.27 27.99
O3D NAD J . -22.17 -7.01 29.19
C2D NAD J . -22.38 -4.76 28.26
O2D NAD J . -23.14 -4.48 29.43
C1D NAD J . -20.88 -4.50 28.45
N1N NAD J . -20.47 -3.08 28.19
C2N NAD J . -21.04 -2.34 27.15
C3N NAD J . -20.65 -1.00 26.97
C7N NAD J . -21.15 -0.27 25.74
O7N NAD J . -20.93 0.94 25.64
N7N NAD J . -21.77 -0.96 24.80
C4N NAD J . -19.84 -0.41 27.94
C5N NAD J . -19.10 -1.22 28.78
C6N NAD J . -19.54 -2.48 29.02
PA NAD K . -8.49 46.55 6.10
O1A NAD K . -9.51 47.59 5.90
O2A NAD K . -8.67 45.40 7.03
O5B NAD K . -7.09 47.23 6.38
C5B NAD K . -6.71 48.42 5.70
C4B NAD K . -5.91 49.25 6.66
O4B NAD K . -5.31 50.33 5.92
C3B NAD K . -6.72 49.93 7.79
O3B NAD K . -6.06 49.71 9.03
C2B NAD K . -6.75 51.40 7.37
O2B NAD K . -6.76 52.31 8.44
C1B NAD K . -5.41 51.49 6.67
N9A NAD K . -5.24 52.63 5.79
C8A NAD K . -6.18 53.20 4.97
N7A NAD K . -5.72 54.23 4.31
C5A NAD K . -4.40 54.34 4.73
C6A NAD K . -3.38 55.26 4.39
N6A NAD K . -3.57 56.23 3.52
N1A NAD K . -2.16 55.11 4.98
C2A NAD K . -2.02 54.10 5.85
N3A NAD K . -2.90 53.18 6.25
C4A NAD K . -4.09 53.37 5.65
O3 NAD K . -8.26 45.88 4.65
PN NAD K . -7.58 44.52 4.22
O1N NAD K . -8.54 43.39 4.11
O2N NAD K . -6.35 44.37 5.07
O5D NAD K . -7.13 44.88 2.69
C5D NAD K . -5.87 45.51 2.47
C4D NAD K . -5.42 45.34 1.03
O4D NAD K . -5.11 43.96 0.78
C3D NAD K . -6.43 45.75 -0.06
O3D NAD K . -5.72 46.30 -1.18
C2D NAD K . -7.13 44.43 -0.38
O2D NAD K . -7.67 44.35 -1.69
C1D NAD K . -5.93 43.48 -0.29
N1N NAD K . -6.30 42.07 -0.02
C2N NAD K . -7.28 41.72 0.95
C3N NAD K . -7.65 40.39 1.09
C7N NAD K . -8.67 39.95 2.11
O7N NAD K . -9.05 38.79 2.11
N7N NAD K . -9.10 40.86 2.97
C4N NAD K . -7.07 39.44 0.24
C5N NAD K . -5.86 39.75 -0.40
C6N NAD K . -5.60 41.07 -0.65
PA NAD L . 32.15 11.95 16.68
O1A NAD L . 33.49 12.60 16.53
O2A NAD L . 31.02 12.37 15.75
O5B NAD L . 31.66 12.06 18.21
C5B NAD L . 32.58 11.88 19.31
C4B NAD L . 32.19 12.85 20.38
O4B NAD L . 33.06 12.69 21.53
C3B NAD L . 32.28 14.34 20.00
O3B NAD L . 31.03 14.95 20.28
C2B NAD L . 33.45 14.88 20.84
O2B NAD L . 33.41 16.27 21.17
C1B NAD L . 33.31 13.98 22.06
N9A NAD L . 34.47 13.91 22.93
C8A NAD L . 35.79 13.82 22.58
N7A NAD L . 36.61 13.71 23.61
C5A NAD L . 35.75 13.72 24.72
C6A NAD L . 35.99 13.64 26.11
N6A NAD L . 37.19 13.50 26.65
N1A NAD L . 34.91 13.66 26.93
C2A NAD L . 33.69 13.77 26.38
N3A NAD L . 33.35 13.87 25.10
C4A NAD L . 34.43 13.83 24.30
O3 NAD L . 32.43 10.38 16.50
PN NAD L . 31.60 9.00 16.26
O1N NAD L . 31.54 8.71 14.78
O2N NAD L . 30.33 9.09 17.07
O5D NAD L . 32.61 7.97 16.95
C5D NAD L . 32.62 7.88 18.40
C4D NAD L . 32.62 6.42 18.80
O4D NAD L . 32.70 5.58 17.60
C3D NAD L . 33.80 6.04 19.69
O3D NAD L . 33.46 5.12 20.73
C2D NAD L . 34.79 5.52 18.64
O2D NAD L . 35.66 4.66 19.34
C1D NAD L . 33.91 4.82 17.59
N1N NAD L . 34.50 4.76 16.20
C2N NAD L . 33.73 4.52 15.05
C3N NAD L . 34.37 3.95 13.92
C7N NAD L . 33.66 3.15 12.86
O7N NAD L . 32.99 3.71 12.00
N7N NAD L . 33.84 1.83 12.84
C4N NAD L . 35.76 4.15 13.77
C5N NAD L . 36.49 4.62 14.83
C6N NAD L . 35.86 4.80 16.05
#